data_1X3A
#
_entry.id   1X3A
#
_entity_poly.entity_id   1
_entity_poly.type   'polypeptide(L)'
_entity_poly.pdbx_seq_one_letter_code
;GSSGSSGTNDEETIQQQILALSADKRNFLRDPPAGVQFNFDFDQMYPVALVMLQEDELLSKMRFALVPKLVKEEVFWRNY
FYRVSLIKQSAQLTSGPSSG
;
_entity_poly.pdbx_strand_id   A
#
# COMPACT_ATOMS: atom_id res chain seq x y z
N GLY A 1 27.88 -10.14 19.33
CA GLY A 1 27.43 -9.83 17.99
C GLY A 1 26.61 -8.55 17.94
N SER A 2 27.21 -7.50 17.38
CA SER A 2 26.53 -6.22 17.27
C SER A 2 26.05 -5.97 15.85
N SER A 3 25.19 -4.97 15.68
CA SER A 3 24.66 -4.64 14.36
C SER A 3 24.25 -3.16 14.30
N GLY A 4 25.00 -2.38 13.54
CA GLY A 4 24.70 -0.96 13.41
C GLY A 4 24.56 -0.54 11.96
N SER A 5 25.51 -0.94 11.13
CA SER A 5 25.49 -0.59 9.71
C SER A 5 24.54 -1.50 8.94
N SER A 6 23.88 -0.93 7.94
CA SER A 6 22.93 -1.68 7.12
C SER A 6 23.36 -1.68 5.65
N GLY A 7 23.44 -0.49 5.07
CA GLY A 7 23.83 -0.37 3.68
C GLY A 7 22.64 -0.35 2.74
N THR A 8 22.02 -1.52 2.55
CA THR A 8 20.86 -1.63 1.67
C THR A 8 19.88 -0.49 1.91
N ASN A 9 19.28 -0.01 0.83
CA ASN A 9 18.31 1.07 0.91
C ASN A 9 17.26 0.79 1.98
N ASP A 10 16.46 1.81 2.30
CA ASP A 10 15.42 1.66 3.31
C ASP A 10 14.23 0.89 2.76
N GLU A 11 14.44 -0.38 2.45
CA GLU A 11 13.39 -1.23 1.91
C GLU A 11 12.83 -2.15 2.99
N GLU A 12 13.63 -2.42 4.00
CA GLU A 12 13.21 -3.29 5.11
C GLU A 12 12.05 -2.66 5.88
N THR A 13 11.98 -1.34 5.86
CA THR A 13 10.91 -0.62 6.55
C THR A 13 9.69 -0.44 5.66
N ILE A 14 9.93 -0.21 4.37
CA ILE A 14 8.85 -0.03 3.40
C ILE A 14 7.72 -1.01 3.66
N GLN A 15 8.06 -2.23 4.02
CA GLN A 15 7.07 -3.26 4.30
C GLN A 15 6.36 -2.99 5.63
N GLN A 16 7.13 -2.57 6.62
CA GLN A 16 6.59 -2.28 7.94
C GLN A 16 5.48 -1.22 7.85
N GLN A 17 5.68 -0.26 6.96
CA GLN A 17 4.69 0.81 6.79
C GLN A 17 3.43 0.28 6.12
N ILE A 18 3.60 -0.47 5.04
CA ILE A 18 2.47 -1.04 4.31
C ILE A 18 1.63 -1.92 5.22
N LEU A 19 2.19 -2.31 6.35
CA LEU A 19 1.49 -3.16 7.31
C LEU A 19 0.57 -2.33 8.19
N ALA A 20 1.05 -1.16 8.61
CA ALA A 20 0.27 -0.27 9.46
C ALA A 20 -1.07 0.04 8.83
N LEU A 21 -1.12 0.06 7.50
CA LEU A 21 -2.36 0.35 6.78
C LEU A 21 -3.41 -0.70 7.07
N SER A 22 -3.01 -1.96 7.08
CA SER A 22 -3.92 -3.06 7.34
C SER A 22 -4.62 -2.87 8.70
N ALA A 23 -3.88 -2.34 9.66
CA ALA A 23 -4.41 -2.10 10.99
C ALA A 23 -5.28 -0.84 11.03
N ASP A 24 -5.57 -0.30 9.85
CA ASP A 24 -6.38 0.91 9.74
C ASP A 24 -7.54 0.70 8.78
N LYS A 25 -8.68 1.33 9.08
CA LYS A 25 -9.86 1.21 8.23
C LYS A 25 -10.14 2.53 7.50
N ARG A 26 -9.74 3.64 8.13
CA ARG A 26 -9.94 4.96 7.53
C ARG A 26 -9.26 5.05 6.18
N ASN A 27 -8.19 4.28 6.00
CA ASN A 27 -7.45 4.30 4.75
C ASN A 27 -8.26 3.66 3.63
N PHE A 28 -8.91 2.54 3.94
CA PHE A 28 -9.72 1.83 2.96
C PHE A 28 -10.84 2.72 2.43
N LEU A 29 -11.36 3.58 3.30
CA LEU A 29 -12.44 4.49 2.92
C LEU A 29 -11.90 5.73 2.24
N ARG A 30 -10.83 6.29 2.81
CA ARG A 30 -10.21 7.49 2.26
C ARG A 30 -9.78 7.26 0.81
N ASP A 31 -10.02 8.26 -0.04
CA ASP A 31 -9.66 8.17 -1.44
C ASP A 31 -8.90 9.41 -1.89
N PRO A 32 -8.00 9.24 -2.87
CA PRO A 32 -7.20 10.33 -3.41
C PRO A 32 -8.02 11.33 -4.21
N PRO A 33 -7.55 12.58 -4.27
CA PRO A 33 -8.23 13.65 -5.01
C PRO A 33 -8.16 13.45 -6.51
N ALA A 34 -8.62 14.44 -7.26
CA ALA A 34 -8.61 14.38 -8.72
C ALA A 34 -7.32 14.97 -9.29
N GLY A 35 -6.93 16.12 -8.77
CA GLY A 35 -5.72 16.77 -9.24
C GLY A 35 -4.57 15.79 -9.40
N VAL A 36 -4.42 14.88 -8.44
CA VAL A 36 -3.36 13.89 -8.49
C VAL A 36 -3.59 12.88 -9.59
N GLN A 37 -2.60 12.73 -10.46
CA GLN A 37 -2.69 11.80 -11.58
C GLN A 37 -2.24 10.40 -11.16
N PHE A 38 -3.13 9.66 -10.51
CA PHE A 38 -2.82 8.32 -10.06
C PHE A 38 -3.50 7.27 -10.95
N ASN A 39 -2.87 6.97 -12.08
CA ASN A 39 -3.40 5.99 -13.01
C ASN A 39 -3.26 4.57 -12.46
N PHE A 40 -4.26 4.14 -11.70
CA PHE A 40 -4.25 2.80 -11.12
C PHE A 40 -5.16 1.86 -11.89
N ASP A 41 -4.63 0.68 -12.22
CA ASP A 41 -5.41 -0.31 -12.97
C ASP A 41 -5.77 -1.50 -12.08
N PHE A 42 -7.04 -1.57 -11.68
CA PHE A 42 -7.51 -2.64 -10.81
C PHE A 42 -7.16 -4.00 -11.41
N ASP A 43 -7.89 -4.39 -12.44
CA ASP A 43 -7.65 -5.68 -13.11
C ASP A 43 -6.17 -6.02 -13.10
N GLN A 44 -5.32 -4.99 -13.17
CA GLN A 44 -3.88 -5.19 -13.18
C GLN A 44 -3.36 -5.49 -11.78
N MET A 45 -3.74 -4.66 -10.82
CA MET A 45 -3.31 -4.84 -9.43
C MET A 45 -4.35 -5.64 -8.65
N TYR A 46 -5.27 -6.27 -9.37
CA TYR A 46 -6.32 -7.07 -8.75
C TYR A 46 -5.74 -8.34 -8.14
N PRO A 47 -5.10 -9.17 -9.00
CA PRO A 47 -4.49 -10.42 -8.58
C PRO A 47 -3.26 -10.21 -7.72
N VAL A 48 -2.40 -9.27 -8.12
CA VAL A 48 -1.18 -8.97 -7.38
C VAL A 48 -1.49 -8.70 -5.92
N ALA A 49 -2.72 -8.28 -5.64
CA ALA A 49 -3.14 -7.99 -4.28
C ALA A 49 -3.42 -9.27 -3.49
N LEU A 50 -3.78 -10.32 -4.21
CA LEU A 50 -4.09 -11.61 -3.59
C LEU A 50 -2.88 -12.13 -2.82
N VAL A 51 -1.69 -11.87 -3.34
CA VAL A 51 -0.45 -12.31 -2.70
C VAL A 51 -0.19 -11.54 -1.41
N MET A 52 -0.66 -10.29 -1.38
CA MET A 52 -0.48 -9.44 -0.21
C MET A 52 -1.47 -9.82 0.89
N LEU A 53 -2.54 -10.50 0.51
CA LEU A 53 -3.57 -10.92 1.46
C LEU A 53 -3.09 -12.12 2.28
N GLN A 54 -2.79 -13.22 1.59
CA GLN A 54 -2.32 -14.42 2.25
C GLN A 54 -1.21 -14.11 3.24
N GLU A 55 -0.25 -13.30 2.81
CA GLU A 55 0.87 -12.91 3.67
C GLU A 55 0.40 -12.07 4.84
N ASP A 56 -0.54 -11.16 4.58
CA ASP A 56 -1.07 -10.29 5.62
C ASP A 56 -2.51 -10.66 5.95
N GLU A 57 -2.69 -11.41 7.04
CA GLU A 57 -4.01 -11.84 7.46
C GLU A 57 -4.89 -10.64 7.82
N LEU A 58 -4.26 -9.62 8.42
CA LEU A 58 -4.98 -8.41 8.82
C LEU A 58 -5.55 -7.69 7.61
N LEU A 59 -4.79 -7.68 6.52
CA LEU A 59 -5.21 -7.03 5.29
C LEU A 59 -6.39 -7.76 4.66
N SER A 60 -6.47 -9.06 4.92
CA SER A 60 -7.55 -9.88 4.37
C SER A 60 -8.75 -9.88 5.31
N LYS A 61 -8.57 -10.46 6.49
CA LYS A 61 -9.64 -10.54 7.48
C LYS A 61 -10.40 -9.21 7.56
N MET A 62 -9.68 -8.11 7.38
CA MET A 62 -10.28 -6.78 7.42
C MET A 62 -11.03 -6.48 6.14
N ARG A 63 -10.29 -6.41 5.03
CA ARG A 63 -10.88 -6.13 3.73
C ARG A 63 -12.23 -6.83 3.58
N PHE A 64 -12.26 -8.11 3.93
CA PHE A 64 -13.49 -8.90 3.83
C PHE A 64 -14.61 -8.25 4.64
N ALA A 65 -14.31 -7.86 5.87
CA ALA A 65 -15.30 -7.24 6.74
C ALA A 65 -15.41 -5.75 6.44
N LEU A 66 -14.51 -5.24 5.61
CA LEU A 66 -14.51 -3.83 5.25
C LEU A 66 -14.87 -3.65 3.77
N VAL A 67 -15.38 -4.71 3.15
CA VAL A 67 -15.75 -4.68 1.74
C VAL A 67 -16.62 -5.88 1.38
N PRO A 68 -17.75 -5.61 0.71
CA PRO A 68 -18.14 -4.25 0.34
C PRO A 68 -18.55 -3.42 1.55
N LYS A 69 -18.49 -4.02 2.72
CA LYS A 69 -18.86 -3.35 3.96
C LYS A 69 -18.57 -1.85 3.85
N LEU A 70 -17.40 -1.51 3.33
CA LEU A 70 -17.01 -0.11 3.17
C LEU A 70 -17.04 0.30 1.70
N VAL A 71 -16.10 -0.21 0.92
CA VAL A 71 -16.03 0.09 -0.50
C VAL A 71 -15.97 -1.17 -1.34
N LYS A 72 -16.07 -1.01 -2.65
CA LYS A 72 -16.03 -2.15 -3.58
C LYS A 72 -14.63 -2.73 -3.65
N GLU A 73 -14.54 -4.05 -3.70
CA GLU A 73 -13.26 -4.74 -3.78
C GLU A 73 -12.28 -3.95 -4.65
N GLU A 74 -12.79 -3.39 -5.75
CA GLU A 74 -11.96 -2.62 -6.66
C GLU A 74 -11.42 -1.36 -5.99
N VAL A 75 -12.34 -0.47 -5.61
CA VAL A 75 -11.95 0.77 -4.95
C VAL A 75 -10.99 0.52 -3.80
N PHE A 76 -11.34 -0.42 -2.93
CA PHE A 76 -10.50 -0.76 -1.79
C PHE A 76 -9.06 -1.00 -2.23
N TRP A 77 -8.89 -1.81 -3.26
CA TRP A 77 -7.56 -2.12 -3.77
C TRP A 77 -6.92 -0.89 -4.40
N ARG A 78 -7.74 0.12 -4.68
CA ARG A 78 -7.25 1.36 -5.29
C ARG A 78 -6.67 2.28 -4.23
N ASN A 79 -7.49 2.63 -3.23
CA ASN A 79 -7.05 3.50 -2.16
C ASN A 79 -5.86 2.91 -1.40
N TYR A 80 -5.96 1.62 -1.09
CA TYR A 80 -4.91 0.92 -0.37
C TYR A 80 -3.56 1.11 -1.06
N PHE A 81 -3.47 0.69 -2.31
CA PHE A 81 -2.24 0.81 -3.08
C PHE A 81 -1.77 2.26 -3.12
N TYR A 82 -2.68 3.15 -3.50
CA TYR A 82 -2.36 4.57 -3.60
C TYR A 82 -1.37 4.98 -2.51
N ARG A 83 -1.74 4.74 -1.25
CA ARG A 83 -0.89 5.08 -0.12
C ARG A 83 0.43 4.30 -0.19
N VAL A 84 0.33 3.03 -0.54
CA VAL A 84 1.51 2.17 -0.64
C VAL A 84 2.55 2.76 -1.57
N SER A 85 2.18 2.90 -2.85
CA SER A 85 3.07 3.45 -3.85
C SER A 85 3.83 4.66 -3.30
N LEU A 86 3.14 5.48 -2.51
CA LEU A 86 3.75 6.66 -1.93
C LEU A 86 4.88 6.28 -0.97
N ILE A 87 4.66 5.22 -0.20
CA ILE A 87 5.67 4.75 0.74
C ILE A 87 6.90 4.23 0.02
N LYS A 88 6.69 3.33 -0.93
CA LYS A 88 7.79 2.75 -1.70
C LYS A 88 8.53 3.84 -2.48
N GLN A 89 7.79 4.64 -3.21
CA GLN A 89 8.38 5.72 -4.00
C GLN A 89 9.28 6.60 -3.13
N SER A 90 8.76 7.02 -1.98
CA SER A 90 9.52 7.87 -1.06
C SER A 90 10.96 7.39 -0.97
N ALA A 91 11.15 6.11 -0.67
CA ALA A 91 12.48 5.54 -0.54
C ALA A 91 13.45 6.18 -1.52
N GLN A 92 13.01 6.37 -2.76
CA GLN A 92 13.85 6.98 -3.79
C GLN A 92 13.69 8.49 -3.79
N LEU A 93 12.44 8.95 -3.92
CA LEU A 93 12.15 10.38 -3.95
C LEU A 93 13.04 11.13 -2.96
N THR A 94 13.20 10.57 -1.76
CA THR A 94 14.03 11.18 -0.73
C THR A 94 15.50 10.86 -0.94
N SER A 95 15.93 10.89 -2.20
CA SER A 95 17.32 10.59 -2.55
C SER A 95 18.27 11.30 -1.60
N GLY A 96 18.07 12.60 -1.42
CA GLY A 96 18.93 13.38 -0.53
C GLY A 96 18.75 14.87 -0.72
N PRO A 97 19.45 15.44 -1.70
CA PRO A 97 19.38 16.88 -2.01
C PRO A 97 18.04 17.28 -2.60
N SER A 98 17.49 18.39 -2.11
CA SER A 98 16.20 18.87 -2.59
C SER A 98 16.39 20.12 -3.45
N SER A 99 15.89 20.07 -4.67
CA SER A 99 16.00 21.19 -5.59
C SER A 99 14.67 21.47 -6.28
N GLY A 100 14.47 22.72 -6.71
CA GLY A 100 13.24 23.10 -7.37
C GLY A 100 12.26 23.77 -6.43
N GLY A 1 24.69 -5.61 19.99
CA GLY A 1 24.43 -5.77 18.57
C GLY A 1 25.66 -6.23 17.81
N SER A 2 25.69 -7.52 17.49
CA SER A 2 26.82 -8.10 16.76
C SER A 2 26.57 -8.06 15.26
N SER A 3 26.02 -6.95 14.78
CA SER A 3 25.72 -6.79 13.37
C SER A 3 27.01 -6.79 12.55
N GLY A 4 26.90 -7.24 11.30
CA GLY A 4 28.06 -7.29 10.43
C GLY A 4 28.07 -6.17 9.40
N SER A 5 28.01 -6.55 8.12
CA SER A 5 28.01 -5.56 7.05
C SER A 5 26.71 -5.62 6.25
N SER A 6 25.99 -4.52 6.24
CA SER A 6 24.71 -4.44 5.52
C SER A 6 24.41 -3.01 5.09
N GLY A 7 23.61 -2.87 4.04
CA GLY A 7 23.26 -1.55 3.55
C GLY A 7 22.26 -1.61 2.40
N THR A 8 21.06 -1.07 2.64
CA THR A 8 20.02 -1.07 1.62
C THR A 8 19.18 0.21 1.71
N ASN A 9 18.15 0.28 0.87
CA ASN A 9 17.27 1.45 0.86
C ASN A 9 16.19 1.33 1.93
N ASP A 10 16.60 0.95 3.13
CA ASP A 10 15.67 0.81 4.25
C ASP A 10 14.38 0.13 3.79
N GLU A 11 14.51 -1.00 3.10
CA GLU A 11 13.35 -1.73 2.60
C GLU A 11 12.69 -2.51 3.73
N GLU A 12 13.48 -2.92 4.71
CA GLU A 12 12.97 -3.68 5.84
C GLU A 12 11.80 -2.96 6.50
N THR A 13 11.81 -1.63 6.41
CA THR A 13 10.75 -0.82 6.99
C THR A 13 9.59 -0.63 6.01
N ILE A 14 9.92 -0.47 4.74
CA ILE A 14 8.91 -0.28 3.70
C ILE A 14 7.70 -1.19 3.95
N GLN A 15 7.97 -2.41 4.38
CA GLN A 15 6.91 -3.38 4.64
C GLN A 15 6.20 -3.05 5.95
N GLN A 16 6.97 -2.60 6.94
CA GLN A 16 6.42 -2.26 8.25
C GLN A 16 5.31 -1.23 8.11
N GLN A 17 5.56 -0.20 7.30
CA GLN A 17 4.60 0.86 7.09
C GLN A 17 3.34 0.32 6.41
N ILE A 18 3.53 -0.47 5.36
CA ILE A 18 2.41 -1.05 4.62
C ILE A 18 1.49 -1.83 5.55
N LEU A 19 2.05 -2.36 6.63
CA LEU A 19 1.28 -3.13 7.60
C LEU A 19 0.41 -2.21 8.46
N ALA A 20 0.90 -1.00 8.70
CA ALA A 20 0.16 -0.02 9.49
C ALA A 20 -1.19 0.31 8.84
N LEU A 21 -1.20 0.37 7.52
CA LEU A 21 -2.43 0.67 6.78
C LEU A 21 -3.49 -0.39 7.04
N SER A 22 -3.05 -1.63 7.20
CA SER A 22 -3.97 -2.74 7.45
C SER A 22 -4.64 -2.60 8.82
N ALA A 23 -3.85 -2.19 9.81
CA ALA A 23 -4.37 -2.01 11.16
C ALA A 23 -5.49 -0.98 11.19
N ASP A 24 -5.42 -0.01 10.28
CA ASP A 24 -6.43 1.04 10.20
C ASP A 24 -7.44 0.74 9.11
N LYS A 25 -8.52 1.53 9.08
CA LYS A 25 -9.56 1.34 8.08
C LYS A 25 -9.83 2.64 7.33
N ARG A 26 -9.57 3.76 7.99
CA ARG A 26 -9.79 5.08 7.39
C ARG A 26 -9.10 5.16 6.03
N ASN A 27 -7.96 4.49 5.90
CA ASN A 27 -7.19 4.49 4.66
C ASN A 27 -7.94 3.74 3.56
N PHE A 28 -8.70 2.72 3.96
CA PHE A 28 -9.46 1.92 3.02
C PHE A 28 -10.66 2.71 2.49
N LEU A 29 -11.24 3.54 3.34
CA LEU A 29 -12.39 4.35 2.95
C LEU A 29 -11.95 5.67 2.31
N ARG A 30 -10.81 6.18 2.75
CA ARG A 30 -10.28 7.42 2.21
C ARG A 30 -9.81 7.24 0.78
N ASP A 31 -10.12 8.22 -0.07
CA ASP A 31 -9.74 8.16 -1.49
C ASP A 31 -8.91 9.39 -1.86
N PRO A 32 -7.92 9.19 -2.75
CA PRO A 32 -7.05 10.27 -3.21
C PRO A 32 -7.78 11.26 -4.11
N PRO A 33 -7.14 12.41 -4.38
CA PRO A 33 -7.71 13.46 -5.23
C PRO A 33 -7.78 13.05 -6.69
N ALA A 34 -8.37 13.91 -7.51
CA ALA A 34 -8.51 13.64 -8.94
C ALA A 34 -7.28 14.13 -9.70
N GLY A 35 -6.85 15.35 -9.40
CA GLY A 35 -5.69 15.91 -10.08
C GLY A 35 -4.54 14.92 -10.17
N VAL A 36 -4.35 14.14 -9.12
CA VAL A 36 -3.27 13.16 -9.09
C VAL A 36 -3.51 12.05 -10.12
N GLN A 37 -2.79 12.13 -11.24
CA GLN A 37 -2.93 11.14 -12.30
C GLN A 37 -2.52 9.75 -11.80
N PHE A 38 -3.45 9.07 -11.14
CA PHE A 38 -3.19 7.73 -10.62
C PHE A 38 -3.85 6.67 -11.49
N ASN A 39 -3.26 6.41 -12.65
CA ASN A 39 -3.79 5.41 -13.58
C ASN A 39 -3.76 4.02 -12.95
N PHE A 40 -4.69 3.78 -12.03
CA PHE A 40 -4.76 2.48 -11.35
C PHE A 40 -5.60 1.50 -12.17
N ASP A 41 -4.96 0.43 -12.64
CA ASP A 41 -5.64 -0.58 -13.43
C ASP A 41 -6.08 -1.75 -12.56
N PHE A 42 -7.16 -1.54 -11.80
CA PHE A 42 -7.68 -2.57 -10.90
C PHE A 42 -7.63 -3.94 -11.57
N ASP A 43 -7.76 -3.94 -12.89
CA ASP A 43 -7.72 -5.19 -13.66
C ASP A 43 -6.39 -5.92 -13.47
N GLN A 44 -5.30 -5.16 -13.58
CA GLN A 44 -3.97 -5.73 -13.42
C GLN A 44 -3.55 -5.75 -11.95
N MET A 45 -4.09 -4.82 -11.18
CA MET A 45 -3.78 -4.74 -9.76
C MET A 45 -4.75 -5.59 -8.94
N TYR A 46 -5.77 -6.11 -9.60
CA TYR A 46 -6.76 -6.95 -8.92
C TYR A 46 -6.12 -8.22 -8.36
N PRO A 47 -5.52 -9.01 -9.25
CA PRO A 47 -4.86 -10.27 -8.87
C PRO A 47 -3.58 -10.03 -8.09
N VAL A 48 -2.81 -9.02 -8.49
CA VAL A 48 -1.56 -8.69 -7.82
C VAL A 48 -1.79 -8.42 -6.34
N ALA A 49 -3.02 -8.05 -5.99
CA ALA A 49 -3.38 -7.77 -4.60
C ALA A 49 -3.54 -9.06 -3.81
N LEU A 50 -4.06 -10.09 -4.46
CA LEU A 50 -4.27 -11.38 -3.81
C LEU A 50 -2.99 -11.87 -3.15
N VAL A 51 -1.87 -11.67 -3.82
CA VAL A 51 -0.57 -12.10 -3.30
C VAL A 51 -0.24 -11.37 -1.99
N MET A 52 -0.67 -10.12 -1.90
CA MET A 52 -0.43 -9.33 -0.71
C MET A 52 -1.19 -9.89 0.49
N LEU A 53 -2.46 -10.20 0.29
CA LEU A 53 -3.29 -10.76 1.35
C LEU A 53 -2.54 -11.82 2.15
N GLN A 54 -2.10 -12.86 1.44
CA GLN A 54 -1.36 -13.95 2.09
C GLN A 54 -0.34 -13.40 3.08
N GLU A 55 0.58 -12.58 2.58
CA GLU A 55 1.62 -11.99 3.43
C GLU A 55 1.00 -11.21 4.58
N ASP A 56 0.05 -10.34 4.26
CA ASP A 56 -0.62 -9.53 5.27
C ASP A 56 -1.92 -10.19 5.71
N GLU A 57 -1.88 -10.87 6.85
CA GLU A 57 -3.05 -11.55 7.38
C GLU A 57 -4.11 -10.54 7.84
N LEU A 58 -3.64 -9.36 8.26
CA LEU A 58 -4.52 -8.31 8.73
C LEU A 58 -5.30 -7.69 7.57
N LEU A 59 -4.58 -7.24 6.56
CA LEU A 59 -5.21 -6.62 5.39
C LEU A 59 -6.39 -7.44 4.91
N SER A 60 -6.20 -8.75 4.81
CA SER A 60 -7.26 -9.65 4.36
C SER A 60 -8.38 -9.72 5.39
N LYS A 61 -8.01 -9.98 6.65
CA LYS A 61 -8.99 -10.07 7.73
C LYS A 61 -9.89 -8.84 7.76
N MET A 62 -9.29 -7.67 7.55
CA MET A 62 -10.04 -6.42 7.55
C MET A 62 -10.83 -6.26 6.25
N ARG A 63 -10.11 -6.22 5.13
CA ARG A 63 -10.74 -6.07 3.83
C ARG A 63 -12.04 -6.87 3.76
N PHE A 64 -11.97 -8.13 4.18
CA PHE A 64 -13.15 -9.01 4.16
C PHE A 64 -14.28 -8.41 4.98
N ALA A 65 -13.93 -7.86 6.14
CA ALA A 65 -14.92 -7.25 7.02
C ALA A 65 -15.14 -5.77 6.69
N LEU A 66 -14.32 -5.27 5.77
CA LEU A 66 -14.42 -3.86 5.37
C LEU A 66 -14.79 -3.76 3.88
N VAL A 67 -15.17 -4.88 3.29
CA VAL A 67 -15.56 -4.92 1.89
C VAL A 67 -16.35 -6.18 1.57
N PRO A 68 -17.48 -6.00 0.85
CA PRO A 68 -17.93 -4.68 0.41
C PRO A 68 -18.41 -3.81 1.56
N LYS A 69 -18.32 -4.34 2.77
CA LYS A 69 -18.74 -3.62 3.97
C LYS A 69 -18.54 -2.11 3.78
N LEU A 70 -17.30 -1.71 3.59
CA LEU A 70 -16.98 -0.29 3.40
C LEU A 70 -17.06 0.09 1.93
N VAL A 71 -16.10 -0.38 1.14
CA VAL A 71 -16.06 -0.08 -0.29
C VAL A 71 -16.02 -1.37 -1.11
N LYS A 72 -16.12 -1.23 -2.42
CA LYS A 72 -16.09 -2.38 -3.33
C LYS A 72 -14.67 -2.92 -3.46
N GLU A 73 -14.56 -4.24 -3.62
CA GLU A 73 -13.26 -4.88 -3.76
C GLU A 73 -12.32 -4.03 -4.62
N GLU A 74 -12.77 -3.70 -5.83
CA GLU A 74 -11.97 -2.90 -6.74
C GLU A 74 -11.53 -1.59 -6.08
N VAL A 75 -12.51 -0.82 -5.62
CA VAL A 75 -12.22 0.46 -4.98
C VAL A 75 -11.17 0.29 -3.88
N PHE A 76 -11.43 -0.63 -2.95
CA PHE A 76 -10.51 -0.88 -1.85
C PHE A 76 -9.09 -1.09 -2.37
N TRP A 77 -8.95 -1.97 -3.35
CA TRP A 77 -7.65 -2.25 -3.94
C TRP A 77 -7.07 -1.03 -4.63
N ARG A 78 -7.91 -0.01 -4.82
CA ARG A 78 -7.50 1.21 -5.48
C ARG A 78 -6.88 2.18 -4.47
N ASN A 79 -7.60 2.44 -3.39
CA ASN A 79 -7.13 3.35 -2.35
C ASN A 79 -5.96 2.74 -1.60
N TYR A 80 -6.02 1.45 -1.35
CA TYR A 80 -4.96 0.75 -0.64
C TYR A 80 -3.61 0.95 -1.33
N PHE A 81 -3.49 0.39 -2.53
CA PHE A 81 -2.25 0.52 -3.29
C PHE A 81 -1.74 1.96 -3.30
N TYR A 82 -2.57 2.86 -3.80
CA TYR A 82 -2.20 4.27 -3.86
C TYR A 82 -1.37 4.68 -2.65
N ARG A 83 -1.91 4.44 -1.46
CA ARG A 83 -1.23 4.77 -0.22
C ARG A 83 0.13 4.07 -0.15
N VAL A 84 0.16 2.81 -0.59
CA VAL A 84 1.39 2.03 -0.57
C VAL A 84 2.43 2.61 -1.52
N SER A 85 2.05 2.76 -2.78
CA SER A 85 2.95 3.31 -3.80
C SER A 85 3.74 4.49 -3.23
N LEU A 86 3.06 5.34 -2.46
CA LEU A 86 3.69 6.50 -1.87
C LEU A 86 4.76 6.09 -0.84
N ILE A 87 4.46 5.04 -0.09
CA ILE A 87 5.40 4.54 0.91
C ILE A 87 6.63 3.91 0.26
N LYS A 88 6.38 2.97 -0.64
CA LYS A 88 7.47 2.29 -1.34
C LYS A 88 8.30 3.27 -2.15
N GLN A 89 7.62 4.05 -3.00
CA GLN A 89 8.30 5.03 -3.83
C GLN A 89 9.17 5.97 -2.98
N SER A 90 8.55 6.58 -1.99
CA SER A 90 9.26 7.50 -1.11
C SER A 90 10.66 6.99 -0.80
N ALA A 91 10.79 5.67 -0.69
CA ALA A 91 12.07 5.05 -0.39
C ALA A 91 12.95 4.98 -1.64
N GLN A 92 13.64 6.08 -1.92
CA GLN A 92 14.53 6.15 -3.09
C GLN A 92 15.38 7.41 -3.05
N LEU A 93 16.31 7.51 -3.99
CA LEU A 93 17.21 8.66 -4.06
C LEU A 93 16.48 9.88 -4.60
N THR A 94 16.72 11.04 -3.98
CA THR A 94 16.09 12.28 -4.41
C THR A 94 16.45 12.62 -5.85
N SER A 95 15.57 13.35 -6.52
CA SER A 95 15.79 13.74 -7.91
C SER A 95 14.97 14.97 -8.27
N GLY A 96 15.33 15.61 -9.37
CA GLY A 96 14.62 16.80 -9.81
C GLY A 96 14.37 16.82 -11.30
N PRO A 97 13.20 17.33 -11.71
CA PRO A 97 12.82 17.41 -13.12
C PRO A 97 13.65 18.43 -13.89
N SER A 98 14.38 19.26 -13.15
CA SER A 98 15.22 20.29 -13.77
C SER A 98 15.84 19.78 -15.07
N SER A 99 15.72 20.59 -16.12
CA SER A 99 16.27 20.23 -17.43
C SER A 99 17.77 19.95 -17.33
N GLY A 100 18.14 18.69 -17.52
CA GLY A 100 19.54 18.31 -17.45
C GLY A 100 19.76 16.85 -17.80
N GLY A 1 37.12 -0.85 14.27
CA GLY A 1 36.62 -1.94 13.46
C GLY A 1 35.23 -1.67 12.92
N SER A 2 34.31 -2.59 13.18
CA SER A 2 32.93 -2.44 12.71
C SER A 2 32.89 -1.76 11.35
N SER A 3 33.81 -2.16 10.47
CA SER A 3 33.87 -1.58 9.13
C SER A 3 33.21 -2.50 8.10
N GLY A 4 32.48 -1.90 7.17
CA GLY A 4 31.80 -2.68 6.14
C GLY A 4 30.59 -1.96 5.58
N SER A 5 30.50 -1.92 4.26
CA SER A 5 29.39 -1.24 3.59
C SER A 5 28.26 -2.24 3.29
N SER A 6 27.07 -1.94 3.78
CA SER A 6 25.91 -2.81 3.57
C SER A 6 24.93 -2.16 2.60
N GLY A 7 24.55 -2.91 1.57
CA GLY A 7 23.62 -2.40 0.59
C GLY A 7 22.18 -2.50 1.05
N THR A 8 21.65 -1.40 1.57
CA THR A 8 20.27 -1.37 2.06
C THR A 8 19.61 -0.03 1.75
N ASN A 9 18.56 -0.07 0.94
CA ASN A 9 17.85 1.14 0.56
C ASN A 9 16.68 1.40 1.52
N ASP A 10 16.92 1.21 2.80
CA ASP A 10 15.90 1.41 3.82
C ASP A 10 14.61 0.68 3.45
N GLU A 11 14.74 -0.59 3.06
CA GLU A 11 13.58 -1.38 2.68
C GLU A 11 12.96 -2.05 3.90
N GLU A 12 13.80 -2.38 4.89
CA GLU A 12 13.32 -3.03 6.10
C GLU A 12 12.07 -2.33 6.63
N THR A 13 12.07 -1.01 6.59
CA THR A 13 10.93 -0.23 7.06
C THR A 13 9.81 -0.20 6.03
N ILE A 14 10.17 0.02 4.77
CA ILE A 14 9.21 0.05 3.69
C ILE A 14 8.06 -0.92 3.94
N GLN A 15 8.38 -2.05 4.55
CA GLN A 15 7.38 -3.08 4.85
C GLN A 15 6.55 -2.68 6.07
N GLN A 16 7.24 -2.24 7.13
CA GLN A 16 6.57 -1.84 8.35
C GLN A 16 5.40 -0.90 8.06
N GLN A 17 5.62 0.04 7.14
CA GLN A 17 4.59 0.99 6.77
C GLN A 17 3.42 0.30 6.08
N ILE A 18 3.72 -0.40 4.98
CA ILE A 18 2.70 -1.11 4.23
C ILE A 18 1.80 -1.93 5.16
N LEU A 19 2.42 -2.71 6.03
CA LEU A 19 1.68 -3.55 6.97
C LEU A 19 0.75 -2.69 7.84
N ALA A 20 1.28 -1.59 8.35
CA ALA A 20 0.50 -0.69 9.19
C ALA A 20 -0.86 -0.40 8.56
N LEU A 21 -0.88 -0.18 7.26
CA LEU A 21 -2.12 0.09 6.54
C LEU A 21 -3.16 -0.98 6.82
N SER A 22 -2.73 -2.23 6.83
CA SER A 22 -3.63 -3.35 7.09
C SER A 22 -4.20 -3.28 8.50
N ALA A 23 -3.43 -2.69 9.42
CA ALA A 23 -3.86 -2.55 10.80
C ALA A 23 -4.75 -1.33 10.98
N ASP A 24 -5.24 -0.79 9.87
CA ASP A 24 -6.11 0.38 9.90
C ASP A 24 -7.29 0.22 8.94
N LYS A 25 -8.24 1.15 9.01
CA LYS A 25 -9.41 1.12 8.14
C LYS A 25 -9.64 2.47 7.49
N ARG A 26 -9.32 3.54 8.22
CA ARG A 26 -9.49 4.89 7.71
C ARG A 26 -8.84 5.05 6.34
N ASN A 27 -7.71 4.38 6.15
CA ASN A 27 -6.99 4.44 4.87
C ASN A 27 -7.80 3.82 3.76
N PHE A 28 -8.38 2.66 4.02
CA PHE A 28 -9.20 1.96 3.04
C PHE A 28 -10.36 2.83 2.57
N LEU A 29 -10.96 3.55 3.51
CA LEU A 29 -12.08 4.43 3.19
C LEU A 29 -11.61 5.69 2.47
N ARG A 30 -10.53 6.27 2.97
CA ARG A 30 -9.98 7.49 2.38
C ARG A 30 -9.73 7.29 0.88
N ASP A 31 -9.75 8.39 0.13
CA ASP A 31 -9.52 8.33 -1.31
C ASP A 31 -8.75 9.57 -1.78
N PRO A 32 -7.90 9.38 -2.80
CA PRO A 32 -7.10 10.47 -3.37
C PRO A 32 -7.95 11.48 -4.13
N PRO A 33 -7.36 12.65 -4.39
CA PRO A 33 -8.04 13.73 -5.12
C PRO A 33 -8.25 13.39 -6.59
N ALA A 34 -9.13 14.15 -7.25
CA ALA A 34 -9.42 13.94 -8.66
C ALA A 34 -8.25 14.37 -9.53
N GLY A 35 -7.73 15.57 -9.27
CA GLY A 35 -6.61 16.08 -10.04
C GLY A 35 -5.63 14.99 -10.43
N VAL A 36 -5.35 14.08 -9.50
CA VAL A 36 -4.42 12.99 -9.74
C VAL A 36 -5.09 11.87 -10.55
N GLN A 37 -4.30 11.23 -11.41
CA GLN A 37 -4.83 10.14 -12.24
C GLN A 37 -4.56 8.78 -11.59
N PHE A 38 -3.41 8.66 -10.93
CA PHE A 38 -3.03 7.42 -10.27
C PHE A 38 -3.53 6.21 -11.06
N ASN A 39 -3.23 6.20 -12.35
CA ASN A 39 -3.64 5.10 -13.22
C ASN A 39 -3.61 3.77 -12.47
N PHE A 40 -4.75 3.38 -11.90
CA PHE A 40 -4.85 2.13 -11.15
C PHE A 40 -5.56 1.06 -11.98
N ASP A 41 -4.79 0.10 -12.46
CA ASP A 41 -5.34 -0.99 -13.27
C ASP A 41 -5.89 -2.10 -12.37
N PHE A 42 -7.05 -1.87 -11.79
CA PHE A 42 -7.67 -2.85 -10.91
C PHE A 42 -7.59 -4.25 -11.51
N ASP A 43 -7.53 -4.32 -12.83
CA ASP A 43 -7.44 -5.59 -13.54
C ASP A 43 -6.06 -6.21 -13.38
N GLN A 44 -5.03 -5.43 -13.64
CA GLN A 44 -3.66 -5.90 -13.53
C GLN A 44 -3.18 -5.84 -12.08
N MET A 45 -3.99 -5.23 -11.22
CA MET A 45 -3.66 -5.11 -9.80
C MET A 45 -4.54 -6.02 -8.96
N TYR A 46 -5.72 -6.32 -9.46
CA TYR A 46 -6.66 -7.18 -8.75
C TYR A 46 -5.96 -8.44 -8.23
N PRO A 47 -5.36 -9.19 -9.17
CA PRO A 47 -4.65 -10.43 -8.83
C PRO A 47 -3.35 -10.17 -8.06
N VAL A 48 -2.69 -9.06 -8.38
CA VAL A 48 -1.45 -8.69 -7.72
C VAL A 48 -1.67 -8.42 -6.23
N ALA A 49 -2.92 -8.08 -5.89
CA ALA A 49 -3.27 -7.79 -4.50
C ALA A 49 -3.47 -9.08 -3.71
N LEU A 50 -3.92 -10.12 -4.39
CA LEU A 50 -4.15 -11.41 -3.75
C LEU A 50 -2.93 -11.85 -2.95
N VAL A 51 -1.75 -11.56 -3.47
CA VAL A 51 -0.50 -11.92 -2.80
C VAL A 51 -0.34 -11.14 -1.49
N MET A 52 -0.73 -9.87 -1.52
CA MET A 52 -0.62 -9.02 -0.32
C MET A 52 -1.59 -9.49 0.76
N LEU A 53 -2.54 -10.33 0.37
CA LEU A 53 -3.53 -10.85 1.31
C LEU A 53 -2.96 -11.99 2.13
N GLN A 54 -2.56 -13.06 1.44
CA GLN A 54 -1.99 -14.23 2.12
C GLN A 54 -0.87 -13.82 3.05
N GLU A 55 -0.06 -12.86 2.63
CA GLU A 55 1.06 -12.38 3.43
C GLU A 55 0.58 -11.46 4.54
N ASP A 56 -0.51 -10.75 4.28
CA ASP A 56 -1.08 -9.83 5.27
C ASP A 56 -2.44 -10.33 5.75
N GLU A 57 -2.46 -10.92 6.95
CA GLU A 57 -3.69 -11.44 7.51
C GLU A 57 -4.68 -10.32 7.79
N LEU A 58 -4.21 -9.27 8.44
CA LEU A 58 -5.06 -8.12 8.77
C LEU A 58 -5.71 -7.56 7.51
N LEU A 59 -4.94 -7.48 6.43
CA LEU A 59 -5.44 -6.96 5.16
C LEU A 59 -6.70 -7.70 4.73
N SER A 60 -6.58 -9.03 4.61
CA SER A 60 -7.71 -9.86 4.19
C SER A 60 -8.84 -9.78 5.21
N LYS A 61 -8.58 -10.30 6.41
CA LYS A 61 -9.58 -10.29 7.47
C LYS A 61 -10.32 -8.95 7.52
N MET A 62 -9.56 -7.87 7.52
CA MET A 62 -10.14 -6.53 7.56
C MET A 62 -10.91 -6.23 6.28
N ARG A 63 -10.19 -6.17 5.17
CA ARG A 63 -10.81 -5.89 3.87
C ARG A 63 -12.17 -6.57 3.77
N PHE A 64 -12.19 -7.87 4.01
CA PHE A 64 -13.43 -8.64 3.94
C PHE A 64 -14.49 -8.05 4.86
N ALA A 65 -14.06 -7.58 6.02
CA ALA A 65 -14.97 -6.99 7.00
C ALA A 65 -15.24 -5.52 6.68
N LEU A 66 -14.44 -4.96 5.78
CA LEU A 66 -14.58 -3.57 5.38
C LEU A 66 -14.93 -3.45 3.90
N VAL A 67 -15.39 -4.55 3.32
CA VAL A 67 -15.76 -4.57 1.92
C VAL A 67 -16.56 -5.83 1.58
N PRO A 68 -17.69 -5.64 0.87
CA PRO A 68 -18.14 -4.31 0.44
C PRO A 68 -18.61 -3.45 1.61
N LYS A 69 -18.51 -4.00 2.82
CA LYS A 69 -18.93 -3.29 4.02
C LYS A 69 -18.73 -1.79 3.85
N LEU A 70 -17.52 -1.40 3.46
CA LEU A 70 -17.20 0.01 3.27
C LEU A 70 -17.30 0.39 1.80
N VAL A 71 -16.35 -0.09 1.00
CA VAL A 71 -16.33 0.19 -0.43
C VAL A 71 -16.23 -1.09 -1.25
N LYS A 72 -16.38 -0.96 -2.56
CA LYS A 72 -16.30 -2.11 -3.45
C LYS A 72 -14.88 -2.66 -3.51
N GLU A 73 -14.76 -3.97 -3.72
CA GLU A 73 -13.46 -4.62 -3.79
C GLU A 73 -12.50 -3.81 -4.68
N GLU A 74 -12.93 -3.52 -5.89
CA GLU A 74 -12.11 -2.76 -6.84
C GLU A 74 -11.66 -1.44 -6.20
N VAL A 75 -12.61 -0.71 -5.63
CA VAL A 75 -12.30 0.57 -5.00
C VAL A 75 -11.28 0.41 -3.89
N PHE A 76 -11.62 -0.40 -2.90
CA PHE A 76 -10.73 -0.65 -1.76
C PHE A 76 -9.30 -0.90 -2.25
N TRP A 77 -9.16 -1.76 -3.25
CA TRP A 77 -7.85 -2.08 -3.80
C TRP A 77 -7.22 -0.86 -4.46
N ARG A 78 -8.06 0.03 -4.96
CA ARG A 78 -7.59 1.23 -5.63
C ARG A 78 -6.98 2.21 -4.62
N ASN A 79 -7.62 2.34 -3.46
CA ASN A 79 -7.14 3.23 -2.42
C ASN A 79 -5.95 2.61 -1.68
N TYR A 80 -6.16 1.41 -1.15
CA TYR A 80 -5.10 0.72 -0.42
C TYR A 80 -3.76 0.86 -1.13
N PHE A 81 -3.77 0.68 -2.44
CA PHE A 81 -2.55 0.79 -3.24
C PHE A 81 -2.01 2.22 -3.20
N TYR A 82 -2.89 3.19 -3.33
CA TYR A 82 -2.49 4.60 -3.31
C TYR A 82 -1.37 4.82 -2.31
N ARG A 83 -1.66 4.58 -1.03
CA ARG A 83 -0.68 4.76 0.03
C ARG A 83 0.59 3.96 -0.26
N VAL A 84 0.44 2.64 -0.31
CA VAL A 84 1.56 1.75 -0.57
C VAL A 84 2.50 2.34 -1.62
N SER A 85 1.91 2.85 -2.71
CA SER A 85 2.69 3.44 -3.78
C SER A 85 3.52 4.62 -3.28
N LEU A 86 2.88 5.51 -2.52
CA LEU A 86 3.55 6.67 -1.97
C LEU A 86 4.62 6.26 -0.96
N ILE A 87 4.35 5.17 -0.24
CA ILE A 87 5.29 4.68 0.76
C ILE A 87 6.52 4.07 0.10
N LYS A 88 6.30 3.00 -0.65
CA LYS A 88 7.39 2.31 -1.35
C LYS A 88 8.20 3.30 -2.19
N GLN A 89 7.51 4.11 -2.97
CA GLN A 89 8.16 5.10 -3.82
C GLN A 89 8.98 6.09 -2.98
N SER A 90 8.32 6.73 -2.03
CA SER A 90 8.99 7.70 -1.17
C SER A 90 10.40 7.23 -0.80
N ALA A 91 10.49 5.98 -0.35
CA ALA A 91 11.77 5.41 0.03
C ALA A 91 12.82 5.62 -1.07
N GLN A 92 12.42 5.38 -2.31
CA GLN A 92 13.32 5.54 -3.45
C GLN A 92 13.70 7.01 -3.64
N LEU A 93 14.63 7.26 -4.55
CA LEU A 93 15.09 8.62 -4.82
C LEU A 93 14.09 9.35 -5.73
N THR A 94 13.01 9.84 -5.12
CA THR A 94 11.99 10.57 -5.86
C THR A 94 12.21 12.08 -5.78
N SER A 95 11.91 12.78 -6.88
CA SER A 95 12.08 14.22 -6.92
C SER A 95 10.78 14.93 -6.56
N GLY A 96 10.26 14.63 -5.37
CA GLY A 96 9.03 15.25 -4.93
C GLY A 96 7.80 14.54 -5.46
N PRO A 97 7.35 13.49 -4.75
CA PRO A 97 6.18 12.71 -5.14
C PRO A 97 4.88 13.48 -4.98
N SER A 98 4.84 14.35 -3.97
CA SER A 98 3.66 15.16 -3.70
C SER A 98 4.01 16.37 -2.84
N SER A 99 3.15 17.39 -2.88
CA SER A 99 3.37 18.60 -2.10
C SER A 99 3.94 18.27 -0.74
N GLY A 100 3.26 17.39 -0.02
CA GLY A 100 3.72 17.00 1.30
C GLY A 100 5.11 16.42 1.29
N GLY A 1 24.44 -7.71 22.09
CA GLY A 1 24.64 -6.42 21.46
C GLY A 1 24.28 -6.42 19.99
N SER A 2 24.75 -5.40 19.27
CA SER A 2 24.47 -5.29 17.84
C SER A 2 25.24 -6.34 17.05
N SER A 3 24.51 -7.24 16.40
CA SER A 3 25.12 -8.29 15.61
C SER A 3 25.36 -7.83 14.17
N GLY A 4 24.34 -7.20 13.58
CA GLY A 4 24.45 -6.72 12.23
C GLY A 4 23.22 -5.95 11.79
N SER A 5 23.34 -4.62 11.73
CA SER A 5 22.22 -3.78 11.31
C SER A 5 22.35 -3.37 9.85
N SER A 6 21.60 -4.07 8.99
CA SER A 6 21.65 -3.80 7.56
C SER A 6 20.55 -2.79 7.17
N GLY A 7 20.65 -2.26 5.96
CA GLY A 7 19.67 -1.30 5.49
C GLY A 7 19.79 -1.03 4.00
N THR A 8 19.24 -1.93 3.20
CA THR A 8 19.29 -1.78 1.75
C THR A 8 18.28 -0.75 1.27
N ASN A 9 18.78 0.35 0.71
CA ASN A 9 17.93 1.42 0.20
C ASN A 9 16.77 1.67 1.16
N ASP A 10 17.02 1.50 2.45
CA ASP A 10 15.99 1.72 3.47
C ASP A 10 14.66 1.11 3.04
N GLU A 11 14.72 -0.10 2.48
CA GLU A 11 13.53 -0.79 2.02
C GLU A 11 12.83 -1.50 3.19
N GLU A 12 13.53 -1.62 4.31
CA GLU A 12 12.98 -2.26 5.49
C GLU A 12 11.72 -1.55 5.97
N THR A 13 11.84 -0.24 6.19
CA THR A 13 10.71 0.55 6.66
C THR A 13 9.52 0.42 5.72
N ILE A 14 9.76 0.67 4.43
CA ILE A 14 8.70 0.58 3.43
C ILE A 14 7.71 -0.52 3.78
N GLN A 15 8.23 -1.69 4.14
CA GLN A 15 7.39 -2.83 4.50
C GLN A 15 6.66 -2.56 5.82
N GLN A 16 7.38 -2.01 6.79
CA GLN A 16 6.80 -1.72 8.09
C GLN A 16 5.58 -0.81 7.95
N GLN A 17 5.72 0.22 7.12
CA GLN A 17 4.62 1.16 6.90
C GLN A 17 3.42 0.47 6.26
N ILE A 18 3.67 -0.22 5.15
CA ILE A 18 2.61 -0.92 4.44
C ILE A 18 1.79 -1.77 5.39
N LEU A 19 2.46 -2.60 6.19
CA LEU A 19 1.79 -3.47 7.15
C LEU A 19 0.86 -2.66 8.05
N ALA A 20 1.34 -1.50 8.50
CA ALA A 20 0.56 -0.63 9.37
C ALA A 20 -0.83 -0.38 8.78
N LEU A 21 -0.87 -0.02 7.50
CA LEU A 21 -2.14 0.26 6.82
C LEU A 21 -3.18 -0.79 7.18
N SER A 22 -2.80 -2.07 7.08
CA SER A 22 -3.71 -3.16 7.39
C SER A 22 -4.46 -2.90 8.70
N ALA A 23 -3.69 -2.67 9.77
CA ALA A 23 -4.27 -2.40 11.08
C ALA A 23 -5.25 -1.24 11.02
N ASP A 24 -5.01 -0.31 10.10
CA ASP A 24 -5.88 0.85 9.93
C ASP A 24 -6.97 0.58 8.91
N LYS A 25 -8.16 1.13 9.15
CA LYS A 25 -9.28 0.95 8.25
C LYS A 25 -9.65 2.26 7.57
N ARG A 26 -9.33 3.37 8.22
CA ARG A 26 -9.63 4.69 7.68
C ARG A 26 -8.94 4.90 6.33
N ASN A 27 -7.97 4.04 6.04
CA ASN A 27 -7.23 4.13 4.79
C ASN A 27 -7.97 3.41 3.66
N PHE A 28 -8.91 2.55 4.04
CA PHE A 28 -9.70 1.80 3.06
C PHE A 28 -10.90 2.62 2.60
N LEU A 29 -11.33 3.56 3.43
CA LEU A 29 -12.46 4.41 3.09
C LEU A 29 -12.00 5.74 2.51
N ARG A 30 -10.91 6.27 3.04
CA ARG A 30 -10.35 7.54 2.58
C ARG A 30 -9.85 7.42 1.14
N ASP A 31 -10.52 8.11 0.22
CA ASP A 31 -10.13 8.08 -1.18
C ASP A 31 -9.37 9.34 -1.56
N PRO A 32 -8.40 9.18 -2.47
CA PRO A 32 -7.57 10.30 -2.94
C PRO A 32 -8.35 11.27 -3.80
N PRO A 33 -7.80 12.49 -3.97
CA PRO A 33 -8.43 13.54 -4.79
C PRO A 33 -8.42 13.21 -6.27
N ALA A 34 -8.98 14.10 -7.08
CA ALA A 34 -9.02 13.92 -8.53
C ALA A 34 -7.81 14.56 -9.20
N GLY A 35 -7.55 15.82 -8.85
CA GLY A 35 -6.43 16.52 -9.44
C GLY A 35 -5.19 15.64 -9.57
N VAL A 36 -4.95 14.80 -8.56
CA VAL A 36 -3.81 13.90 -8.57
C VAL A 36 -3.87 12.94 -9.74
N GLN A 37 -2.70 12.53 -10.23
CA GLN A 37 -2.62 11.61 -11.35
C GLN A 37 -2.16 10.24 -10.89
N PHE A 38 -3.12 9.35 -10.66
CA PHE A 38 -2.81 7.99 -10.20
C PHE A 38 -3.56 6.96 -11.05
N ASN A 39 -2.94 6.57 -12.17
CA ASN A 39 -3.55 5.59 -13.07
C ASN A 39 -3.41 4.19 -12.50
N PHE A 40 -4.34 3.82 -11.63
CA PHE A 40 -4.33 2.50 -11.01
C PHE A 40 -5.23 1.53 -11.77
N ASP A 41 -4.62 0.62 -12.51
CA ASP A 41 -5.36 -0.36 -13.29
C ASP A 41 -5.72 -1.57 -12.44
N PHE A 42 -6.84 -1.48 -11.72
CA PHE A 42 -7.29 -2.57 -10.86
C PHE A 42 -7.21 -3.91 -11.59
N ASP A 43 -7.82 -3.97 -12.77
CA ASP A 43 -7.82 -5.19 -13.57
C ASP A 43 -6.44 -5.83 -13.57
N GLN A 44 -5.40 -5.00 -13.42
CA GLN A 44 -4.03 -5.49 -13.41
C GLN A 44 -3.51 -5.63 -11.98
N MET A 45 -4.14 -4.92 -11.06
CA MET A 45 -3.75 -4.97 -9.66
C MET A 45 -4.74 -5.78 -8.84
N TYR A 46 -5.66 -6.43 -9.53
CA TYR A 46 -6.67 -7.26 -8.86
C TYR A 46 -6.05 -8.51 -8.27
N PRO A 47 -5.41 -9.32 -9.12
CA PRO A 47 -4.76 -10.56 -8.70
C PRO A 47 -3.51 -10.32 -7.86
N VAL A 48 -2.72 -9.34 -8.28
CA VAL A 48 -1.49 -8.98 -7.56
C VAL A 48 -1.78 -8.69 -6.09
N ALA A 49 -3.01 -8.29 -5.81
CA ALA A 49 -3.42 -7.97 -4.44
C ALA A 49 -3.65 -9.25 -3.64
N LEU A 50 -4.24 -10.25 -4.28
CA LEU A 50 -4.53 -11.53 -3.62
C LEU A 50 -3.30 -12.04 -2.88
N VAL A 51 -2.13 -11.81 -3.46
CA VAL A 51 -0.87 -12.24 -2.86
C VAL A 51 -0.60 -11.49 -1.56
N MET A 52 -1.02 -10.23 -1.51
CA MET A 52 -0.81 -9.40 -0.34
C MET A 52 -1.75 -9.83 0.80
N LEU A 53 -2.79 -10.57 0.45
CA LEU A 53 -3.76 -11.04 1.43
C LEU A 53 -3.18 -12.18 2.27
N GLN A 54 -2.63 -13.17 1.59
CA GLN A 54 -2.04 -14.33 2.27
C GLN A 54 -0.93 -13.88 3.22
N GLU A 55 -0.10 -12.95 2.77
CA GLU A 55 1.00 -12.44 3.58
C GLU A 55 0.48 -11.86 4.89
N ASP A 56 -0.40 -10.87 4.78
CA ASP A 56 -0.97 -10.22 5.95
C ASP A 56 -2.39 -10.73 6.22
N GLU A 57 -2.60 -11.29 7.41
CA GLU A 57 -3.90 -11.82 7.79
C GLU A 57 -4.87 -10.69 8.11
N LEU A 58 -4.33 -9.59 8.62
CA LEU A 58 -5.15 -8.43 8.97
C LEU A 58 -5.79 -7.81 7.74
N LEU A 59 -4.97 -7.47 6.76
CA LEU A 59 -5.45 -6.87 5.51
C LEU A 59 -6.62 -7.67 4.95
N SER A 60 -6.43 -8.98 4.82
CA SER A 60 -7.47 -9.85 4.29
C SER A 60 -8.68 -9.87 5.21
N LYS A 61 -8.51 -10.41 6.40
CA LYS A 61 -9.60 -10.48 7.39
C LYS A 61 -10.42 -9.20 7.38
N MET A 62 -9.74 -8.07 7.34
CA MET A 62 -10.40 -6.76 7.32
C MET A 62 -11.15 -6.55 6.01
N ARG A 63 -10.39 -6.48 4.92
CA ARG A 63 -10.98 -6.27 3.60
C ARG A 63 -12.34 -6.95 3.50
N PHE A 64 -12.37 -8.25 3.76
CA PHE A 64 -13.62 -9.01 3.70
C PHE A 64 -14.71 -8.33 4.52
N ALA A 65 -14.42 -8.06 5.79
CA ALA A 65 -15.38 -7.41 6.67
C ALA A 65 -15.45 -5.91 6.39
N LEU A 66 -14.60 -5.44 5.50
CA LEU A 66 -14.57 -4.02 5.14
C LEU A 66 -14.90 -3.83 3.66
N VAL A 67 -15.34 -4.90 3.01
CA VAL A 67 -15.69 -4.85 1.59
C VAL A 67 -16.53 -6.05 1.19
N PRO A 68 -17.64 -5.77 0.48
CA PRO A 68 -18.04 -4.42 0.10
C PRO A 68 -18.49 -3.59 1.31
N LYS A 69 -18.42 -4.19 2.49
CA LYS A 69 -18.83 -3.52 3.72
C LYS A 69 -18.56 -2.02 3.62
N LEU A 70 -17.33 -1.66 3.27
CA LEU A 70 -16.95 -0.26 3.13
C LEU A 70 -16.99 0.19 1.68
N VAL A 71 -16.08 -0.36 0.88
CA VAL A 71 -16.01 -0.04 -0.54
C VAL A 71 -15.93 -1.28 -1.40
N LYS A 72 -16.06 -1.11 -2.71
CA LYS A 72 -16.00 -2.24 -3.64
C LYS A 72 -14.59 -2.82 -3.68
N GLU A 73 -14.49 -4.10 -4.05
CA GLU A 73 -13.20 -4.77 -4.13
C GLU A 73 -12.21 -3.96 -4.96
N GLU A 74 -12.71 -3.34 -6.03
CA GLU A 74 -11.86 -2.52 -6.90
C GLU A 74 -11.37 -1.28 -6.18
N VAL A 75 -12.31 -0.46 -5.73
CA VAL A 75 -11.97 0.78 -5.02
C VAL A 75 -10.99 0.50 -3.88
N PHE A 76 -11.39 -0.39 -2.97
CA PHE A 76 -10.55 -0.74 -1.82
C PHE A 76 -9.10 -0.92 -2.26
N TRP A 77 -8.86 -1.91 -3.11
CA TRP A 77 -7.53 -2.19 -3.61
C TRP A 77 -6.87 -0.93 -4.17
N ARG A 78 -7.68 -0.06 -4.75
CA ARG A 78 -7.18 1.18 -5.32
C ARG A 78 -6.56 2.06 -4.25
N ASN A 79 -7.34 2.39 -3.23
CA ASN A 79 -6.87 3.24 -2.13
C ASN A 79 -5.63 2.63 -1.47
N TYR A 80 -5.82 1.47 -0.84
CA TYR A 80 -4.72 0.78 -0.16
C TYR A 80 -3.42 0.97 -0.92
N PHE A 81 -3.47 0.76 -2.23
CA PHE A 81 -2.28 0.92 -3.08
C PHE A 81 -1.80 2.36 -3.09
N TYR A 82 -2.70 3.28 -3.40
CA TYR A 82 -2.37 4.70 -3.45
C TYR A 82 -1.36 5.05 -2.36
N ARG A 83 -1.66 4.65 -1.13
CA ARG A 83 -0.78 4.92 -0.01
C ARG A 83 0.53 4.15 -0.13
N VAL A 84 0.44 2.89 -0.53
CA VAL A 84 1.62 2.05 -0.69
C VAL A 84 2.61 2.67 -1.67
N SER A 85 2.13 2.95 -2.88
CA SER A 85 2.97 3.55 -3.91
C SER A 85 3.84 4.67 -3.33
N LEU A 86 3.21 5.52 -2.52
CA LEU A 86 3.93 6.64 -1.90
C LEU A 86 5.00 6.13 -0.93
N ILE A 87 4.67 5.07 -0.19
CA ILE A 87 5.61 4.49 0.76
C ILE A 87 6.78 3.85 0.05
N LYS A 88 6.49 2.92 -0.85
CA LYS A 88 7.53 2.23 -1.61
C LYS A 88 8.37 3.22 -2.40
N GLN A 89 7.72 4.24 -2.94
CA GLN A 89 8.42 5.26 -3.74
C GLN A 89 9.66 5.76 -3.00
N SER A 90 9.46 6.24 -1.78
CA SER A 90 10.57 6.74 -0.97
C SER A 90 11.82 5.88 -1.15
N ALA A 91 11.61 4.57 -1.26
CA ALA A 91 12.71 3.64 -1.43
C ALA A 91 13.48 3.93 -2.72
N GLN A 92 12.78 3.91 -3.84
CA GLN A 92 13.39 4.17 -5.14
C GLN A 92 13.55 5.67 -5.37
N LEU A 93 14.19 6.02 -6.48
CA LEU A 93 14.42 7.43 -6.83
C LEU A 93 13.95 7.72 -8.25
N THR A 94 12.92 8.55 -8.37
CA THR A 94 12.38 8.91 -9.67
C THR A 94 12.48 10.42 -9.91
N SER A 95 12.97 10.81 -11.09
CA SER A 95 13.11 12.21 -11.44
C SER A 95 11.76 12.93 -11.35
N GLY A 96 11.78 14.13 -10.80
CA GLY A 96 10.56 14.92 -10.67
C GLY A 96 10.13 15.07 -9.23
N PRO A 97 8.83 15.37 -9.03
CA PRO A 97 8.25 15.55 -7.70
C PRO A 97 8.18 14.24 -6.91
N SER A 98 8.49 14.32 -5.63
CA SER A 98 8.47 13.14 -4.77
C SER A 98 7.28 13.19 -3.81
N SER A 99 7.22 14.26 -3.02
CA SER A 99 6.13 14.44 -2.05
C SER A 99 5.71 15.90 -1.98
N GLY A 100 4.41 16.14 -2.14
CA GLY A 100 3.90 17.49 -2.08
C GLY A 100 4.34 18.23 -0.85
N GLY A 1 30.03 -7.58 17.80
CA GLY A 1 29.39 -6.30 17.61
C GLY A 1 27.89 -6.36 17.87
N SER A 2 27.46 -5.70 18.93
CA SER A 2 26.04 -5.69 19.30
C SER A 2 25.22 -4.96 18.24
N SER A 3 25.70 -3.80 17.82
CA SER A 3 25.00 -2.99 16.81
C SER A 3 25.03 -3.70 15.46
N GLY A 4 23.89 -4.30 15.10
CA GLY A 4 23.80 -4.99 13.82
C GLY A 4 23.43 -4.06 12.68
N SER A 5 24.24 -4.07 11.62
CA SER A 5 23.99 -3.22 10.47
C SER A 5 24.01 -4.04 9.18
N SER A 6 22.83 -4.33 8.65
CA SER A 6 22.70 -5.11 7.43
C SER A 6 21.51 -4.66 6.61
N GLY A 7 21.56 -4.89 5.30
CA GLY A 7 20.47 -4.50 4.43
C GLY A 7 20.96 -3.83 3.16
N THR A 8 20.37 -4.21 2.02
CA THR A 8 20.75 -3.64 0.74
C THR A 8 20.26 -2.21 0.60
N ASN A 9 18.98 -1.99 0.91
CA ASN A 9 18.38 -0.67 0.82
C ASN A 9 17.34 -0.47 1.92
N ASP A 10 16.67 0.68 1.90
CA ASP A 10 15.65 1.00 2.89
C ASP A 10 14.31 0.39 2.50
N GLU A 11 14.34 -0.85 2.02
CA GLU A 11 13.12 -1.53 1.62
C GLU A 11 12.55 -2.35 2.76
N GLU A 12 13.42 -3.04 3.49
CA GLU A 12 13.00 -3.86 4.63
C GLU A 12 11.91 -3.16 5.43
N THR A 13 11.97 -1.82 5.46
CA THR A 13 10.99 -1.05 6.20
C THR A 13 9.73 -0.82 5.37
N ILE A 14 9.91 -0.52 4.09
CA ILE A 14 8.79 -0.28 3.19
C ILE A 14 7.60 -1.17 3.55
N GLN A 15 7.89 -2.43 3.85
CA GLN A 15 6.84 -3.38 4.20
C GLN A 15 6.29 -3.09 5.60
N GLN A 16 7.20 -2.81 6.54
CA GLN A 16 6.80 -2.52 7.92
C GLN A 16 5.74 -1.42 7.94
N GLN A 17 5.80 -0.51 6.98
CA GLN A 17 4.83 0.58 6.89
C GLN A 17 3.52 0.11 6.30
N ILE A 18 3.56 -0.34 5.05
CA ILE A 18 2.37 -0.82 4.37
C ILE A 18 1.46 -1.58 5.33
N LEU A 19 2.06 -2.27 6.28
CA LEU A 19 1.29 -3.04 7.26
C LEU A 19 0.32 -2.14 8.04
N ALA A 20 0.84 -1.02 8.53
CA ALA A 20 0.01 -0.07 9.27
C ALA A 20 -1.36 0.09 8.63
N LEU A 21 -1.37 0.21 7.30
CA LEU A 21 -2.62 0.37 6.56
C LEU A 21 -3.56 -0.80 6.83
N SER A 22 -3.02 -2.01 6.83
CA SER A 22 -3.82 -3.20 7.08
C SER A 22 -4.47 -3.15 8.45
N ALA A 23 -3.71 -2.71 9.45
CA ALA A 23 -4.23 -2.61 10.81
C ALA A 23 -5.33 -1.56 10.90
N ASP A 24 -5.25 -0.54 10.05
CA ASP A 24 -6.24 0.53 10.04
C ASP A 24 -7.39 0.18 9.09
N LYS A 25 -8.40 1.04 9.07
CA LYS A 25 -9.56 0.84 8.20
C LYS A 25 -9.88 2.11 7.41
N ARG A 26 -9.73 3.25 8.06
CA ARG A 26 -10.00 4.54 7.43
C ARG A 26 -9.33 4.61 6.06
N ASN A 27 -8.03 4.35 6.02
CA ASN A 27 -7.27 4.39 4.77
C ASN A 27 -8.08 3.77 3.63
N PHE A 28 -8.70 2.63 3.91
CA PHE A 28 -9.49 1.93 2.90
C PHE A 28 -10.64 2.81 2.40
N LEU A 29 -11.25 3.54 3.33
CA LEU A 29 -12.35 4.43 2.98
C LEU A 29 -11.85 5.68 2.26
N ARG A 30 -10.79 6.27 2.80
CA ARG A 30 -10.22 7.48 2.21
C ARG A 30 -9.90 7.26 0.73
N ASP A 31 -10.14 8.28 -0.09
CA ASP A 31 -9.87 8.20 -1.51
C ASP A 31 -9.09 9.41 -1.99
N PRO A 32 -8.18 9.19 -2.95
CA PRO A 32 -7.34 10.26 -3.51
C PRO A 32 -8.15 11.23 -4.37
N PRO A 33 -7.54 12.38 -4.69
CA PRO A 33 -8.18 13.42 -5.50
C PRO A 33 -8.36 13.00 -6.96
N ALA A 34 -8.93 13.88 -7.76
CA ALA A 34 -9.15 13.60 -9.17
C ALA A 34 -8.00 14.11 -10.03
N GLY A 35 -7.60 15.36 -9.79
CA GLY A 35 -6.51 15.94 -10.55
C GLY A 35 -5.36 14.97 -10.75
N VAL A 36 -5.06 14.19 -9.72
CA VAL A 36 -3.96 13.22 -9.78
C VAL A 36 -4.22 12.19 -10.87
N GLN A 37 -3.25 12.02 -11.76
CA GLN A 37 -3.37 11.06 -12.85
C GLN A 37 -3.06 9.64 -12.36
N PHE A 38 -3.64 9.27 -11.23
CA PHE A 38 -3.42 7.95 -10.66
C PHE A 38 -3.82 6.86 -11.65
N ASN A 39 -4.99 7.02 -12.27
CA ASN A 39 -5.47 6.05 -13.24
C ASN A 39 -5.08 4.63 -12.84
N PHE A 40 -5.10 4.37 -11.54
CA PHE A 40 -4.75 3.05 -11.02
C PHE A 40 -5.56 1.96 -11.71
N ASP A 41 -4.92 0.82 -11.95
CA ASP A 41 -5.58 -0.30 -12.61
C ASP A 41 -5.92 -1.38 -11.61
N PHE A 42 -7.22 -1.68 -11.48
CA PHE A 42 -7.68 -2.70 -10.56
C PHE A 42 -7.44 -4.10 -11.11
N ASP A 43 -7.79 -4.29 -12.39
CA ASP A 43 -7.60 -5.59 -13.04
C ASP A 43 -6.13 -5.98 -13.06
N GLN A 44 -5.25 -4.98 -13.13
CA GLN A 44 -3.82 -5.22 -13.15
C GLN A 44 -3.29 -5.52 -11.75
N MET A 45 -3.69 -4.69 -10.79
CA MET A 45 -3.26 -4.86 -9.41
C MET A 45 -4.26 -5.69 -8.63
N TYR A 46 -5.20 -6.30 -9.33
CA TYR A 46 -6.23 -7.12 -8.70
C TYR A 46 -5.63 -8.40 -8.14
N PRO A 47 -4.99 -9.19 -9.01
CA PRO A 47 -4.36 -10.45 -8.63
C PRO A 47 -3.11 -10.25 -7.78
N VAL A 48 -2.30 -9.27 -8.16
CA VAL A 48 -1.08 -8.97 -7.42
C VAL A 48 -1.38 -8.71 -5.94
N ALA A 49 -2.54 -8.14 -5.67
CA ALA A 49 -2.95 -7.84 -4.30
C ALA A 49 -3.16 -9.12 -3.50
N LEU A 50 -3.85 -10.09 -4.10
CA LEU A 50 -4.12 -11.36 -3.44
C LEU A 50 -2.87 -11.87 -2.73
N VAL A 51 -1.71 -11.69 -3.35
CA VAL A 51 -0.45 -12.14 -2.78
C VAL A 51 -0.13 -11.36 -1.51
N MET A 52 -0.49 -10.09 -1.49
CA MET A 52 -0.25 -9.23 -0.33
C MET A 52 -1.15 -9.62 0.83
N LEU A 53 -2.31 -10.19 0.51
CA LEU A 53 -3.27 -10.61 1.53
C LEU A 53 -2.67 -11.67 2.44
N GLN A 54 -2.13 -12.73 1.83
CA GLN A 54 -1.52 -13.82 2.58
C GLN A 54 -0.61 -13.28 3.68
N GLU A 55 0.44 -12.57 3.26
CA GLU A 55 1.39 -12.00 4.21
C GLU A 55 0.67 -11.22 5.31
N ASP A 56 -0.07 -10.20 4.91
CA ASP A 56 -0.81 -9.37 5.85
C ASP A 56 -2.18 -9.96 6.13
N GLU A 57 -2.31 -10.63 7.27
CA GLU A 57 -3.57 -11.25 7.66
C GLU A 57 -4.62 -10.19 7.96
N LEU A 58 -4.17 -9.06 8.49
CA LEU A 58 -5.08 -7.96 8.84
C LEU A 58 -5.62 -7.29 7.58
N LEU A 59 -4.97 -7.54 6.45
CA LEU A 59 -5.38 -6.96 5.17
C LEU A 59 -6.53 -7.75 4.57
N SER A 60 -6.49 -9.07 4.73
CA SER A 60 -7.52 -9.94 4.19
C SER A 60 -8.74 -9.96 5.10
N LYS A 61 -8.51 -10.23 6.38
CA LYS A 61 -9.60 -10.28 7.36
C LYS A 61 -10.38 -8.97 7.37
N MET A 62 -9.66 -7.85 7.29
CA MET A 62 -10.29 -6.54 7.28
C MET A 62 -11.02 -6.29 5.97
N ARG A 63 -10.29 -6.34 4.86
CA ARG A 63 -10.87 -6.13 3.54
C ARG A 63 -12.28 -6.72 3.47
N PHE A 64 -12.38 -8.02 3.71
CA PHE A 64 -13.66 -8.72 3.66
C PHE A 64 -14.66 -8.07 4.63
N ALA A 65 -14.22 -7.82 5.86
CA ALA A 65 -15.07 -7.21 6.86
C ALA A 65 -15.33 -5.74 6.54
N LEU A 66 -14.56 -5.19 5.60
CA LEU A 66 -14.72 -3.80 5.20
C LEU A 66 -15.08 -3.71 3.72
N VAL A 67 -15.40 -4.84 3.12
CA VAL A 67 -15.77 -4.89 1.71
C VAL A 67 -16.51 -6.18 1.37
N PRO A 68 -17.65 -6.05 0.68
CA PRO A 68 -18.18 -4.75 0.26
C PRO A 68 -18.69 -3.92 1.44
N LYS A 69 -18.58 -4.49 2.64
CA LYS A 69 -19.03 -3.80 3.85
C LYS A 69 -18.93 -2.30 3.69
N LEU A 70 -17.72 -1.80 3.49
CA LEU A 70 -17.49 -0.36 3.32
C LEU A 70 -17.61 0.02 1.85
N VAL A 71 -16.67 -0.46 1.04
CA VAL A 71 -16.67 -0.16 -0.39
C VAL A 71 -16.43 -1.41 -1.22
N LYS A 72 -16.54 -1.28 -2.53
CA LYS A 72 -16.33 -2.41 -3.44
C LYS A 72 -14.86 -2.78 -3.52
N GLU A 73 -14.58 -4.07 -3.53
CA GLU A 73 -13.20 -4.55 -3.60
C GLU A 73 -12.40 -3.76 -4.63
N GLU A 74 -13.01 -3.52 -5.79
CA GLU A 74 -12.36 -2.78 -6.86
C GLU A 74 -11.73 -1.50 -6.32
N VAL A 75 -12.53 -0.68 -5.64
CA VAL A 75 -12.04 0.58 -5.08
C VAL A 75 -11.12 0.32 -3.89
N PHE A 76 -11.66 -0.32 -2.86
CA PHE A 76 -10.88 -0.63 -1.66
C PHE A 76 -9.42 -0.93 -2.02
N TRP A 77 -9.23 -1.64 -3.12
CA TRP A 77 -7.89 -2.01 -3.58
C TRP A 77 -7.16 -0.79 -4.13
N ARG A 78 -7.85 -0.01 -4.95
CA ARG A 78 -7.26 1.18 -5.55
C ARG A 78 -6.68 2.09 -4.48
N ASN A 79 -7.46 2.35 -3.43
CA ASN A 79 -7.01 3.21 -2.35
C ASN A 79 -5.80 2.60 -1.63
N TYR A 80 -6.00 1.42 -1.06
CA TYR A 80 -4.92 0.73 -0.35
C TYR A 80 -3.58 0.94 -1.05
N PHE A 81 -3.54 0.59 -2.33
CA PHE A 81 -2.31 0.73 -3.12
C PHE A 81 -1.83 2.18 -3.12
N TYR A 82 -2.74 3.11 -3.42
CA TYR A 82 -2.41 4.53 -3.46
C TYR A 82 -1.38 4.87 -2.39
N ARG A 83 -1.71 4.58 -1.14
CA ARG A 83 -0.81 4.85 -0.03
C ARG A 83 0.50 4.10 -0.19
N VAL A 84 0.41 2.82 -0.52
CA VAL A 84 1.59 1.99 -0.70
C VAL A 84 2.59 2.66 -1.65
N SER A 85 2.17 2.87 -2.89
CA SER A 85 3.02 3.49 -3.90
C SER A 85 3.77 4.68 -3.30
N LEU A 86 3.09 5.45 -2.46
CA LEU A 86 3.68 6.62 -1.83
C LEU A 86 4.77 6.21 -0.84
N ILE A 87 4.48 5.17 -0.05
CA ILE A 87 5.42 4.67 0.94
C ILE A 87 6.65 4.08 0.26
N LYS A 88 6.41 3.20 -0.71
CA LYS A 88 7.50 2.55 -1.44
C LYS A 88 8.44 3.58 -2.07
N GLN A 89 7.85 4.51 -2.83
CA GLN A 89 8.62 5.55 -3.49
C GLN A 89 9.34 6.43 -2.46
N SER A 90 8.56 7.00 -1.54
CA SER A 90 9.11 7.87 -0.51
C SER A 90 10.37 7.24 0.12
N ALA A 91 10.18 6.07 0.71
CA ALA A 91 11.29 5.37 1.35
C ALA A 91 12.17 6.32 2.14
N GLN A 92 11.56 7.34 2.73
CA GLN A 92 12.28 8.33 3.52
C GLN A 92 11.36 9.03 4.51
N LEU A 93 11.91 9.40 5.67
CA LEU A 93 11.13 10.07 6.70
C LEU A 93 9.96 9.20 7.16
N THR A 94 10.26 7.95 7.50
CA THR A 94 9.24 7.02 7.95
C THR A 94 8.93 7.22 9.43
N SER A 95 7.78 6.71 9.86
CA SER A 95 7.36 6.84 11.26
C SER A 95 7.64 5.56 12.03
N GLY A 96 8.07 5.72 13.28
CA GLY A 96 8.38 4.56 14.11
C GLY A 96 9.80 4.58 14.63
N PRO A 97 10.02 3.93 15.79
CA PRO A 97 11.34 3.87 16.43
C PRO A 97 12.31 3.00 15.63
N SER A 98 11.78 2.12 14.80
CA SER A 98 12.60 1.22 14.00
C SER A 98 13.71 1.99 13.31
N SER A 99 14.62 1.27 12.65
CA SER A 99 15.74 1.89 11.95
C SER A 99 16.10 1.09 10.71
N GLY A 100 16.82 1.72 9.79
CA GLY A 100 17.22 1.05 8.56
C GLY A 100 18.57 1.54 8.06
N GLY A 1 35.26 1.85 14.12
CA GLY A 1 35.34 2.04 12.68
C GLY A 1 34.33 3.06 12.17
N SER A 2 34.56 3.55 10.96
CA SER A 2 33.68 4.55 10.37
C SER A 2 33.83 4.57 8.84
N SER A 3 32.71 4.49 8.14
CA SER A 3 32.72 4.50 6.69
C SER A 3 31.30 4.71 6.13
N GLY A 4 31.23 5.16 4.89
CA GLY A 4 29.93 5.39 4.27
C GLY A 4 29.99 5.25 2.75
N SER A 5 29.57 4.10 2.26
CA SER A 5 29.58 3.83 0.82
C SER A 5 28.23 3.30 0.37
N SER A 6 27.82 3.71 -0.84
CA SER A 6 26.54 3.27 -1.39
C SER A 6 26.24 1.83 -1.02
N GLY A 7 25.12 1.60 -0.35
CA GLY A 7 24.75 0.26 0.05
C GLY A 7 23.40 -0.16 -0.51
N THR A 8 22.39 -0.20 0.35
CA THR A 8 21.04 -0.59 -0.05
C THR A 8 19.99 0.31 0.58
N ASN A 9 18.99 0.68 -0.21
CA ASN A 9 17.92 1.54 0.27
C ASN A 9 17.14 0.86 1.40
N ASP A 10 16.75 1.64 2.39
CA ASP A 10 16.00 1.12 3.53
C ASP A 10 14.68 0.50 3.07
N GLU A 11 14.74 -0.76 2.64
CA GLU A 11 13.56 -1.47 2.17
C GLU A 11 12.92 -2.26 3.32
N GLU A 12 13.72 -2.65 4.29
CA GLU A 12 13.22 -3.40 5.44
C GLU A 12 12.10 -2.65 6.13
N THR A 13 12.04 -1.34 5.93
CA THR A 13 11.01 -0.51 6.53
C THR A 13 9.80 -0.37 5.61
N ILE A 14 10.06 -0.05 4.35
CA ILE A 14 9.01 0.13 3.37
C ILE A 14 7.84 -0.82 3.64
N GLN A 15 8.16 -2.08 3.94
CA GLN A 15 7.13 -3.08 4.22
C GLN A 15 6.41 -2.75 5.53
N GLN A 16 7.19 -2.46 6.57
CA GLN A 16 6.62 -2.14 7.88
C GLN A 16 5.44 -1.18 7.73
N GLN A 17 5.65 -0.09 7.01
CA GLN A 17 4.60 0.90 6.81
C GLN A 17 3.39 0.28 6.13
N ILE A 18 3.59 -0.23 4.92
CA ILE A 18 2.52 -0.85 4.15
C ILE A 18 1.63 -1.70 5.06
N LEU A 19 2.25 -2.48 5.94
CA LEU A 19 1.51 -3.33 6.86
C LEU A 19 0.56 -2.50 7.72
N ALA A 20 1.08 -1.43 8.29
CA ALA A 20 0.28 -0.55 9.14
C ALA A 20 -1.07 -0.25 8.51
N LEU A 21 -1.08 -0.09 7.19
CA LEU A 21 -2.31 0.18 6.46
C LEU A 21 -3.41 -0.80 6.84
N SER A 22 -3.06 -2.08 6.85
CA SER A 22 -4.02 -3.13 7.20
C SER A 22 -4.50 -2.97 8.64
N ALA A 23 -3.68 -2.32 9.46
CA ALA A 23 -4.03 -2.10 10.86
C ALA A 23 -5.10 -1.03 11.00
N ASP A 24 -5.10 -0.08 10.07
CA ASP A 24 -6.07 1.01 10.08
C ASP A 24 -7.22 0.72 9.12
N LYS A 25 -8.24 1.59 9.14
CA LYS A 25 -9.39 1.43 8.26
C LYS A 25 -9.72 2.74 7.56
N ARG A 26 -9.46 3.86 8.23
CA ARG A 26 -9.73 5.17 7.66
C ARG A 26 -9.13 5.29 6.27
N ASN A 27 -8.08 4.50 6.01
CA ASN A 27 -7.41 4.52 4.71
C ASN A 27 -8.28 3.86 3.65
N PHE A 28 -8.89 2.73 4.00
CA PHE A 28 -9.74 2.00 3.08
C PHE A 28 -10.93 2.85 2.63
N LEU A 29 -11.55 3.52 3.59
CA LEU A 29 -12.70 4.38 3.29
C LEU A 29 -12.26 5.66 2.58
N ARG A 30 -11.12 6.19 3.00
CA ARG A 30 -10.59 7.41 2.40
C ARG A 30 -10.04 7.14 1.01
N ASP A 31 -10.52 7.91 0.03
CA ASP A 31 -10.07 7.75 -1.35
C ASP A 31 -9.37 9.01 -1.85
N PRO A 32 -8.39 8.83 -2.74
CA PRO A 32 -7.62 9.95 -3.31
C PRO A 32 -8.46 10.80 -4.26
N PRO A 33 -7.94 11.98 -4.61
CA PRO A 33 -8.63 12.91 -5.51
C PRO A 33 -8.67 12.41 -6.95
N ALA A 34 -9.22 13.22 -7.84
CA ALA A 34 -9.31 12.85 -9.25
C ALA A 34 -8.16 13.43 -10.05
N GLY A 35 -7.97 14.74 -9.93
CA GLY A 35 -6.89 15.40 -10.66
C GLY A 35 -5.58 14.63 -10.58
N VAL A 36 -5.31 14.05 -9.42
CA VAL A 36 -4.09 13.28 -9.22
C VAL A 36 -3.95 12.18 -10.26
N GLN A 37 -2.73 11.98 -10.75
CA GLN A 37 -2.47 10.96 -11.76
C GLN A 37 -1.78 9.75 -11.13
N PHE A 38 -2.58 8.81 -10.65
CA PHE A 38 -2.06 7.60 -10.02
C PHE A 38 -2.37 6.37 -10.88
N ASN A 39 -1.55 6.18 -11.93
CA ASN A 39 -1.73 5.04 -12.82
C ASN A 39 -1.92 3.75 -12.03
N PHE A 40 -3.14 3.24 -12.01
CA PHE A 40 -3.45 2.00 -11.30
C PHE A 40 -4.61 1.28 -11.94
N ASP A 41 -4.36 0.07 -12.43
CA ASP A 41 -5.39 -0.74 -13.08
C ASP A 41 -5.89 -1.83 -12.13
N PHE A 42 -6.95 -1.53 -11.40
CA PHE A 42 -7.53 -2.48 -10.46
C PHE A 42 -7.41 -3.91 -10.98
N ASP A 43 -7.56 -4.05 -12.29
CA ASP A 43 -7.47 -5.37 -12.94
C ASP A 43 -6.04 -5.90 -12.87
N GLN A 44 -5.09 -5.06 -13.25
CA GLN A 44 -3.68 -5.45 -13.25
C GLN A 44 -3.18 -5.66 -11.82
N MET A 45 -3.76 -4.91 -10.89
CA MET A 45 -3.37 -5.01 -9.48
C MET A 45 -4.39 -5.82 -8.69
N TYR A 46 -5.39 -6.36 -9.39
CA TYR A 46 -6.43 -7.14 -8.76
C TYR A 46 -5.88 -8.45 -8.20
N PRO A 47 -5.27 -9.26 -9.09
CA PRO A 47 -4.68 -10.54 -8.71
C PRO A 47 -3.42 -10.37 -7.87
N VAL A 48 -2.54 -9.48 -8.29
CA VAL A 48 -1.30 -9.22 -7.56
C VAL A 48 -1.57 -8.97 -6.09
N ALA A 49 -2.78 -8.50 -5.78
CA ALA A 49 -3.17 -8.22 -4.40
C ALA A 49 -3.49 -9.50 -3.65
N LEU A 50 -4.16 -10.43 -4.32
CA LEU A 50 -4.54 -11.69 -3.72
C LEU A 50 -3.36 -12.30 -2.96
N VAL A 51 -2.16 -12.06 -3.45
CA VAL A 51 -0.95 -12.58 -2.82
C VAL A 51 -0.66 -11.85 -1.52
N MET A 52 -0.94 -10.55 -1.49
CA MET A 52 -0.71 -9.74 -0.30
C MET A 52 -1.61 -10.20 0.85
N LEU A 53 -2.83 -10.60 0.51
CA LEU A 53 -3.79 -11.06 1.51
C LEU A 53 -3.21 -12.21 2.34
N GLN A 54 -2.82 -13.28 1.65
CA GLN A 54 -2.25 -14.44 2.31
C GLN A 54 -1.03 -14.05 3.14
N GLU A 55 -0.29 -13.07 2.67
CA GLU A 55 0.90 -12.60 3.36
C GLU A 55 0.54 -11.92 4.68
N ASP A 56 -0.53 -11.12 4.65
CA ASP A 56 -0.99 -10.43 5.85
C ASP A 56 -2.47 -10.71 6.12
N GLU A 57 -2.75 -11.27 7.29
CA GLU A 57 -4.12 -11.60 7.66
C GLU A 57 -4.90 -10.34 8.01
N LEU A 58 -4.25 -9.41 8.70
CA LEU A 58 -4.89 -8.16 9.09
C LEU A 58 -5.40 -7.40 7.87
N LEU A 59 -4.87 -7.75 6.71
CA LEU A 59 -5.27 -7.11 5.46
C LEU A 59 -6.50 -7.78 4.86
N SER A 60 -6.51 -9.11 4.87
CA SER A 60 -7.62 -9.87 4.33
C SER A 60 -8.82 -9.82 5.27
N LYS A 61 -8.64 -10.35 6.47
CA LYS A 61 -9.71 -10.38 7.47
C LYS A 61 -10.44 -9.03 7.51
N MET A 62 -9.71 -7.95 7.31
CA MET A 62 -10.29 -6.61 7.31
C MET A 62 -11.08 -6.36 6.04
N ARG A 63 -10.37 -6.28 4.92
CA ARG A 63 -11.01 -6.05 3.62
C ARG A 63 -12.36 -6.76 3.54
N PHE A 64 -12.34 -8.07 3.76
CA PHE A 64 -13.57 -8.86 3.71
C PHE A 64 -14.65 -8.25 4.60
N ALA A 65 -14.28 -7.89 5.82
CA ALA A 65 -15.22 -7.30 6.77
C ALA A 65 -15.35 -5.80 6.53
N LEU A 66 -14.51 -5.26 5.65
CA LEU A 66 -14.53 -3.84 5.32
C LEU A 66 -14.92 -3.62 3.86
N VAL A 67 -15.48 -4.64 3.24
CA VAL A 67 -15.89 -4.55 1.85
C VAL A 67 -16.79 -5.73 1.47
N PRO A 68 -17.93 -5.41 0.82
CA PRO A 68 -18.29 -4.02 0.49
C PRO A 68 -18.66 -3.21 1.73
N LYS A 69 -18.55 -3.84 2.89
CA LYS A 69 -18.86 -3.18 4.16
C LYS A 69 -18.54 -1.69 4.08
N LEU A 70 -17.38 -1.37 3.51
CA LEU A 70 -16.95 0.02 3.38
C LEU A 70 -16.98 0.46 1.91
N VAL A 71 -16.02 -0.04 1.14
CA VAL A 71 -15.95 0.31 -0.28
C VAL A 71 -15.97 -0.95 -1.15
N LYS A 72 -15.97 -0.76 -2.47
CA LYS A 72 -15.99 -1.86 -3.40
C LYS A 72 -14.61 -2.51 -3.53
N GLU A 73 -14.59 -3.84 -3.54
CA GLU A 73 -13.33 -4.58 -3.66
C GLU A 73 -12.34 -3.82 -4.54
N GLU A 74 -12.79 -3.40 -5.71
CA GLU A 74 -11.95 -2.67 -6.65
C GLU A 74 -11.43 -1.38 -6.02
N VAL A 75 -12.33 -0.63 -5.37
CA VAL A 75 -11.96 0.62 -4.73
C VAL A 75 -11.00 0.38 -3.58
N PHE A 76 -11.35 -0.55 -2.70
CA PHE A 76 -10.51 -0.88 -1.55
C PHE A 76 -9.06 -1.12 -1.98
N TRP A 77 -8.89 -1.75 -3.13
CA TRP A 77 -7.56 -2.05 -3.66
C TRP A 77 -6.92 -0.78 -4.24
N ARG A 78 -7.73 0.02 -4.93
CA ARG A 78 -7.23 1.25 -5.53
C ARG A 78 -6.61 2.16 -4.48
N ASN A 79 -7.21 2.16 -3.30
CA ASN A 79 -6.72 3.00 -2.20
C ASN A 79 -5.50 2.37 -1.53
N TYR A 80 -5.69 1.16 -1.00
CA TYR A 80 -4.61 0.45 -0.34
C TYR A 80 -3.30 0.60 -1.10
N PHE A 81 -3.37 0.43 -2.42
CA PHE A 81 -2.19 0.55 -3.26
C PHE A 81 -1.71 1.99 -3.34
N TYR A 82 -2.59 2.88 -3.78
CA TYR A 82 -2.25 4.29 -3.88
C TYR A 82 -1.30 4.72 -2.77
N ARG A 83 -1.70 4.47 -1.54
CA ARG A 83 -0.88 4.82 -0.38
C ARG A 83 0.46 4.12 -0.43
N VAL A 84 0.45 2.83 -0.79
CA VAL A 84 1.66 2.04 -0.88
C VAL A 84 2.70 2.72 -1.76
N SER A 85 2.34 2.93 -3.03
CA SER A 85 3.24 3.58 -3.98
C SER A 85 3.95 4.76 -3.34
N LEU A 86 3.19 5.58 -2.63
CA LEU A 86 3.75 6.77 -1.97
C LEU A 86 4.89 6.37 -1.04
N ILE A 87 4.61 5.47 -0.10
CA ILE A 87 5.62 5.00 0.84
C ILE A 87 6.90 4.62 0.12
N LYS A 88 6.79 3.72 -0.85
CA LYS A 88 7.94 3.27 -1.61
C LYS A 88 8.60 4.42 -2.36
N GLN A 89 7.77 5.37 -2.81
CA GLN A 89 8.28 6.54 -3.53
C GLN A 89 9.15 7.40 -2.63
N SER A 90 8.69 7.64 -1.41
CA SER A 90 9.43 8.45 -0.46
C SER A 90 10.79 7.83 -0.14
N ALA A 91 10.99 6.61 -0.61
CA ALA A 91 12.24 5.90 -0.39
C ALA A 91 13.06 5.79 -1.67
N GLN A 92 13.33 6.93 -2.29
CA GLN A 92 14.10 6.96 -3.53
C GLN A 92 14.68 8.35 -3.77
N LEU A 93 15.79 8.40 -4.49
CA LEU A 93 16.45 9.67 -4.79
C LEU A 93 16.40 10.61 -3.60
N THR A 94 16.44 10.05 -2.40
CA THR A 94 16.39 10.84 -1.17
C THR A 94 17.36 12.01 -1.24
N SER A 95 16.81 13.23 -1.24
CA SER A 95 17.63 14.43 -1.31
C SER A 95 18.84 14.31 -0.38
N GLY A 96 20.01 14.67 -0.90
CA GLY A 96 21.23 14.60 -0.11
C GLY A 96 21.55 13.19 0.34
N PRO A 97 22.83 12.94 0.63
CA PRO A 97 23.30 11.62 1.07
C PRO A 97 22.82 11.26 2.47
N SER A 98 22.94 9.99 2.83
CA SER A 98 22.51 9.52 4.14
C SER A 98 23.43 8.42 4.66
N SER A 99 23.25 8.06 5.92
CA SER A 99 24.06 7.01 6.54
C SER A 99 23.88 5.68 5.81
N GLY A 100 24.64 4.68 6.23
CA GLY A 100 24.56 3.37 5.60
C GLY A 100 25.09 2.26 6.49
N GLY A 1 38.72 -8.79 7.13
CA GLY A 1 37.41 -8.42 6.63
C GLY A 1 37.47 -7.83 5.23
N SER A 2 37.50 -8.71 4.22
CA SER A 2 37.56 -8.27 2.83
C SER A 2 36.20 -8.36 2.16
N SER A 3 36.07 -7.74 1.00
CA SER A 3 34.81 -7.75 0.26
C SER A 3 33.63 -7.46 1.18
N GLY A 4 33.80 -6.46 2.04
CA GLY A 4 32.75 -6.09 2.96
C GLY A 4 32.22 -4.69 2.72
N SER A 5 31.12 -4.60 1.99
CA SER A 5 30.51 -3.31 1.66
C SER A 5 28.99 -3.39 1.72
N SER A 6 28.36 -2.28 2.06
CA SER A 6 26.91 -2.22 2.15
C SER A 6 26.38 -0.86 1.71
N GLY A 7 25.10 -0.81 1.35
CA GLY A 7 24.50 0.44 0.90
C GLY A 7 23.31 0.21 -0.01
N THR A 8 22.11 0.39 0.50
CA THR A 8 20.90 0.21 -0.29
C THR A 8 19.73 0.98 0.32
N ASN A 9 18.79 1.36 -0.53
CA ASN A 9 17.61 2.10 -0.08
C ASN A 9 16.99 1.44 1.14
N ASP A 10 16.17 2.19 1.87
CA ASP A 10 15.50 1.68 3.06
C ASP A 10 14.24 0.91 2.68
N GLU A 11 14.42 -0.29 2.14
CA GLU A 11 13.29 -1.12 1.73
C GLU A 11 12.75 -1.92 2.91
N GLU A 12 13.66 -2.45 3.73
CA GLU A 12 13.28 -3.24 4.89
C GLU A 12 12.15 -2.57 5.65
N THR A 13 12.16 -1.24 5.67
CA THR A 13 11.12 -0.48 6.37
C THR A 13 9.87 -0.32 5.50
N ILE A 14 10.08 -0.10 4.21
CA ILE A 14 8.98 0.06 3.27
C ILE A 14 7.82 -0.87 3.63
N GLN A 15 8.15 -2.09 4.06
CA GLN A 15 7.13 -3.06 4.43
C GLN A 15 6.48 -2.70 5.76
N GLN A 16 7.30 -2.46 6.77
CA GLN A 16 6.80 -2.10 8.10
C GLN A 16 5.62 -1.14 7.99
N GLN A 17 5.78 -0.09 7.19
CA GLN A 17 4.72 0.90 7.00
C GLN A 17 3.48 0.25 6.39
N ILE A 18 3.64 -0.30 5.19
CA ILE A 18 2.53 -0.95 4.50
C ILE A 18 1.71 -1.81 5.46
N LEU A 19 2.39 -2.47 6.38
CA LEU A 19 1.73 -3.33 7.36
C LEU A 19 0.74 -2.52 8.20
N ALA A 20 1.12 -1.30 8.55
CA ALA A 20 0.27 -0.44 9.35
C ALA A 20 -1.04 -0.13 8.62
N LEU A 21 -0.94 0.19 7.33
CA LEU A 21 -2.10 0.50 6.53
C LEU A 21 -3.23 -0.49 6.79
N SER A 22 -2.88 -1.77 6.84
CA SER A 22 -3.85 -2.82 7.09
C SER A 22 -4.49 -2.66 8.46
N ALA A 23 -3.66 -2.36 9.46
CA ALA A 23 -4.15 -2.17 10.83
C ALA A 23 -5.20 -1.08 10.90
N ASP A 24 -5.10 -0.12 9.99
CA ASP A 24 -6.05 1.00 9.96
C ASP A 24 -7.15 0.73 8.93
N LYS A 25 -8.22 1.52 9.00
CA LYS A 25 -9.33 1.38 8.08
C LYS A 25 -9.62 2.68 7.36
N ARG A 26 -9.42 3.80 8.06
CA ARG A 26 -9.64 5.12 7.47
C ARG A 26 -9.03 5.23 6.09
N ASN A 27 -7.88 4.57 5.91
CA ASN A 27 -7.19 4.59 4.62
C ASN A 27 -8.07 3.99 3.52
N PHE A 28 -8.73 2.88 3.84
CA PHE A 28 -9.60 2.21 2.89
C PHE A 28 -10.68 3.15 2.37
N LEU A 29 -11.39 3.79 3.30
CA LEU A 29 -12.45 4.72 2.94
C LEU A 29 -11.88 5.99 2.30
N ARG A 30 -10.76 6.44 2.82
CA ARG A 30 -10.10 7.64 2.29
C ARG A 30 -9.57 7.39 0.89
N ASP A 31 -10.18 8.04 -0.11
CA ASP A 31 -9.77 7.89 -1.49
C ASP A 31 -9.01 9.13 -1.97
N PRO A 32 -8.03 8.92 -2.86
CA PRO A 32 -7.21 10.01 -3.41
C PRO A 32 -8.01 10.90 -4.37
N PRO A 33 -7.44 12.06 -4.71
CA PRO A 33 -8.09 13.02 -5.62
C PRO A 33 -8.14 12.50 -7.05
N ALA A 34 -8.87 13.21 -7.90
CA ALA A 34 -9.02 12.83 -9.30
C ALA A 34 -7.85 13.37 -10.14
N GLY A 35 -7.67 14.68 -10.11
CA GLY A 35 -6.59 15.30 -10.87
C GLY A 35 -5.34 14.43 -10.90
N VAL A 36 -4.94 13.92 -9.74
CA VAL A 36 -3.77 13.06 -9.65
C VAL A 36 -3.78 11.98 -10.71
N GLN A 37 -2.63 11.74 -11.33
CA GLN A 37 -2.52 10.72 -12.37
C GLN A 37 -1.85 9.45 -11.83
N PHE A 38 -2.62 8.66 -11.08
CA PHE A 38 -2.11 7.43 -10.51
C PHE A 38 -2.57 6.21 -11.31
N ASN A 39 -1.85 5.90 -12.37
CA ASN A 39 -2.19 4.77 -13.22
C ASN A 39 -2.38 3.50 -12.39
N PHE A 40 -3.63 3.06 -12.27
CA PHE A 40 -3.95 1.86 -11.50
C PHE A 40 -4.96 0.99 -12.24
N ASP A 41 -4.53 -0.21 -12.64
CA ASP A 41 -5.40 -1.13 -13.35
C ASP A 41 -5.89 -2.25 -12.43
N PHE A 42 -6.97 -1.99 -11.70
CA PHE A 42 -7.53 -2.98 -10.78
C PHE A 42 -7.51 -4.37 -11.41
N ASP A 43 -7.64 -4.42 -12.73
CA ASP A 43 -7.65 -5.68 -13.46
C ASP A 43 -6.34 -6.43 -13.26
N GLN A 44 -5.23 -5.70 -13.37
CA GLN A 44 -3.91 -6.29 -13.21
C GLN A 44 -3.48 -6.29 -11.75
N MET A 45 -3.98 -5.32 -10.99
CA MET A 45 -3.65 -5.20 -9.58
C MET A 45 -4.57 -6.09 -8.74
N TYR A 46 -5.69 -6.50 -9.32
CA TYR A 46 -6.65 -7.35 -8.62
C TYR A 46 -6.01 -8.66 -8.20
N PRO A 47 -5.44 -9.38 -9.18
CA PRO A 47 -4.78 -10.67 -8.94
C PRO A 47 -3.48 -10.52 -8.17
N VAL A 48 -2.83 -9.36 -8.33
CA VAL A 48 -1.57 -9.09 -7.65
C VAL A 48 -1.79 -8.90 -6.15
N ALA A 49 -2.93 -8.32 -5.80
CA ALA A 49 -3.26 -8.09 -4.39
C ALA A 49 -3.46 -9.40 -3.64
N LEU A 50 -4.16 -10.32 -4.27
CA LEU A 50 -4.42 -11.63 -3.66
C LEU A 50 -3.18 -12.16 -2.96
N VAL A 51 -2.02 -11.94 -3.57
CA VAL A 51 -0.76 -12.40 -2.99
C VAL A 51 -0.47 -11.68 -1.68
N MET A 52 -0.80 -10.40 -1.62
CA MET A 52 -0.58 -9.61 -0.41
C MET A 52 -1.54 -10.02 0.69
N LEU A 53 -2.55 -10.81 0.33
CA LEU A 53 -3.54 -11.27 1.31
C LEU A 53 -3.04 -12.52 2.04
N GLN A 54 -2.66 -13.54 1.27
CA GLN A 54 -2.16 -14.79 1.85
C GLN A 54 -0.99 -14.52 2.78
N GLU A 55 -0.32 -13.38 2.59
CA GLU A 55 0.82 -13.02 3.41
C GLU A 55 0.38 -12.16 4.59
N ASP A 56 -0.51 -11.22 4.33
CA ASP A 56 -1.02 -10.33 5.38
C ASP A 56 -2.40 -10.76 5.84
N GLU A 57 -2.49 -11.32 7.03
CA GLU A 57 -3.75 -11.78 7.59
C GLU A 57 -4.60 -10.60 8.06
N LEU A 58 -3.92 -9.54 8.50
CA LEU A 58 -4.61 -8.34 8.98
C LEU A 58 -5.23 -7.57 7.83
N LEU A 59 -4.76 -7.84 6.61
CA LEU A 59 -5.28 -7.18 5.42
C LEU A 59 -6.55 -7.87 4.91
N SER A 60 -6.45 -9.17 4.69
CA SER A 60 -7.58 -9.94 4.20
C SER A 60 -8.76 -9.84 5.16
N LYS A 61 -8.60 -10.41 6.36
CA LYS A 61 -9.64 -10.38 7.36
C LYS A 61 -10.32 -9.00 7.42
N MET A 62 -9.52 -7.95 7.31
CA MET A 62 -10.03 -6.59 7.33
C MET A 62 -10.88 -6.31 6.10
N ARG A 63 -10.24 -6.33 4.93
CA ARG A 63 -10.93 -6.06 3.68
C ARG A 63 -12.36 -6.60 3.72
N PHE A 64 -12.49 -7.90 3.93
CA PHE A 64 -13.80 -8.54 3.99
C PHE A 64 -14.70 -7.84 5.00
N ALA A 65 -14.15 -7.53 6.17
CA ALA A 65 -14.90 -6.85 7.21
C ALA A 65 -15.12 -5.38 6.87
N LEU A 66 -14.31 -4.87 5.94
CA LEU A 66 -14.43 -3.47 5.52
C LEU A 66 -14.83 -3.38 4.05
N VAL A 67 -15.35 -4.48 3.52
CA VAL A 67 -15.79 -4.52 2.12
C VAL A 67 -16.66 -5.74 1.85
N PRO A 68 -17.80 -5.52 1.18
CA PRO A 68 -18.21 -4.19 0.73
C PRO A 68 -18.59 -3.26 1.89
N LYS A 69 -18.49 -3.79 3.11
CA LYS A 69 -18.83 -3.02 4.30
C LYS A 69 -18.58 -1.53 4.07
N LEU A 70 -17.34 -1.18 3.74
CA LEU A 70 -16.98 0.21 3.49
C LEU A 70 -17.14 0.56 2.02
N VAL A 71 -16.26 0.00 1.19
CA VAL A 71 -16.32 0.26 -0.25
C VAL A 71 -16.21 -1.05 -1.04
N LYS A 72 -16.29 -0.93 -2.36
CA LYS A 72 -16.21 -2.11 -3.24
C LYS A 72 -14.76 -2.53 -3.44
N GLU A 73 -14.50 -3.83 -3.32
CA GLU A 73 -13.16 -4.36 -3.49
C GLU A 73 -12.41 -3.61 -4.59
N GLU A 74 -13.07 -3.46 -5.74
CA GLU A 74 -12.47 -2.77 -6.87
C GLU A 74 -11.76 -1.50 -6.42
N VAL A 75 -12.47 -0.66 -5.67
CA VAL A 75 -11.91 0.59 -5.17
C VAL A 75 -11.00 0.35 -3.97
N PHE A 76 -11.55 -0.31 -2.95
CA PHE A 76 -10.79 -0.61 -1.74
C PHE A 76 -9.32 -0.88 -2.07
N TRP A 77 -9.10 -1.65 -3.11
CA TRP A 77 -7.74 -1.99 -3.54
C TRP A 77 -7.02 -0.76 -4.09
N ARG A 78 -7.70 -0.04 -4.97
CA ARG A 78 -7.13 1.16 -5.58
C ARG A 78 -6.54 2.08 -4.51
N ASN A 79 -7.30 2.32 -3.44
CA ASN A 79 -6.85 3.18 -2.36
C ASN A 79 -5.62 2.60 -1.68
N TYR A 80 -5.75 1.37 -1.19
CA TYR A 80 -4.64 0.70 -0.50
C TYR A 80 -3.33 0.90 -1.27
N PHE A 81 -3.30 0.42 -2.51
CA PHE A 81 -2.11 0.54 -3.35
C PHE A 81 -1.63 1.99 -3.40
N TYR A 82 -2.46 2.87 -3.93
CA TYR A 82 -2.11 4.28 -4.03
C TYR A 82 -1.31 4.74 -2.82
N ARG A 83 -1.85 4.51 -1.63
CA ARG A 83 -1.18 4.89 -0.39
C ARG A 83 0.22 4.28 -0.32
N VAL A 84 0.31 2.98 -0.60
CA VAL A 84 1.58 2.28 -0.58
C VAL A 84 2.61 2.95 -1.47
N SER A 85 2.27 3.08 -2.75
CA SER A 85 3.17 3.72 -3.72
C SER A 85 3.85 4.93 -3.10
N LEU A 86 3.11 5.70 -2.32
CA LEU A 86 3.64 6.90 -1.67
C LEU A 86 4.69 6.52 -0.62
N ILE A 87 4.35 5.54 0.21
CA ILE A 87 5.27 5.10 1.26
C ILE A 87 6.53 4.50 0.66
N LYS A 88 6.36 3.68 -0.38
CA LYS A 88 7.50 3.04 -1.04
C LYS A 88 8.46 4.09 -1.59
N GLN A 89 7.93 5.08 -2.28
CA GLN A 89 8.75 6.15 -2.86
C GLN A 89 9.43 6.95 -1.77
N SER A 90 8.67 7.26 -0.71
CA SER A 90 9.20 8.05 0.40
C SER A 90 10.63 7.60 0.74
N ALA A 91 10.83 6.30 0.84
CA ALA A 91 12.14 5.76 1.16
C ALA A 91 13.26 6.57 0.51
N GLN A 92 13.22 6.65 -0.82
CA GLN A 92 14.21 7.41 -1.57
C GLN A 92 13.64 8.71 -2.08
N LEU A 93 12.86 9.38 -1.24
CA LEU A 93 12.24 10.65 -1.61
C LEU A 93 12.68 11.77 -0.68
N THR A 94 13.81 12.40 -1.00
CA THR A 94 14.34 13.48 -0.19
C THR A 94 13.22 14.40 0.30
N SER A 95 12.44 14.92 -0.64
CA SER A 95 11.34 15.82 -0.31
C SER A 95 10.40 15.17 0.73
N GLY A 96 10.11 15.92 1.79
CA GLY A 96 9.24 15.41 2.83
C GLY A 96 7.87 15.01 2.29
N PRO A 97 6.97 14.59 3.20
CA PRO A 97 5.62 14.17 2.84
C PRO A 97 4.75 15.34 2.38
N SER A 98 4.17 15.21 1.19
CA SER A 98 3.32 16.26 0.64
C SER A 98 1.97 16.29 1.36
N SER A 99 1.26 15.17 1.31
CA SER A 99 -0.05 15.06 1.95
C SER A 99 0.09 14.66 3.41
N GLY A 100 -0.70 15.29 4.28
CA GLY A 100 -0.65 14.98 5.69
C GLY A 100 -1.93 14.34 6.19
N GLY A 1 42.61 -5.81 9.68
CA GLY A 1 41.81 -4.63 9.39
C GLY A 1 40.35 -4.97 9.17
N SER A 2 39.46 -4.24 9.84
CA SER A 2 38.03 -4.46 9.72
C SER A 2 37.36 -3.32 8.96
N SER A 3 36.81 -3.63 7.79
CA SER A 3 36.15 -2.63 6.96
C SER A 3 34.64 -2.86 6.95
N GLY A 4 33.90 -1.91 6.40
CA GLY A 4 32.45 -2.01 6.33
C GLY A 4 31.89 -1.44 5.05
N SER A 5 30.64 -1.77 4.75
CA SER A 5 29.98 -1.29 3.55
C SER A 5 28.47 -1.18 3.75
N SER A 6 27.83 -0.36 2.93
CA SER A 6 26.38 -0.17 3.03
C SER A 6 25.64 -1.43 2.60
N GLY A 7 24.49 -1.68 3.22
CA GLY A 7 23.71 -2.85 2.90
C GLY A 7 22.70 -2.58 1.79
N THR A 8 21.47 -3.06 1.98
CA THR A 8 20.42 -2.86 0.99
C THR A 8 19.52 -1.70 1.36
N ASN A 9 18.81 -1.16 0.37
CA ASN A 9 17.91 -0.04 0.60
C ASN A 9 17.09 -0.24 1.87
N ASP A 10 16.46 0.84 2.33
CA ASP A 10 15.64 0.77 3.55
C ASP A 10 14.30 0.10 3.27
N GLU A 11 14.37 -1.15 2.79
CA GLU A 11 13.16 -1.90 2.48
C GLU A 11 12.60 -2.57 3.74
N GLU A 12 13.49 -2.91 4.67
CA GLU A 12 13.08 -3.55 5.91
C GLU A 12 11.94 -2.78 6.57
N THR A 13 11.91 -1.47 6.37
CA THR A 13 10.87 -0.62 6.95
C THR A 13 9.71 -0.46 5.98
N ILE A 14 10.03 -0.33 4.70
CA ILE A 14 9.00 -0.16 3.67
C ILE A 14 7.81 -1.08 3.92
N GLN A 15 8.08 -2.23 4.53
CA GLN A 15 7.03 -3.19 4.83
C GLN A 15 6.32 -2.84 6.13
N GLN A 16 7.10 -2.49 7.14
CA GLN A 16 6.56 -2.12 8.44
C GLN A 16 5.46 -1.07 8.30
N GLN A 17 5.65 -0.15 7.35
CA GLN A 17 4.67 0.91 7.11
C GLN A 17 3.40 0.34 6.49
N ILE A 18 3.55 -0.26 5.31
CA ILE A 18 2.40 -0.84 4.62
C ILE A 18 1.58 -1.73 5.54
N LEU A 19 2.26 -2.43 6.44
CA LEU A 19 1.60 -3.32 7.38
C LEU A 19 0.63 -2.54 8.27
N ALA A 20 0.96 -1.29 8.54
CA ALA A 20 0.11 -0.43 9.38
C ALA A 20 -1.16 -0.03 8.63
N LEU A 21 -1.08 0.00 7.31
CA LEU A 21 -2.23 0.36 6.48
C LEU A 21 -3.39 -0.61 6.70
N SER A 22 -3.06 -1.85 7.03
CA SER A 22 -4.07 -2.87 7.26
C SER A 22 -4.68 -2.71 8.66
N ALA A 23 -3.87 -2.26 9.61
CA ALA A 23 -4.33 -2.07 10.98
C ALA A 23 -5.38 -0.96 11.05
N ASP A 24 -5.37 -0.08 10.05
CA ASP A 24 -6.32 1.02 10.00
C ASP A 24 -7.34 0.82 8.88
N LYS A 25 -8.52 1.43 9.04
CA LYS A 25 -9.57 1.32 8.04
C LYS A 25 -9.85 2.66 7.39
N ARG A 26 -9.44 3.74 8.06
CA ARG A 26 -9.67 5.09 7.55
C ARG A 26 -9.02 5.27 6.18
N ASN A 27 -8.00 4.46 5.91
CA ASN A 27 -7.30 4.52 4.63
C ASN A 27 -8.08 3.78 3.54
N PHE A 28 -8.86 2.79 3.96
CA PHE A 28 -9.66 2.00 3.02
C PHE A 28 -10.89 2.78 2.57
N LEU A 29 -11.33 3.72 3.40
CA LEU A 29 -12.50 4.54 3.08
C LEU A 29 -12.10 5.80 2.31
N ARG A 30 -11.01 6.43 2.74
CA ARG A 30 -10.52 7.64 2.09
C ARG A 30 -10.03 7.33 0.68
N ASP A 31 -10.49 8.12 -0.29
CA ASP A 31 -10.10 7.92 -1.68
C ASP A 31 -9.24 9.10 -2.17
N PRO A 32 -8.38 8.82 -3.15
CA PRO A 32 -7.48 9.84 -3.73
C PRO A 32 -8.25 10.88 -4.54
N PRO A 33 -7.69 12.11 -4.60
CA PRO A 33 -8.30 13.21 -5.34
C PRO A 33 -8.23 13.01 -6.85
N ALA A 34 -8.91 13.87 -7.60
CA ALA A 34 -8.93 13.78 -9.05
C ALA A 34 -7.68 14.42 -9.66
N GLY A 35 -7.19 15.47 -9.01
CA GLY A 35 -6.01 16.16 -9.50
C GLY A 35 -4.79 15.26 -9.52
N VAL A 36 -4.78 14.24 -8.67
CA VAL A 36 -3.68 13.30 -8.61
C VAL A 36 -3.77 12.25 -9.71
N GLN A 37 -4.97 12.08 -10.25
CA GLN A 37 -5.18 11.11 -11.31
C GLN A 37 -4.33 9.87 -11.11
N PHE A 38 -4.30 9.36 -9.88
CA PHE A 38 -3.51 8.19 -9.56
C PHE A 38 -3.88 7.01 -10.47
N ASN A 39 -3.29 6.99 -11.67
CA ASN A 39 -3.56 5.93 -12.63
C ASN A 39 -3.41 4.55 -11.98
N PHE A 40 -4.46 3.75 -12.07
CA PHE A 40 -4.45 2.41 -11.49
C PHE A 40 -5.52 1.54 -12.13
N ASP A 41 -5.11 0.39 -12.66
CA ASP A 41 -6.02 -0.54 -13.31
C ASP A 41 -6.34 -1.72 -12.39
N PHE A 42 -7.50 -1.66 -11.73
CA PHE A 42 -7.92 -2.72 -10.82
C PHE A 42 -7.61 -4.10 -11.41
N ASP A 43 -8.40 -4.51 -12.38
CA ASP A 43 -8.22 -5.80 -13.04
C ASP A 43 -6.74 -6.13 -13.16
N GLN A 44 -5.95 -5.17 -13.63
CA GLN A 44 -4.52 -5.36 -13.81
C GLN A 44 -3.84 -5.68 -12.48
N MET A 45 -4.28 -4.99 -11.42
CA MET A 45 -3.72 -5.20 -10.10
C MET A 45 -4.69 -5.97 -9.21
N TYR A 46 -5.65 -6.64 -9.84
CA TYR A 46 -6.65 -7.41 -9.10
C TYR A 46 -6.02 -8.64 -8.45
N PRO A 47 -5.38 -9.48 -9.28
CA PRO A 47 -4.73 -10.71 -8.81
C PRO A 47 -3.47 -10.42 -7.98
N VAL A 48 -2.66 -9.49 -8.47
CA VAL A 48 -1.43 -9.12 -7.78
C VAL A 48 -1.70 -8.79 -6.32
N ALA A 49 -2.85 -8.18 -6.06
CA ALA A 49 -3.23 -7.82 -4.70
C ALA A 49 -3.37 -9.05 -3.82
N LEU A 50 -3.98 -10.10 -4.36
CA LEU A 50 -4.18 -11.34 -3.62
C LEU A 50 -2.87 -11.81 -2.98
N VAL A 51 -1.77 -11.57 -3.68
CA VAL A 51 -0.45 -11.96 -3.19
C VAL A 51 -0.07 -11.17 -1.94
N MET A 52 -0.45 -9.90 -1.92
CA MET A 52 -0.15 -9.02 -0.79
C MET A 52 -0.97 -9.43 0.43
N LEU A 53 -2.14 -10.01 0.20
CA LEU A 53 -3.01 -10.44 1.28
C LEU A 53 -2.32 -11.48 2.15
N GLN A 54 -1.66 -12.44 1.51
CA GLN A 54 -0.96 -13.51 2.23
C GLN A 54 0.04 -12.91 3.22
N GLU A 55 0.98 -12.12 2.70
CA GLU A 55 2.00 -11.49 3.54
C GLU A 55 1.35 -10.66 4.65
N ASP A 56 0.15 -10.16 4.39
CA ASP A 56 -0.58 -9.35 5.35
C ASP A 56 -1.99 -9.88 5.57
N GLU A 57 -2.15 -10.72 6.59
CA GLU A 57 -3.44 -11.30 6.90
C GLU A 57 -4.45 -10.23 7.31
N LEU A 58 -3.97 -9.25 8.07
CA LEU A 58 -4.82 -8.16 8.53
C LEU A 58 -5.46 -7.43 7.35
N LEU A 59 -4.81 -7.51 6.20
CA LEU A 59 -5.31 -6.86 4.99
C LEU A 59 -6.46 -7.66 4.38
N SER A 60 -6.47 -8.97 4.64
CA SER A 60 -7.52 -9.83 4.12
C SER A 60 -8.71 -9.91 5.08
N LYS A 61 -8.42 -10.23 6.34
CA LYS A 61 -9.46 -10.33 7.36
C LYS A 61 -10.28 -9.05 7.42
N MET A 62 -9.60 -7.91 7.40
CA MET A 62 -10.27 -6.61 7.45
C MET A 62 -11.08 -6.38 6.19
N ARG A 63 -10.42 -6.46 5.04
CA ARG A 63 -11.09 -6.25 3.76
C ARG A 63 -12.47 -6.90 3.75
N PHE A 64 -12.52 -8.19 4.07
CA PHE A 64 -13.77 -8.93 4.09
C PHE A 64 -14.78 -8.25 5.01
N ALA A 65 -14.30 -7.71 6.12
CA ALA A 65 -15.16 -7.03 7.08
C ALA A 65 -15.28 -5.55 6.75
N LEU A 66 -14.46 -5.09 5.82
CA LEU A 66 -14.48 -3.68 5.40
C LEU A 66 -14.87 -3.55 3.93
N VAL A 67 -15.35 -4.65 3.35
CA VAL A 67 -15.76 -4.65 1.95
C VAL A 67 -16.65 -5.85 1.65
N PRO A 68 -17.79 -5.60 0.98
CA PRO A 68 -18.17 -4.24 0.57
C PRO A 68 -18.55 -3.36 1.75
N LYS A 69 -18.49 -3.93 2.95
CA LYS A 69 -18.82 -3.19 4.16
C LYS A 69 -18.55 -1.70 3.99
N LEU A 70 -17.30 -1.37 3.69
CA LEU A 70 -16.91 0.02 3.50
C LEU A 70 -16.99 0.42 2.01
N VAL A 71 -16.10 -0.15 1.21
CA VAL A 71 -16.06 0.13 -0.22
C VAL A 71 -16.03 -1.15 -1.04
N LYS A 72 -16.16 -1.02 -2.36
CA LYS A 72 -16.14 -2.17 -3.25
C LYS A 72 -14.72 -2.75 -3.35
N GLU A 73 -14.63 -4.07 -3.39
CA GLU A 73 -13.34 -4.75 -3.49
C GLU A 73 -12.37 -3.95 -4.35
N GLU A 74 -12.83 -3.53 -5.53
CA GLU A 74 -12.01 -2.76 -6.44
C GLU A 74 -11.54 -1.47 -5.78
N VAL A 75 -12.49 -0.69 -5.26
CA VAL A 75 -12.18 0.58 -4.61
C VAL A 75 -11.14 0.38 -3.50
N PHE A 76 -11.40 -0.59 -2.63
CA PHE A 76 -10.49 -0.87 -1.52
C PHE A 76 -9.09 -1.20 -2.04
N TRP A 77 -9.03 -1.86 -3.18
CA TRP A 77 -7.76 -2.23 -3.79
C TRP A 77 -7.10 -1.02 -4.45
N ARG A 78 -7.88 0.04 -4.63
CA ARG A 78 -7.37 1.26 -5.26
C ARG A 78 -6.69 2.16 -4.23
N ASN A 79 -7.42 2.51 -3.18
CA ASN A 79 -6.89 3.36 -2.12
C ASN A 79 -5.65 2.74 -1.49
N TYR A 80 -5.72 1.44 -1.23
CA TYR A 80 -4.61 0.72 -0.62
C TYR A 80 -3.33 0.93 -1.42
N PHE A 81 -3.32 0.43 -2.65
CA PHE A 81 -2.16 0.56 -3.52
C PHE A 81 -1.71 2.01 -3.62
N TYR A 82 -2.67 2.91 -3.83
CA TYR A 82 -2.38 4.33 -3.94
C TYR A 82 -1.41 4.78 -2.85
N ARG A 83 -1.77 4.50 -1.60
CA ARG A 83 -0.94 4.87 -0.47
C ARG A 83 0.38 4.10 -0.47
N VAL A 84 0.28 2.78 -0.54
CA VAL A 84 1.46 1.92 -0.56
C VAL A 84 2.54 2.49 -1.45
N SER A 85 2.21 2.70 -2.72
CA SER A 85 3.16 3.24 -3.69
C SER A 85 3.89 4.44 -3.11
N LEU A 86 3.13 5.37 -2.53
CA LEU A 86 3.71 6.57 -1.94
C LEU A 86 4.72 6.21 -0.86
N ILE A 87 4.52 5.06 -0.22
CA ILE A 87 5.42 4.61 0.83
C ILE A 87 6.69 3.99 0.24
N LYS A 88 6.51 2.91 -0.52
CA LYS A 88 7.64 2.23 -1.15
C LYS A 88 8.47 3.21 -1.97
N GLN A 89 7.80 4.11 -2.67
CA GLN A 89 8.48 5.10 -3.49
C GLN A 89 9.26 6.08 -2.64
N SER A 90 8.62 6.59 -1.59
CA SER A 90 9.25 7.55 -0.69
C SER A 90 10.68 7.12 -0.35
N ALA A 91 10.85 5.83 -0.08
CA ALA A 91 12.16 5.30 0.25
C ALA A 91 13.23 5.85 -0.68
N GLN A 92 14.04 6.77 -0.17
CA GLN A 92 15.10 7.39 -0.95
C GLN A 92 14.55 7.97 -2.25
N LEU A 93 13.50 8.78 -2.13
CA LEU A 93 12.88 9.40 -3.29
C LEU A 93 13.91 10.14 -4.14
N THR A 94 13.92 9.85 -5.44
CA THR A 94 14.86 10.49 -6.35
C THR A 94 14.13 11.24 -7.45
N SER A 95 13.25 10.54 -8.16
CA SER A 95 12.49 11.13 -9.25
C SER A 95 11.09 10.54 -9.33
N GLY A 96 10.08 11.41 -9.31
CA GLY A 96 8.70 10.95 -9.38
C GLY A 96 7.78 11.76 -8.49
N PRO A 97 7.32 12.91 -9.01
CA PRO A 97 6.41 13.81 -8.28
C PRO A 97 5.03 13.21 -8.10
N SER A 98 4.65 12.94 -6.86
CA SER A 98 3.35 12.36 -6.55
C SER A 98 2.68 13.12 -5.41
N SER A 99 1.40 12.83 -5.18
CA SER A 99 0.65 13.47 -4.11
C SER A 99 0.74 14.99 -4.23
N GLY A 100 0.64 15.50 -5.45
CA GLY A 100 0.73 16.93 -5.67
C GLY A 100 2.16 17.42 -5.79
N GLY A 1 22.00 -13.74 16.31
CA GLY A 1 22.29 -12.66 15.38
C GLY A 1 23.55 -12.91 14.58
N SER A 2 23.56 -12.43 13.34
CA SER A 2 24.71 -12.61 12.47
C SER A 2 25.42 -11.28 12.22
N SER A 3 26.71 -11.35 11.93
CA SER A 3 27.51 -10.15 11.69
C SER A 3 27.41 -9.73 10.22
N GLY A 4 27.65 -8.45 9.96
CA GLY A 4 27.58 -7.94 8.60
C GLY A 4 26.21 -7.39 8.26
N SER A 5 26.18 -6.40 7.36
CA SER A 5 24.92 -5.79 6.96
C SER A 5 24.81 -5.75 5.43
N SER A 6 23.62 -6.08 4.93
CA SER A 6 23.38 -6.10 3.49
C SER A 6 22.10 -5.34 3.15
N GLY A 7 21.92 -4.18 3.77
CA GLY A 7 20.74 -3.38 3.52
C GLY A 7 20.46 -3.19 2.04
N THR A 8 19.20 -3.03 1.69
CA THR A 8 18.81 -2.85 0.29
C THR A 8 17.91 -1.62 0.12
N ASN A 9 18.53 -0.48 -0.16
CA ASN A 9 17.80 0.77 -0.35
C ASN A 9 16.74 0.94 0.74
N ASP A 10 16.99 0.32 1.90
CA ASP A 10 16.07 0.41 3.03
C ASP A 10 14.69 -0.13 2.65
N GLU A 11 14.68 -1.29 2.00
CA GLU A 11 13.43 -1.92 1.59
C GLU A 11 12.81 -2.71 2.74
N GLU A 12 13.66 -3.21 3.63
CA GLU A 12 13.19 -3.98 4.78
C GLU A 12 12.07 -3.25 5.51
N THR A 13 12.27 -1.96 5.78
CA THR A 13 11.29 -1.15 6.47
C THR A 13 10.10 -0.84 5.57
N ILE A 14 10.39 -0.49 4.32
CA ILE A 14 9.34 -0.18 3.35
C ILE A 14 8.10 -1.03 3.59
N GLN A 15 8.31 -2.33 3.78
CA GLN A 15 7.21 -3.25 4.01
C GLN A 15 6.56 -3.00 5.37
N GLN A 16 7.38 -2.89 6.40
CA GLN A 16 6.89 -2.64 7.75
C GLN A 16 5.80 -1.57 7.75
N GLN A 17 6.07 -0.47 7.06
CA GLN A 17 5.12 0.63 6.98
C GLN A 17 3.85 0.20 6.26
N ILE A 18 3.98 -0.20 5.00
CA ILE A 18 2.84 -0.65 4.20
C ILE A 18 1.85 -1.43 5.06
N LEU A 19 2.38 -2.25 5.97
CA LEU A 19 1.55 -3.05 6.85
C LEU A 19 0.59 -2.17 7.66
N ALA A 20 1.13 -1.11 8.26
CA ALA A 20 0.32 -0.19 9.05
C ALA A 20 -1.04 0.03 8.42
N LEU A 21 -1.04 0.30 7.12
CA LEU A 21 -2.29 0.54 6.39
C LEU A 21 -3.33 -0.52 6.72
N SER A 22 -2.91 -1.78 6.72
CA SER A 22 -3.81 -2.88 7.03
C SER A 22 -4.48 -2.68 8.39
N ALA A 23 -3.70 -2.23 9.37
CA ALA A 23 -4.22 -1.99 10.70
C ALA A 23 -5.26 -0.89 10.70
N ASP A 24 -5.17 0.00 9.72
CA ASP A 24 -6.11 1.11 9.60
C ASP A 24 -7.29 0.72 8.70
N LYS A 25 -8.37 1.49 8.79
CA LYS A 25 -9.55 1.24 7.98
C LYS A 25 -9.90 2.46 7.14
N ARG A 26 -9.58 3.65 7.64
CA ARG A 26 -9.87 4.88 6.92
C ARG A 26 -9.19 4.89 5.55
N ASN A 27 -7.95 4.42 5.51
CA ASN A 27 -7.20 4.36 4.25
C ASN A 27 -7.99 3.63 3.17
N PHE A 28 -8.86 2.72 3.60
CA PHE A 28 -9.67 1.94 2.67
C PHE A 28 -10.77 2.81 2.06
N LEU A 29 -11.45 3.56 2.93
CA LEU A 29 -12.53 4.43 2.49
C LEU A 29 -11.99 5.62 1.69
N ARG A 30 -10.94 6.24 2.21
CA ARG A 30 -10.33 7.38 1.56
C ARG A 30 -9.96 7.05 0.12
N ASP A 31 -10.18 8.00 -0.78
CA ASP A 31 -9.86 7.81 -2.20
C ASP A 31 -9.12 9.02 -2.77
N PRO A 32 -8.29 8.77 -3.78
CA PRO A 32 -7.50 9.83 -4.43
C PRO A 32 -8.38 10.78 -5.25
N PRO A 33 -7.92 12.04 -5.39
CA PRO A 33 -8.64 13.06 -6.14
C PRO A 33 -8.65 12.79 -7.64
N ALA A 34 -9.06 13.78 -8.42
CA ALA A 34 -9.10 13.65 -9.87
C ALA A 34 -7.84 14.21 -10.51
N GLY A 35 -7.40 15.37 -10.03
CA GLY A 35 -6.21 15.99 -10.58
C GLY A 35 -5.00 15.08 -10.53
N VAL A 36 -4.78 14.47 -9.36
CA VAL A 36 -3.65 13.56 -9.19
C VAL A 36 -3.57 12.54 -10.32
N GLN A 37 -2.34 12.15 -10.67
CA GLN A 37 -2.13 11.19 -11.74
C GLN A 37 -1.91 9.78 -11.18
N PHE A 38 -3.01 9.11 -10.85
CA PHE A 38 -2.94 7.77 -10.30
C PHE A 38 -3.55 6.75 -11.26
N ASN A 39 -2.78 6.34 -12.26
CA ASN A 39 -3.24 5.38 -13.25
C ASN A 39 -3.26 3.97 -12.66
N PHE A 40 -4.24 3.71 -11.80
CA PHE A 40 -4.37 2.40 -11.17
C PHE A 40 -5.27 1.48 -12.01
N ASP A 41 -4.75 0.31 -12.33
CA ASP A 41 -5.50 -0.66 -13.13
C ASP A 41 -5.89 -1.87 -12.28
N PHE A 42 -6.96 -1.72 -11.50
CA PHE A 42 -7.44 -2.80 -10.64
C PHE A 42 -7.38 -4.14 -11.36
N ASP A 43 -7.55 -4.10 -12.69
CA ASP A 43 -7.50 -5.32 -13.49
C ASP A 43 -6.15 -6.00 -13.38
N GLN A 44 -5.09 -5.21 -13.43
CA GLN A 44 -3.73 -5.74 -13.34
C GLN A 44 -3.27 -5.80 -11.89
N MET A 45 -3.87 -4.97 -11.05
CA MET A 45 -3.52 -4.93 -9.64
C MET A 45 -4.52 -5.72 -8.80
N TYR A 46 -5.46 -6.39 -9.49
CA TYR A 46 -6.48 -7.18 -8.81
C TYR A 46 -5.87 -8.44 -8.20
N PRO A 47 -5.25 -9.28 -9.06
CA PRO A 47 -4.62 -10.52 -8.63
C PRO A 47 -3.36 -10.29 -7.81
N VAL A 48 -2.52 -9.36 -8.27
CA VAL A 48 -1.28 -9.03 -7.59
C VAL A 48 -1.53 -8.72 -6.11
N ALA A 49 -2.75 -8.28 -5.81
CA ALA A 49 -3.12 -7.95 -4.44
C ALA A 49 -3.35 -9.21 -3.61
N LEU A 50 -3.93 -10.23 -4.25
CA LEU A 50 -4.21 -11.49 -3.56
C LEU A 50 -2.98 -11.98 -2.79
N VAL A 51 -1.80 -11.79 -3.38
CA VAL A 51 -0.56 -12.21 -2.75
C VAL A 51 -0.32 -11.42 -1.46
N MET A 52 -0.71 -10.15 -1.47
CA MET A 52 -0.53 -9.30 -0.29
C MET A 52 -1.52 -9.68 0.81
N LEU A 53 -2.52 -10.47 0.45
CA LEU A 53 -3.53 -10.91 1.42
C LEU A 53 -3.01 -12.09 2.24
N GLN A 54 -2.78 -13.21 1.56
CA GLN A 54 -2.30 -14.41 2.23
C GLN A 54 -1.17 -14.08 3.21
N GLU A 55 -0.31 -13.14 2.81
CA GLU A 55 0.81 -12.73 3.64
C GLU A 55 0.35 -11.77 4.74
N ASP A 56 -0.68 -10.98 4.43
CA ASP A 56 -1.21 -10.01 5.38
C ASP A 56 -2.56 -10.47 5.91
N GLU A 57 -2.55 -11.15 7.06
CA GLU A 57 -3.79 -11.64 7.67
C GLU A 57 -4.70 -10.48 8.06
N LEU A 58 -4.09 -9.37 8.47
CA LEU A 58 -4.85 -8.18 8.86
C LEU A 58 -5.60 -7.60 7.68
N LEU A 59 -4.90 -7.45 6.55
CA LEU A 59 -5.50 -6.89 5.35
C LEU A 59 -6.72 -7.70 4.92
N SER A 60 -6.59 -9.03 4.97
CA SER A 60 -7.68 -9.92 4.58
C SER A 60 -8.83 -9.83 5.58
N LYS A 61 -8.57 -10.27 6.81
CA LYS A 61 -9.58 -10.25 7.86
C LYS A 61 -10.34 -8.92 7.86
N MET A 62 -9.59 -7.82 7.74
CA MET A 62 -10.19 -6.50 7.72
C MET A 62 -10.95 -6.26 6.42
N ARG A 63 -10.24 -6.34 5.30
CA ARG A 63 -10.85 -6.13 3.99
C ARG A 63 -12.19 -6.85 3.90
N PHE A 64 -12.22 -8.10 4.35
CA PHE A 64 -13.44 -8.90 4.31
C PHE A 64 -14.53 -8.28 5.18
N ALA A 65 -14.11 -7.61 6.25
CA ALA A 65 -15.04 -6.96 7.17
C ALA A 65 -15.28 -5.50 6.76
N LEU A 66 -14.43 -4.99 5.89
CA LEU A 66 -14.55 -3.61 5.43
C LEU A 66 -14.92 -3.56 3.95
N VAL A 67 -15.38 -4.70 3.42
CA VAL A 67 -15.77 -4.78 2.02
C VAL A 67 -16.56 -6.06 1.75
N PRO A 68 -17.70 -5.92 1.06
CA PRO A 68 -18.18 -4.62 0.58
C PRO A 68 -18.64 -3.71 1.72
N LYS A 69 -18.51 -4.20 2.94
CA LYS A 69 -18.91 -3.44 4.12
C LYS A 69 -18.73 -1.95 3.90
N LEU A 70 -17.53 -1.56 3.46
CA LEU A 70 -17.23 -0.16 3.19
C LEU A 70 -17.34 0.16 1.71
N VAL A 71 -16.44 -0.40 0.91
CA VAL A 71 -16.44 -0.18 -0.53
C VAL A 71 -16.25 -1.49 -1.28
N LYS A 72 -16.31 -1.42 -2.61
CA LYS A 72 -16.14 -2.59 -3.44
C LYS A 72 -14.68 -3.03 -3.49
N GLU A 73 -14.47 -4.35 -3.57
CA GLU A 73 -13.11 -4.89 -3.61
C GLU A 73 -12.24 -4.13 -4.61
N GLU A 74 -12.82 -3.83 -5.77
CA GLU A 74 -12.09 -3.10 -6.81
C GLU A 74 -11.49 -1.81 -6.24
N VAL A 75 -12.36 -0.89 -5.83
CA VAL A 75 -11.92 0.38 -5.28
C VAL A 75 -11.05 0.17 -4.04
N PHE A 76 -11.60 -0.52 -3.05
CA PHE A 76 -10.87 -0.79 -1.81
C PHE A 76 -9.39 -1.05 -2.10
N TRP A 77 -9.13 -1.83 -3.13
CA TRP A 77 -7.76 -2.16 -3.52
C TRP A 77 -7.02 -0.93 -4.01
N ARG A 78 -7.68 -0.14 -4.84
CA ARG A 78 -7.09 1.08 -5.39
C ARG A 78 -6.53 1.96 -4.27
N ASN A 79 -7.42 2.46 -3.42
CA ASN A 79 -7.01 3.32 -2.32
C ASN A 79 -5.77 2.76 -1.62
N TYR A 80 -5.86 1.50 -1.18
CA TYR A 80 -4.77 0.85 -0.50
C TYR A 80 -3.46 1.03 -1.28
N PHE A 81 -3.51 0.75 -2.57
CA PHE A 81 -2.34 0.88 -3.43
C PHE A 81 -1.84 2.33 -3.48
N TYR A 82 -2.78 3.25 -3.62
CA TYR A 82 -2.44 4.67 -3.67
C TYR A 82 -1.59 5.08 -2.48
N ARG A 83 -1.98 4.61 -1.30
CA ARG A 83 -1.26 4.93 -0.08
C ARG A 83 0.11 4.25 -0.07
N VAL A 84 0.16 3.03 -0.59
CA VAL A 84 1.40 2.27 -0.64
C VAL A 84 2.47 3.01 -1.45
N SER A 85 2.11 3.41 -2.67
CA SER A 85 3.03 4.12 -3.54
C SER A 85 3.73 5.24 -2.79
N LEU A 86 2.99 5.91 -1.92
CA LEU A 86 3.54 7.01 -1.13
C LEU A 86 4.61 6.51 -0.16
N ILE A 87 4.32 5.38 0.50
CA ILE A 87 5.26 4.80 1.45
C ILE A 87 6.50 4.25 0.73
N LYS A 88 6.26 3.51 -0.33
CA LYS A 88 7.36 2.92 -1.11
C LYS A 88 8.21 4.01 -1.75
N GLN A 89 7.55 5.00 -2.35
CA GLN A 89 8.25 6.10 -3.00
C GLN A 89 8.98 6.97 -1.98
N SER A 90 8.27 7.32 -0.91
CA SER A 90 8.86 8.15 0.15
C SER A 90 10.29 7.71 0.46
N ALA A 91 10.50 6.41 0.57
CA ALA A 91 11.82 5.86 0.86
C ALA A 91 12.90 6.64 0.11
N GLN A 92 12.82 6.65 -1.21
CA GLN A 92 13.79 7.37 -2.03
C GLN A 92 13.14 7.92 -3.29
N LEU A 93 13.81 8.87 -3.93
CA LEU A 93 13.30 9.49 -5.14
C LEU A 93 14.30 9.34 -6.29
N THR A 94 14.99 8.20 -6.33
CA THR A 94 15.98 7.93 -7.36
C THR A 94 15.48 8.43 -8.72
N SER A 95 14.16 8.42 -8.91
CA SER A 95 13.58 8.85 -10.17
C SER A 95 12.13 9.28 -9.96
N GLY A 96 11.67 10.23 -10.78
CA GLY A 96 10.31 10.71 -10.67
C GLY A 96 9.53 10.56 -11.96
N PRO A 97 8.38 9.87 -11.89
CA PRO A 97 7.53 9.64 -13.06
C PRO A 97 6.84 10.92 -13.54
N SER A 98 6.79 11.91 -12.66
CA SER A 98 6.16 13.19 -13.00
C SER A 98 6.96 13.92 -14.08
N SER A 99 6.43 13.90 -15.30
CA SER A 99 7.09 14.57 -16.41
C SER A 99 7.18 16.08 -16.19
N GLY A 100 6.05 16.68 -15.84
CA GLY A 100 6.02 18.11 -15.59
C GLY A 100 4.75 18.75 -16.09
N GLY A 1 40.25 4.65 13.00
CA GLY A 1 38.82 4.56 13.21
C GLY A 1 38.03 4.98 11.98
N SER A 2 38.43 4.47 10.82
CA SER A 2 37.75 4.79 9.57
C SER A 2 37.81 3.62 8.60
N SER A 3 36.66 3.06 8.27
CA SER A 3 36.59 1.93 7.35
C SER A 3 35.42 2.09 6.38
N GLY A 4 35.68 1.81 5.10
CA GLY A 4 34.65 1.93 4.09
C GLY A 4 33.29 1.52 4.60
N SER A 5 32.27 2.34 4.33
CA SER A 5 30.91 2.05 4.77
C SER A 5 30.07 1.53 3.61
N SER A 6 28.93 0.94 3.95
CA SER A 6 28.03 0.38 2.94
C SER A 6 26.65 0.12 3.53
N GLY A 7 25.61 0.40 2.73
CA GLY A 7 24.25 0.19 3.18
C GLY A 7 23.23 0.59 2.15
N THR A 8 22.14 -0.18 2.07
CA THR A 8 21.08 0.11 1.10
C THR A 8 20.02 1.01 1.71
N ASN A 9 19.23 1.66 0.85
CA ASN A 9 18.17 2.55 1.30
C ASN A 9 17.33 1.89 2.38
N ASP A 10 16.58 2.70 3.12
CA ASP A 10 15.73 2.20 4.19
C ASP A 10 14.57 1.38 3.62
N GLU A 11 14.87 0.18 3.16
CA GLU A 11 13.86 -0.70 2.59
C GLU A 11 13.24 -1.59 3.66
N GLU A 12 13.99 -1.84 4.73
CA GLU A 12 13.52 -2.67 5.82
C GLU A 12 12.23 -2.11 6.42
N THR A 13 12.12 -0.79 6.45
CA THR A 13 10.95 -0.12 6.99
C THR A 13 9.82 -0.08 5.96
N ILE A 14 10.17 0.26 4.71
CA ILE A 14 9.19 0.34 3.64
C ILE A 14 8.08 -0.70 3.83
N GLN A 15 8.47 -1.89 4.27
CA GLN A 15 7.51 -2.97 4.49
C GLN A 15 6.65 -2.69 5.72
N GLN A 16 7.30 -2.35 6.83
CA GLN A 16 6.61 -2.06 8.07
C GLN A 16 5.39 -1.17 7.82
N GLN A 17 5.61 -0.06 7.12
CA GLN A 17 4.54 0.87 6.81
C GLN A 17 3.39 0.16 6.11
N ILE A 18 3.69 -0.53 5.02
CA ILE A 18 2.67 -1.24 4.26
C ILE A 18 1.78 -2.07 5.18
N LEU A 19 2.40 -2.71 6.17
CA LEU A 19 1.66 -3.53 7.12
C LEU A 19 0.77 -2.67 8.02
N ALA A 20 1.33 -1.59 8.54
CA ALA A 20 0.59 -0.67 9.39
C ALA A 20 -0.77 -0.35 8.79
N LEU A 21 -0.79 0.01 7.52
CA LEU A 21 -2.03 0.36 6.83
C LEU A 21 -3.13 -0.64 7.17
N SER A 22 -2.79 -1.92 7.16
CA SER A 22 -3.75 -2.97 7.46
C SER A 22 -4.53 -2.64 8.73
N ALA A 23 -3.82 -2.44 9.83
CA ALA A 23 -4.44 -2.11 11.10
C ALA A 23 -5.32 -0.88 10.98
N ASP A 24 -4.99 -0.01 10.03
CA ASP A 24 -5.74 1.22 9.80
C ASP A 24 -6.88 0.98 8.80
N LYS A 25 -8.06 1.50 9.12
CA LYS A 25 -9.21 1.35 8.25
C LYS A 25 -9.49 2.63 7.48
N ARG A 26 -9.12 3.76 8.08
CA ARG A 26 -9.33 5.06 7.45
C ARG A 26 -8.77 5.09 6.04
N ASN A 27 -7.64 4.41 5.85
CA ASN A 27 -7.00 4.35 4.54
C ASN A 27 -7.86 3.60 3.53
N PHE A 28 -8.61 2.62 4.03
CA PHE A 28 -9.49 1.82 3.17
C PHE A 28 -10.70 2.63 2.72
N LEU A 29 -11.11 3.58 3.57
CA LEU A 29 -12.26 4.42 3.26
C LEU A 29 -11.85 5.60 2.39
N ARG A 30 -10.72 6.21 2.73
CA ARG A 30 -10.20 7.35 1.98
C ARG A 30 -10.05 7.01 0.50
N ASP A 31 -9.87 8.03 -0.33
CA ASP A 31 -9.70 7.84 -1.76
C ASP A 31 -8.97 9.02 -2.39
N PRO A 32 -8.20 8.74 -3.46
CA PRO A 32 -7.44 9.76 -4.17
C PRO A 32 -8.33 10.72 -4.94
N PRO A 33 -7.79 11.89 -5.30
CA PRO A 33 -8.51 12.91 -6.05
C PRO A 33 -8.80 12.49 -7.49
N ALA A 34 -9.25 13.44 -8.31
CA ALA A 34 -9.55 13.16 -9.71
C ALA A 34 -8.42 13.64 -10.62
N GLY A 35 -8.14 14.94 -10.57
CA GLY A 35 -7.09 15.49 -11.40
C GLY A 35 -5.90 14.56 -11.54
N VAL A 36 -5.56 13.88 -10.45
CA VAL A 36 -4.43 12.95 -10.45
C VAL A 36 -4.59 11.92 -11.55
N GLN A 37 -3.46 11.55 -12.17
CA GLN A 37 -3.48 10.57 -13.25
C GLN A 37 -3.19 9.17 -12.70
N PHE A 38 -3.71 8.88 -11.53
CA PHE A 38 -3.51 7.58 -10.90
C PHE A 38 -4.02 6.45 -11.80
N ASN A 39 -3.21 6.10 -12.79
CA ASN A 39 -3.58 5.04 -13.72
C ASN A 39 -3.47 3.67 -13.06
N PHE A 40 -4.32 3.44 -12.06
CA PHE A 40 -4.33 2.17 -11.34
C PHE A 40 -5.33 1.20 -11.96
N ASP A 41 -4.81 0.18 -12.64
CA ASP A 41 -5.67 -0.83 -13.26
C ASP A 41 -6.06 -1.91 -12.28
N PHE A 42 -7.00 -1.59 -11.39
CA PHE A 42 -7.46 -2.54 -10.39
C PHE A 42 -7.54 -3.95 -10.96
N ASP A 43 -7.77 -4.04 -12.27
CA ASP A 43 -7.86 -5.32 -12.95
C ASP A 43 -6.49 -5.99 -13.04
N GLN A 44 -5.49 -5.21 -13.44
CA GLN A 44 -4.13 -5.71 -13.57
C GLN A 44 -3.50 -5.96 -12.20
N MET A 45 -3.98 -5.24 -11.20
CA MET A 45 -3.47 -5.36 -9.84
C MET A 45 -4.42 -6.18 -8.97
N TYR A 46 -5.61 -6.44 -9.50
CA TYR A 46 -6.62 -7.20 -8.77
C TYR A 46 -6.04 -8.51 -8.24
N PRO A 47 -5.50 -9.32 -9.16
CA PRO A 47 -4.90 -10.61 -8.80
C PRO A 47 -3.60 -10.46 -8.03
N VAL A 48 -2.82 -9.44 -8.39
CA VAL A 48 -1.55 -9.17 -7.72
C VAL A 48 -1.75 -8.93 -6.22
N ALA A 49 -2.89 -8.36 -5.87
CA ALA A 49 -3.20 -8.07 -4.48
C ALA A 49 -3.41 -9.37 -3.69
N LEU A 50 -4.06 -10.34 -4.31
CA LEU A 50 -4.31 -11.62 -3.66
C LEU A 50 -3.06 -12.15 -2.98
N VAL A 51 -1.92 -12.02 -3.65
CA VAL A 51 -0.65 -12.47 -3.10
C VAL A 51 -0.34 -11.77 -1.78
N MET A 52 -0.71 -10.50 -1.69
CA MET A 52 -0.47 -9.72 -0.48
C MET A 52 -1.37 -10.18 0.65
N LEU A 53 -2.64 -10.40 0.34
CA LEU A 53 -3.61 -10.85 1.33
C LEU A 53 -3.05 -12.01 2.16
N GLN A 54 -2.33 -12.90 1.48
CA GLN A 54 -1.73 -14.05 2.15
C GLN A 54 -0.74 -13.62 3.23
N GLU A 55 0.27 -12.86 2.82
CA GLU A 55 1.28 -12.38 3.75
C GLU A 55 0.64 -11.78 5.00
N ASP A 56 -0.16 -10.74 4.79
CA ASP A 56 -0.84 -10.06 5.88
C ASP A 56 -2.28 -10.56 6.02
N GLU A 57 -2.57 -11.20 7.14
CA GLU A 57 -3.91 -11.73 7.39
C GLU A 57 -4.88 -10.60 7.76
N LEU A 58 -4.35 -9.57 8.42
CA LEU A 58 -5.17 -8.42 8.82
C LEU A 58 -5.70 -7.68 7.61
N LEU A 59 -4.88 -7.57 6.57
CA LEU A 59 -5.27 -6.88 5.35
C LEU A 59 -6.47 -7.56 4.70
N SER A 60 -6.44 -8.89 4.66
CA SER A 60 -7.52 -9.66 4.06
C SER A 60 -8.74 -9.71 4.99
N LYS A 61 -8.54 -10.26 6.17
CA LYS A 61 -9.62 -10.37 7.16
C LYS A 61 -10.40 -9.07 7.24
N MET A 62 -9.69 -7.94 7.29
CA MET A 62 -10.32 -6.63 7.37
C MET A 62 -11.15 -6.36 6.11
N ARG A 63 -10.49 -6.34 4.96
CA ARG A 63 -11.16 -6.10 3.69
C ARG A 63 -12.49 -6.84 3.62
N PHE A 64 -12.43 -8.16 3.75
CA PHE A 64 -13.63 -8.99 3.71
C PHE A 64 -14.71 -8.44 4.63
N ALA A 65 -14.29 -7.91 5.78
CA ALA A 65 -15.21 -7.35 6.75
C ALA A 65 -15.42 -5.86 6.51
N LEU A 66 -14.58 -5.28 5.67
CA LEU A 66 -14.68 -3.86 5.35
C LEU A 66 -15.01 -3.64 3.88
N VAL A 67 -15.45 -4.71 3.21
CA VAL A 67 -15.81 -4.64 1.81
C VAL A 67 -16.65 -5.84 1.39
N PRO A 68 -17.76 -5.56 0.69
CA PRO A 68 -18.15 -4.20 0.34
C PRO A 68 -18.60 -3.38 1.55
N LYS A 69 -18.60 -4.03 2.71
CA LYS A 69 -19.01 -3.36 3.94
C LYS A 69 -18.74 -1.86 3.87
N LEU A 70 -17.50 -1.49 3.61
CA LEU A 70 -17.11 -0.08 3.51
C LEU A 70 -17.17 0.39 2.06
N VAL A 71 -16.27 -0.14 1.24
CA VAL A 71 -16.20 0.22 -0.17
C VAL A 71 -16.09 -1.01 -1.05
N LYS A 72 -16.24 -0.82 -2.36
CA LYS A 72 -16.15 -1.92 -3.32
C LYS A 72 -14.73 -2.46 -3.39
N GLU A 73 -14.60 -3.72 -3.77
CA GLU A 73 -13.30 -4.35 -3.89
C GLU A 73 -12.35 -3.51 -4.72
N GLU A 74 -12.81 -3.09 -5.90
CA GLU A 74 -12.00 -2.27 -6.80
C GLU A 74 -11.49 -1.02 -6.08
N VAL A 75 -12.42 -0.25 -5.52
CA VAL A 75 -12.06 0.98 -4.80
C VAL A 75 -11.09 0.68 -3.67
N PHE A 76 -11.53 -0.15 -2.73
CA PHE A 76 -10.69 -0.51 -1.58
C PHE A 76 -9.26 -0.78 -2.02
N TRP A 77 -9.10 -1.61 -3.05
CA TRP A 77 -7.78 -1.96 -3.57
C TRP A 77 -7.11 -0.74 -4.18
N ARG A 78 -7.90 0.17 -4.73
CA ARG A 78 -7.37 1.38 -5.34
C ARG A 78 -6.74 2.29 -4.30
N ASN A 79 -7.46 2.53 -3.21
CA ASN A 79 -6.98 3.38 -2.14
C ASN A 79 -5.74 2.77 -1.47
N TYR A 80 -5.85 1.49 -1.10
CA TYR A 80 -4.76 0.79 -0.45
C TYR A 80 -3.48 0.89 -1.28
N PHE A 81 -3.55 0.45 -2.53
CA PHE A 81 -2.41 0.49 -3.44
C PHE A 81 -1.89 1.92 -3.60
N TYR A 82 -2.81 2.85 -3.80
CA TYR A 82 -2.45 4.25 -3.97
C TYR A 82 -1.43 4.69 -2.91
N ARG A 83 -1.80 4.50 -1.64
CA ARG A 83 -0.92 4.87 -0.54
C ARG A 83 0.39 4.07 -0.59
N VAL A 84 0.27 2.75 -0.59
CA VAL A 84 1.44 1.88 -0.64
C VAL A 84 2.49 2.42 -1.59
N SER A 85 2.08 2.68 -2.83
CA SER A 85 2.99 3.21 -3.84
C SER A 85 3.77 4.40 -3.31
N LEU A 86 3.06 5.32 -2.66
CA LEU A 86 3.69 6.52 -2.11
C LEU A 86 4.72 6.15 -1.04
N ILE A 87 4.37 5.20 -0.20
CA ILE A 87 5.26 4.74 0.86
C ILE A 87 6.53 4.12 0.27
N LYS A 88 6.35 3.11 -0.57
CA LYS A 88 7.47 2.42 -1.20
C LYS A 88 8.31 3.39 -2.02
N GLN A 89 7.64 4.24 -2.80
CA GLN A 89 8.33 5.22 -3.64
C GLN A 89 9.06 6.24 -2.78
N SER A 90 8.43 6.66 -1.69
CA SER A 90 9.03 7.64 -0.79
C SER A 90 10.51 7.36 -0.59
N ALA A 91 10.84 6.11 -0.26
CA ALA A 91 12.23 5.72 -0.05
C ALA A 91 13.15 6.43 -1.03
N GLN A 92 12.89 6.25 -2.32
CA GLN A 92 13.71 6.88 -3.35
C GLN A 92 13.18 8.26 -3.70
N LEU A 93 14.05 9.26 -3.61
CA LEU A 93 13.67 10.64 -3.92
C LEU A 93 14.90 11.56 -3.91
N THR A 94 15.14 12.22 -5.04
CA THR A 94 16.27 13.12 -5.16
C THR A 94 15.83 14.58 -4.99
N SER A 95 15.93 15.07 -3.76
CA SER A 95 15.55 16.44 -3.45
C SER A 95 16.77 17.30 -3.18
N GLY A 96 17.53 16.94 -2.15
CA GLY A 96 18.73 17.68 -1.81
C GLY A 96 19.94 16.80 -1.64
N PRO A 97 21.13 17.32 -2.00
CA PRO A 97 22.38 16.58 -1.89
C PRO A 97 22.81 16.37 -0.45
N SER A 98 22.31 15.30 0.17
CA SER A 98 22.64 15.00 1.56
C SER A 98 22.91 13.50 1.72
N SER A 99 24.05 13.18 2.35
CA SER A 99 24.42 11.79 2.57
C SER A 99 24.10 11.37 4.00
N GLY A 100 24.29 10.09 4.28
CA GLY A 100 24.01 9.57 5.61
C GLY A 100 24.64 8.21 5.85
N GLY A 1 25.18 -5.64 16.21
CA GLY A 1 26.46 -5.75 15.54
C GLY A 1 27.04 -4.40 15.16
N SER A 2 28.32 -4.39 14.81
CA SER A 2 28.99 -3.15 14.44
C SER A 2 28.39 -2.56 13.16
N SER A 3 28.85 -1.37 12.79
CA SER A 3 28.37 -0.70 11.59
C SER A 3 29.21 -1.07 10.38
N GLY A 4 30.53 -1.02 10.55
CA GLY A 4 31.43 -1.36 9.46
C GLY A 4 31.01 -0.72 8.16
N SER A 5 31.13 -1.47 7.06
CA SER A 5 30.78 -0.96 5.74
C SER A 5 29.72 -1.85 5.09
N SER A 6 28.59 -1.25 4.75
CA SER A 6 27.50 -1.98 4.12
C SER A 6 26.64 -1.06 3.26
N GLY A 7 26.54 -1.38 1.97
CA GLY A 7 25.75 -0.57 1.07
C GLY A 7 24.51 -1.29 0.57
N THR A 8 23.41 -1.12 1.30
CA THR A 8 22.15 -1.77 0.93
C THR A 8 20.98 -0.79 1.01
N ASN A 9 20.04 -0.92 0.10
CA ASN A 9 18.86 -0.05 0.07
C ASN A 9 18.02 -0.23 1.33
N ASP A 10 17.03 0.64 1.50
CA ASP A 10 16.15 0.57 2.66
C ASP A 10 14.82 -0.09 2.29
N GLU A 11 14.90 -1.32 1.81
CA GLU A 11 13.71 -2.07 1.42
C GLU A 11 13.16 -2.87 2.61
N GLU A 12 13.67 -2.58 3.80
CA GLU A 12 13.23 -3.27 5.00
C GLU A 12 12.10 -2.51 5.69
N THR A 13 12.12 -1.19 5.58
CA THR A 13 11.11 -0.35 6.18
C THR A 13 9.82 -0.36 5.36
N ILE A 14 9.96 -0.17 4.05
CA ILE A 14 8.82 -0.15 3.15
C ILE A 14 7.75 -1.14 3.61
N GLN A 15 8.16 -2.40 3.80
CA GLN A 15 7.24 -3.44 4.23
C GLN A 15 6.67 -3.12 5.61
N GLN A 16 7.51 -2.59 6.49
CA GLN A 16 7.09 -2.24 7.84
C GLN A 16 6.00 -1.17 7.81
N GLN A 17 6.19 -0.16 6.96
CA GLN A 17 5.21 0.92 6.84
C GLN A 17 3.89 0.40 6.30
N ILE A 18 3.94 -0.19 5.11
CA ILE A 18 2.75 -0.73 4.46
C ILE A 18 1.90 -1.51 5.46
N LEU A 19 2.53 -2.40 6.21
CA LEU A 19 1.83 -3.21 7.19
C LEU A 19 0.96 -2.34 8.09
N ALA A 20 1.46 -1.15 8.43
CA ALA A 20 0.74 -0.23 9.28
C ALA A 20 -0.61 0.13 8.66
N LEU A 21 -0.60 0.50 7.39
CA LEU A 21 -1.82 0.87 6.68
C LEU A 21 -2.95 -0.12 7.00
N SER A 22 -2.64 -1.41 6.90
CA SER A 22 -3.62 -2.45 7.17
C SER A 22 -4.28 -2.24 8.53
N ALA A 23 -3.47 -1.96 9.54
CA ALA A 23 -3.97 -1.74 10.89
C ALA A 23 -5.03 -0.64 10.90
N ASP A 24 -5.11 0.11 9.81
CA ASP A 24 -6.08 1.20 9.70
C ASP A 24 -7.22 0.80 8.77
N LYS A 25 -8.45 1.17 9.15
CA LYS A 25 -9.62 0.87 8.36
C LYS A 25 -10.07 2.08 7.56
N ARG A 26 -9.83 3.27 8.10
CA ARG A 26 -10.22 4.50 7.43
C ARG A 26 -9.57 4.60 6.06
N ASN A 27 -8.29 4.23 5.97
CA ASN A 27 -7.57 4.28 4.71
C ASN A 27 -8.33 3.54 3.62
N PHE A 28 -9.04 2.50 3.99
CA PHE A 28 -9.82 1.70 3.05
C PHE A 28 -10.98 2.52 2.48
N LEU A 29 -11.43 3.52 3.24
CA LEU A 29 -12.53 4.37 2.82
C LEU A 29 -12.01 5.64 2.15
N ARG A 30 -10.92 6.18 2.69
CA ARG A 30 -10.32 7.40 2.15
C ARG A 30 -9.83 7.17 0.73
N ASP A 31 -10.51 7.77 -0.24
CA ASP A 31 -10.15 7.62 -1.64
C ASP A 31 -9.48 8.90 -2.16
N PRO A 32 -8.49 8.73 -3.05
CA PRO A 32 -7.75 9.85 -3.64
C PRO A 32 -8.61 10.66 -4.60
N PRO A 33 -8.10 11.84 -5.00
CA PRO A 33 -8.80 12.73 -5.92
C PRO A 33 -8.87 12.18 -7.34
N ALA A 34 -9.57 12.88 -8.22
CA ALA A 34 -9.70 12.44 -9.60
C ALA A 34 -8.63 13.07 -10.49
N GLY A 35 -8.54 14.40 -10.45
CA GLY A 35 -7.55 15.09 -11.24
C GLY A 35 -6.20 14.41 -11.23
N VAL A 36 -5.88 13.77 -10.10
CA VAL A 36 -4.61 13.07 -9.95
C VAL A 36 -4.48 11.94 -10.98
N GLN A 37 -3.38 11.96 -11.73
CA GLN A 37 -3.14 10.93 -12.73
C GLN A 37 -2.71 9.62 -12.09
N PHE A 38 -3.67 8.92 -11.50
CA PHE A 38 -3.41 7.65 -10.84
C PHE A 38 -3.91 6.48 -11.70
N ASN A 39 -5.10 6.63 -12.25
CA ASN A 39 -5.70 5.59 -13.09
C ASN A 39 -5.33 4.20 -12.57
N PHE A 40 -5.31 4.05 -11.26
CA PHE A 40 -4.97 2.78 -10.63
C PHE A 40 -5.49 1.61 -11.47
N ASP A 41 -4.58 0.99 -12.22
CA ASP A 41 -4.95 -0.14 -13.07
C ASP A 41 -5.31 -1.36 -12.23
N PHE A 42 -6.55 -1.39 -11.75
CA PHE A 42 -7.03 -2.50 -10.93
C PHE A 42 -6.82 -3.83 -11.65
N ASP A 43 -7.58 -4.05 -12.71
CA ASP A 43 -7.48 -5.29 -13.48
C ASP A 43 -6.03 -5.76 -13.56
N GLN A 44 -5.10 -4.81 -13.52
CA GLN A 44 -3.68 -5.14 -13.58
C GLN A 44 -3.14 -5.52 -12.21
N MET A 45 -3.48 -4.72 -11.21
CA MET A 45 -3.03 -4.97 -9.85
C MET A 45 -4.09 -5.74 -9.05
N TYR A 46 -5.02 -6.35 -9.77
CA TYR A 46 -6.09 -7.10 -9.14
C TYR A 46 -5.55 -8.34 -8.44
N PRO A 47 -4.85 -9.19 -9.20
CA PRO A 47 -4.25 -10.43 -8.67
C PRO A 47 -3.08 -10.15 -7.73
N VAL A 48 -2.29 -9.13 -8.06
CA VAL A 48 -1.13 -8.76 -7.25
C VAL A 48 -1.56 -8.42 -5.83
N ALA A 49 -2.85 -8.19 -5.63
CA ALA A 49 -3.38 -7.86 -4.32
C ALA A 49 -3.68 -9.12 -3.51
N LEU A 50 -3.96 -10.21 -4.22
CA LEU A 50 -4.26 -11.49 -3.56
C LEU A 50 -3.08 -11.96 -2.73
N VAL A 51 -1.88 -11.91 -3.31
CA VAL A 51 -0.68 -12.34 -2.62
C VAL A 51 -0.49 -11.57 -1.32
N MET A 52 -0.91 -10.31 -1.32
CA MET A 52 -0.78 -9.47 -0.12
C MET A 52 -1.65 -10.00 1.00
N LEU A 53 -2.89 -10.35 0.68
CA LEU A 53 -3.82 -10.88 1.68
C LEU A 53 -3.19 -12.00 2.48
N GLN A 54 -2.91 -13.12 1.81
CA GLN A 54 -2.29 -14.27 2.47
C GLN A 54 -1.11 -13.85 3.31
N GLU A 55 -0.34 -12.88 2.81
CA GLU A 55 0.84 -12.39 3.52
C GLU A 55 0.42 -11.60 4.76
N ASP A 56 -0.68 -10.88 4.65
CA ASP A 56 -1.19 -10.08 5.77
C ASP A 56 -2.60 -10.52 6.15
N GLU A 57 -2.72 -11.27 7.24
CA GLU A 57 -4.01 -11.74 7.70
C GLU A 57 -4.92 -10.57 8.05
N LEU A 58 -4.33 -9.50 8.58
CA LEU A 58 -5.10 -8.32 8.96
C LEU A 58 -5.79 -7.71 7.75
N LEU A 59 -5.00 -7.13 6.85
CA LEU A 59 -5.54 -6.51 5.64
C LEU A 59 -6.72 -7.30 5.10
N SER A 60 -6.49 -8.59 4.84
CA SER A 60 -7.53 -9.46 4.32
C SER A 60 -8.71 -9.53 5.28
N LYS A 61 -8.47 -10.13 6.44
CA LYS A 61 -9.52 -10.27 7.46
C LYS A 61 -10.42 -9.05 7.48
N MET A 62 -9.82 -7.87 7.30
CA MET A 62 -10.57 -6.61 7.31
C MET A 62 -11.34 -6.45 6.00
N ARG A 63 -10.62 -6.38 4.89
CA ARG A 63 -11.24 -6.22 3.58
C ARG A 63 -12.49 -7.08 3.47
N PHE A 64 -12.37 -8.35 3.82
CA PHE A 64 -13.49 -9.28 3.75
C PHE A 64 -14.67 -8.77 4.58
N ALA A 65 -14.36 -8.14 5.71
CA ALA A 65 -15.39 -7.60 6.59
C ALA A 65 -15.66 -6.14 6.28
N LEU A 66 -14.82 -5.54 5.44
CA LEU A 66 -14.97 -4.15 5.07
C LEU A 66 -15.28 -4.01 3.58
N VAL A 67 -15.62 -5.13 2.95
CA VAL A 67 -15.93 -5.14 1.52
C VAL A 67 -16.65 -6.42 1.13
N PRO A 68 -17.77 -6.28 0.40
CA PRO A 68 -18.30 -4.96 0.00
C PRO A 68 -18.84 -4.18 1.18
N LYS A 69 -18.79 -4.77 2.37
CA LYS A 69 -19.27 -4.12 3.58
C LYS A 69 -19.14 -2.60 3.47
N LEU A 70 -17.98 -2.15 3.03
CA LEU A 70 -17.73 -0.71 2.88
C LEU A 70 -17.72 -0.31 1.41
N VAL A 71 -16.69 -0.75 0.69
CA VAL A 71 -16.56 -0.44 -0.73
C VAL A 71 -16.32 -1.70 -1.56
N LYS A 72 -16.35 -1.55 -2.87
CA LYS A 72 -16.14 -2.68 -3.77
C LYS A 72 -14.69 -3.18 -3.67
N GLU A 73 -14.51 -4.47 -3.95
CA GLU A 73 -13.18 -5.07 -3.89
C GLU A 73 -12.18 -4.23 -4.68
N GLU A 74 -12.58 -3.78 -5.85
CA GLU A 74 -11.72 -2.96 -6.70
C GLU A 74 -11.35 -1.65 -6.01
N VAL A 75 -12.37 -0.89 -5.62
CA VAL A 75 -12.16 0.39 -4.94
C VAL A 75 -11.21 0.23 -3.76
N PHE A 76 -11.56 -0.65 -2.83
CA PHE A 76 -10.74 -0.89 -1.65
C PHE A 76 -9.27 -1.07 -2.04
N TRP A 77 -9.04 -1.85 -3.08
CA TRP A 77 -7.69 -2.12 -3.55
C TRP A 77 -7.05 -0.84 -4.09
N ARG A 78 -7.87 0.07 -4.58
CA ARG A 78 -7.38 1.33 -5.12
C ARG A 78 -6.76 2.19 -4.02
N ASN A 79 -7.59 2.64 -3.08
CA ASN A 79 -7.12 3.47 -1.98
C ASN A 79 -5.92 2.84 -1.29
N TYR A 80 -6.11 1.61 -0.80
CA TYR A 80 -5.03 0.89 -0.12
C TYR A 80 -3.71 1.07 -0.85
N PHE A 81 -3.69 0.69 -2.13
CA PHE A 81 -2.48 0.80 -2.94
C PHE A 81 -2.00 2.25 -2.99
N TYR A 82 -2.91 3.16 -3.35
CA TYR A 82 -2.58 4.57 -3.45
C TYR A 82 -1.54 4.97 -2.40
N ARG A 83 -1.90 4.80 -1.13
CA ARG A 83 -1.01 5.14 -0.03
C ARG A 83 0.27 4.31 -0.10
N VAL A 84 0.13 3.03 -0.39
CA VAL A 84 1.28 2.13 -0.50
C VAL A 84 2.30 2.66 -1.48
N SER A 85 1.88 2.85 -2.73
CA SER A 85 2.77 3.35 -3.78
C SER A 85 3.59 4.53 -3.27
N LEU A 86 2.93 5.43 -2.54
CA LEU A 86 3.60 6.61 -1.99
C LEU A 86 4.70 6.20 -1.01
N ILE A 87 4.39 5.24 -0.14
CA ILE A 87 5.35 4.77 0.84
C ILE A 87 6.53 4.10 0.17
N LYS A 88 6.26 3.08 -0.63
CA LYS A 88 7.31 2.35 -1.34
C LYS A 88 8.22 3.31 -2.10
N GLN A 89 7.63 4.38 -2.64
CA GLN A 89 8.39 5.37 -3.39
C GLN A 89 9.31 6.15 -2.47
N SER A 90 8.71 6.91 -1.55
CA SER A 90 9.47 7.72 -0.61
C SER A 90 10.53 6.87 0.11
N ALA A 91 10.09 5.77 0.71
CA ALA A 91 10.99 4.89 1.42
C ALA A 91 11.68 5.60 2.58
N GLN A 92 10.91 6.36 3.34
CA GLN A 92 11.44 7.11 4.47
C GLN A 92 10.36 7.38 5.52
N LEU A 93 10.78 7.62 6.74
CA LEU A 93 9.85 7.89 7.84
C LEU A 93 8.76 8.86 7.40
N THR A 94 7.56 8.34 7.19
CA THR A 94 6.43 9.17 6.77
C THR A 94 5.36 9.24 7.85
N SER A 95 5.05 10.45 8.30
CA SER A 95 4.05 10.65 9.34
C SER A 95 2.85 9.74 9.11
N GLY A 96 2.19 9.92 7.96
CA GLY A 96 1.03 9.12 7.64
C GLY A 96 -0.07 9.24 8.68
N PRO A 97 -1.10 8.39 8.56
CA PRO A 97 -2.23 8.39 9.49
C PRO A 97 -1.85 7.89 10.87
N SER A 98 -2.78 8.03 11.82
CA SER A 98 -2.53 7.59 13.20
C SER A 98 -3.00 6.15 13.40
N SER A 99 -2.29 5.43 14.27
CA SER A 99 -2.63 4.04 14.55
C SER A 99 -2.85 3.83 16.05
N GLY A 100 -3.33 2.64 16.40
CA GLY A 100 -3.59 2.33 17.79
C GLY A 100 -4.37 1.05 17.97
N GLY A 1 40.00 -10.05 4.81
CA GLY A 1 39.15 -9.29 5.71
C GLY A 1 37.72 -9.77 5.70
N SER A 2 36.82 -9.00 6.31
CA SER A 2 35.41 -9.36 6.37
C SER A 2 34.61 -8.59 5.33
N SER A 3 33.91 -9.32 4.47
CA SER A 3 33.11 -8.70 3.41
C SER A 3 31.62 -8.77 3.76
N GLY A 4 30.86 -7.79 3.29
CA GLY A 4 29.43 -7.75 3.57
C GLY A 4 28.71 -6.76 2.69
N SER A 5 27.40 -6.63 2.90
CA SER A 5 26.59 -5.70 2.12
C SER A 5 27.26 -4.35 2.00
N SER A 6 27.70 -4.01 0.79
CA SER A 6 28.38 -2.74 0.55
C SER A 6 27.36 -1.64 0.26
N GLY A 7 26.30 -1.60 1.05
CA GLY A 7 25.27 -0.59 0.86
C GLY A 7 23.95 -1.19 0.44
N THR A 8 22.95 -1.08 1.32
CA THR A 8 21.62 -1.60 1.04
C THR A 8 20.53 -0.61 1.40
N ASN A 9 19.54 -0.48 0.53
CA ASN A 9 18.44 0.45 0.77
C ASN A 9 17.54 -0.05 1.90
N ASP A 10 16.95 0.89 2.64
CA ASP A 10 16.08 0.54 3.75
C ASP A 10 14.74 -0.01 3.25
N GLU A 11 14.76 -1.23 2.75
CA GLU A 11 13.57 -1.87 2.24
C GLU A 11 12.84 -2.65 3.33
N GLU A 12 13.60 -3.11 4.32
CA GLU A 12 13.04 -3.87 5.42
C GLU A 12 11.88 -3.12 6.07
N THR A 13 12.03 -1.80 6.18
CA THR A 13 10.99 -0.96 6.79
C THR A 13 9.87 -0.68 5.79
N ILE A 14 10.24 -0.37 4.56
CA ILE A 14 9.27 -0.08 3.52
C ILE A 14 8.00 -0.92 3.69
N GLN A 15 8.20 -2.19 4.02
CA GLN A 15 7.07 -3.10 4.22
C GLN A 15 6.36 -2.81 5.53
N GLN A 16 7.14 -2.65 6.59
CA GLN A 16 6.58 -2.37 7.91
C GLN A 16 5.49 -1.30 7.82
N GLN A 17 5.78 -0.24 7.07
CA GLN A 17 4.81 0.85 6.91
C GLN A 17 3.55 0.37 6.20
N ILE A 18 3.73 -0.29 5.06
CA ILE A 18 2.60 -0.80 4.30
C ILE A 18 1.71 -1.71 5.15
N LEU A 19 2.35 -2.53 5.98
CA LEU A 19 1.63 -3.44 6.86
C LEU A 19 0.76 -2.68 7.84
N ALA A 20 1.28 -1.56 8.34
CA ALA A 20 0.55 -0.73 9.29
C ALA A 20 -0.84 -0.40 8.76
N LEU A 21 -0.92 0.02 7.51
CA LEU A 21 -2.19 0.38 6.89
C LEU A 21 -3.27 -0.64 7.24
N SER A 22 -2.92 -1.92 7.13
CA SER A 22 -3.87 -2.99 7.43
C SER A 22 -4.52 -2.77 8.79
N ALA A 23 -3.70 -2.45 9.78
CA ALA A 23 -4.19 -2.21 11.14
C ALA A 23 -5.24 -1.11 11.15
N ASP A 24 -5.17 -0.21 10.18
CA ASP A 24 -6.12 0.89 10.07
C ASP A 24 -7.19 0.59 9.03
N LYS A 25 -8.24 1.40 9.01
CA LYS A 25 -9.33 1.23 8.06
C LYS A 25 -9.60 2.53 7.30
N ARG A 26 -9.44 3.66 7.99
CA ARG A 26 -9.68 4.96 7.38
C ARG A 26 -9.03 5.03 6.00
N ASN A 27 -7.85 4.44 5.87
CA ASN A 27 -7.13 4.44 4.60
C ASN A 27 -7.97 3.80 3.50
N PHE A 28 -8.69 2.74 3.85
CA PHE A 28 -9.54 2.04 2.90
C PHE A 28 -10.67 2.94 2.40
N LEU A 29 -11.23 3.72 3.32
CA LEU A 29 -12.32 4.62 2.98
C LEU A 29 -11.81 5.84 2.21
N ARG A 30 -10.68 6.37 2.66
CA ARG A 30 -10.08 7.53 2.01
C ARG A 30 -9.85 7.27 0.52
N ASP A 31 -9.85 8.34 -0.28
CA ASP A 31 -9.64 8.23 -1.71
C ASP A 31 -8.85 9.41 -2.25
N PRO A 32 -7.98 9.15 -3.24
CA PRO A 32 -7.14 10.18 -3.85
C PRO A 32 -7.95 11.16 -4.69
N PRO A 33 -7.40 12.37 -4.90
CA PRO A 33 -8.06 13.41 -5.68
C PRO A 33 -8.11 13.07 -7.17
N ALA A 34 -8.72 13.96 -7.95
CA ALA A 34 -8.83 13.76 -9.39
C ALA A 34 -7.61 14.30 -10.12
N GLY A 35 -7.28 15.57 -9.86
CA GLY A 35 -6.14 16.19 -10.50
C GLY A 35 -4.95 15.25 -10.59
N VAL A 36 -4.63 14.61 -9.47
CA VAL A 36 -3.50 13.68 -9.43
C VAL A 36 -3.56 12.67 -10.57
N GLN A 37 -2.41 12.16 -10.96
CA GLN A 37 -2.34 11.18 -12.05
C GLN A 37 -1.97 9.80 -11.52
N PHE A 38 -2.96 9.10 -10.98
CA PHE A 38 -2.74 7.76 -10.44
C PHE A 38 -3.34 6.70 -11.35
N ASN A 39 -2.64 6.39 -12.43
CA ASN A 39 -3.10 5.38 -13.39
C ASN A 39 -3.09 4.00 -12.76
N PHE A 40 -4.08 3.73 -11.91
CA PHE A 40 -4.19 2.44 -11.25
C PHE A 40 -5.20 1.54 -11.96
N ASP A 41 -4.89 0.25 -12.04
CA ASP A 41 -5.78 -0.71 -12.69
C ASP A 41 -6.40 -1.64 -11.66
N PHE A 42 -7.36 -2.45 -12.12
CA PHE A 42 -8.05 -3.39 -11.24
C PHE A 42 -7.86 -4.82 -11.73
N ASP A 43 -7.99 -5.02 -13.03
CA ASP A 43 -7.84 -6.34 -13.62
C ASP A 43 -6.38 -6.78 -13.58
N GLN A 44 -5.47 -5.84 -13.80
CA GLN A 44 -4.05 -6.15 -13.78
C GLN A 44 -3.48 -6.02 -12.37
N MET A 45 -4.28 -5.48 -11.46
CA MET A 45 -3.86 -5.31 -10.07
C MET A 45 -4.74 -6.14 -9.14
N TYR A 46 -5.77 -6.77 -9.69
CA TYR A 46 -6.68 -7.58 -8.90
C TYR A 46 -5.97 -8.81 -8.36
N PRO A 47 -5.36 -9.59 -9.26
CA PRO A 47 -4.64 -10.81 -8.89
C PRO A 47 -3.35 -10.52 -8.15
N VAL A 48 -2.80 -9.33 -8.36
CA VAL A 48 -1.56 -8.91 -7.70
C VAL A 48 -1.80 -8.60 -6.24
N ALA A 49 -3.02 -8.17 -5.92
CA ALA A 49 -3.37 -7.83 -4.54
C ALA A 49 -3.51 -9.09 -3.69
N LEU A 50 -4.00 -10.16 -4.31
CA LEU A 50 -4.17 -11.43 -3.61
C LEU A 50 -2.91 -11.80 -2.83
N VAL A 51 -1.75 -11.59 -3.45
CA VAL A 51 -0.48 -11.90 -2.81
C VAL A 51 -0.30 -11.12 -1.52
N MET A 52 -0.77 -9.87 -1.52
CA MET A 52 -0.66 -9.01 -0.34
C MET A 52 -1.50 -9.56 0.80
N LEU A 53 -2.59 -10.23 0.46
CA LEU A 53 -3.48 -10.81 1.47
C LEU A 53 -2.79 -11.94 2.23
N GLN A 54 -2.39 -12.97 1.50
CA GLN A 54 -1.71 -14.12 2.10
C GLN A 54 -0.57 -13.66 3.00
N GLU A 55 0.16 -12.64 2.55
CA GLU A 55 1.29 -12.11 3.30
C GLU A 55 0.80 -11.37 4.55
N ASP A 56 -0.32 -10.68 4.41
CA ASP A 56 -0.90 -9.93 5.52
C ASP A 56 -2.28 -10.45 5.89
N GLU A 57 -2.36 -11.13 7.03
CA GLU A 57 -3.63 -11.70 7.49
C GLU A 57 -4.60 -10.59 7.89
N LEU A 58 -4.06 -9.49 8.41
CA LEU A 58 -4.88 -8.37 8.84
C LEU A 58 -5.53 -7.69 7.65
N LEU A 59 -4.77 -7.49 6.58
CA LEU A 59 -5.27 -6.86 5.37
C LEU A 59 -6.51 -7.58 4.85
N SER A 60 -6.40 -8.91 4.73
CA SER A 60 -7.51 -9.71 4.23
C SER A 60 -8.66 -9.72 5.24
N LYS A 61 -8.39 -10.24 6.44
CA LYS A 61 -9.40 -10.31 7.48
C LYS A 61 -10.18 -8.99 7.57
N MET A 62 -9.46 -7.88 7.44
CA MET A 62 -10.07 -6.56 7.51
C MET A 62 -10.87 -6.26 6.24
N ARG A 63 -10.18 -6.19 5.11
CA ARG A 63 -10.83 -5.93 3.83
C ARG A 63 -12.22 -6.54 3.79
N PHE A 64 -12.28 -7.86 3.93
CA PHE A 64 -13.55 -8.57 3.90
C PHE A 64 -14.57 -7.91 4.82
N ALA A 65 -14.14 -7.57 6.03
CA ALA A 65 -15.02 -6.93 7.00
C ALA A 65 -15.15 -5.44 6.72
N LEU A 66 -14.32 -4.94 5.81
CA LEU A 66 -14.35 -3.53 5.43
C LEU A 66 -14.77 -3.35 3.98
N VAL A 67 -15.34 -4.40 3.40
CA VAL A 67 -15.79 -4.37 2.02
C VAL A 67 -16.72 -5.53 1.70
N PRO A 68 -17.86 -5.24 1.06
CA PRO A 68 -18.22 -3.87 0.68
C PRO A 68 -18.55 -2.99 1.88
N LYS A 69 -18.45 -3.57 3.08
CA LYS A 69 -18.74 -2.85 4.31
C LYS A 69 -18.38 -1.37 4.16
N LEU A 70 -17.20 -1.09 3.65
CA LEU A 70 -16.75 0.29 3.46
C LEU A 70 -16.85 0.68 1.99
N VAL A 71 -15.96 0.13 1.16
CA VAL A 71 -15.96 0.43 -0.26
C VAL A 71 -15.99 -0.85 -1.09
N LYS A 72 -16.07 -0.69 -2.41
CA LYS A 72 -16.11 -1.83 -3.31
C LYS A 72 -14.72 -2.45 -3.47
N GLU A 73 -14.68 -3.78 -3.48
CA GLU A 73 -13.42 -4.49 -3.61
C GLU A 73 -12.44 -3.72 -4.52
N GLU A 74 -12.86 -3.52 -5.77
CA GLU A 74 -12.03 -2.80 -6.73
C GLU A 74 -11.56 -1.46 -6.16
N VAL A 75 -12.48 -0.75 -5.50
CA VAL A 75 -12.17 0.54 -4.90
C VAL A 75 -11.14 0.40 -3.79
N PHE A 76 -11.45 -0.45 -2.82
CA PHE A 76 -10.56 -0.67 -1.69
C PHE A 76 -9.13 -0.92 -2.16
N TRP A 77 -8.98 -1.77 -3.17
CA TRP A 77 -7.66 -2.07 -3.72
C TRP A 77 -7.04 -0.85 -4.38
N ARG A 78 -7.89 0.00 -4.95
CA ARG A 78 -7.41 1.21 -5.62
C ARG A 78 -6.76 2.16 -4.60
N ASN A 79 -7.43 2.39 -3.49
CA ASN A 79 -6.92 3.27 -2.45
C ASN A 79 -5.69 2.66 -1.79
N TYR A 80 -5.87 1.53 -1.13
CA TYR A 80 -4.77 0.84 -0.45
C TYR A 80 -3.48 1.00 -1.22
N PHE A 81 -3.47 0.51 -2.46
CA PHE A 81 -2.28 0.59 -3.31
C PHE A 81 -1.78 2.03 -3.41
N TYR A 82 -2.70 2.94 -3.71
CA TYR A 82 -2.35 4.36 -3.84
C TYR A 82 -1.58 4.84 -2.61
N ARG A 83 -2.03 4.43 -1.43
CA ARG A 83 -1.40 4.82 -0.18
C ARG A 83 0.00 4.23 -0.09
N VAL A 84 0.15 2.99 -0.54
CA VAL A 84 1.44 2.31 -0.50
C VAL A 84 2.46 3.02 -1.38
N SER A 85 2.11 3.23 -2.64
CA SER A 85 3.00 3.90 -3.58
C SER A 85 3.66 5.12 -2.94
N LEU A 86 2.85 5.92 -2.25
CA LEU A 86 3.36 7.12 -1.59
C LEU A 86 4.48 6.78 -0.61
N ILE A 87 4.27 5.72 0.17
CA ILE A 87 5.27 5.29 1.14
C ILE A 87 6.52 4.77 0.44
N LYS A 88 6.37 3.67 -0.28
CA LYS A 88 7.49 3.07 -1.01
C LYS A 88 8.32 4.14 -1.70
N GLN A 89 7.66 5.14 -2.25
CA GLN A 89 8.34 6.22 -2.94
C GLN A 89 9.40 6.87 -2.05
N SER A 90 9.01 7.18 -0.82
CA SER A 90 9.92 7.81 0.14
C SER A 90 11.32 7.22 0.00
N ALA A 91 11.39 5.89 -0.12
CA ALA A 91 12.68 5.21 -0.26
C ALA A 91 13.54 5.88 -1.33
N GLN A 92 12.97 6.09 -2.50
CA GLN A 92 13.70 6.72 -3.60
C GLN A 92 13.68 8.25 -3.47
N LEU A 93 12.49 8.80 -3.27
CA LEU A 93 12.34 10.24 -3.12
C LEU A 93 13.02 10.73 -1.86
N THR A 94 13.92 11.71 -2.02
CA THR A 94 14.66 12.27 -0.90
C THR A 94 13.76 13.18 -0.06
N SER A 95 12.91 13.94 -0.73
CA SER A 95 12.00 14.86 -0.05
C SER A 95 10.77 15.14 -0.91
N GLY A 96 9.68 15.53 -0.26
CA GLY A 96 8.46 15.84 -0.98
C GLY A 96 7.34 16.27 -0.06
N PRO A 97 6.41 17.08 -0.59
CA PRO A 97 5.27 17.59 0.18
C PRO A 97 4.26 16.49 0.51
N SER A 98 4.57 15.27 0.11
CA SER A 98 3.70 14.13 0.37
C SER A 98 3.09 14.22 1.76
N SER A 99 1.76 14.19 1.82
CA SER A 99 1.04 14.28 3.09
C SER A 99 1.73 13.41 4.15
N GLY A 100 2.12 12.20 3.76
CA GLY A 100 2.77 11.29 4.68
C GLY A 100 2.77 9.86 4.20
N GLY A 1 39.40 -4.13 13.39
CA GLY A 1 38.16 -4.41 12.70
C GLY A 1 37.56 -3.16 12.09
N SER A 2 36.72 -3.34 11.08
CA SER A 2 36.07 -2.21 10.41
C SER A 2 34.76 -2.64 9.76
N SER A 3 33.90 -1.67 9.47
CA SER A 3 32.61 -1.95 8.85
C SER A 3 32.35 -1.00 7.69
N GLY A 4 31.63 -1.49 6.67
CA GLY A 4 31.33 -0.67 5.52
C GLY A 4 30.30 -1.32 4.61
N SER A 5 29.63 -0.51 3.81
CA SER A 5 28.62 -1.01 2.88
C SER A 5 28.24 0.05 1.85
N SER A 6 27.82 -0.39 0.68
CA SER A 6 27.44 0.52 -0.39
C SER A 6 26.21 1.32 0.00
N GLY A 7 25.20 0.64 0.53
CA GLY A 7 23.97 1.30 0.94
C GLY A 7 22.82 1.02 -0.01
N THR A 8 21.65 0.72 0.56
CA THR A 8 20.47 0.42 -0.23
C THR A 8 19.21 0.95 0.44
N ASN A 9 18.09 0.84 -0.26
CA ASN A 9 16.81 1.31 0.27
C ASN A 9 16.53 0.69 1.63
N ASP A 10 15.63 1.31 2.39
CA ASP A 10 15.27 0.82 3.71
C ASP A 10 14.04 -0.09 3.64
N GLU A 11 14.00 -0.93 2.61
CA GLU A 11 12.88 -1.85 2.42
C GLU A 11 12.37 -2.35 3.77
N GLU A 12 13.27 -2.47 4.74
CA GLU A 12 12.91 -2.94 6.07
C GLU A 12 11.73 -2.15 6.63
N THR A 13 11.90 -0.83 6.70
CA THR A 13 10.85 0.05 7.22
C THR A 13 9.66 0.11 6.27
N ILE A 14 9.94 0.29 4.99
CA ILE A 14 8.89 0.36 3.98
C ILE A 14 7.76 -0.62 4.29
N GLN A 15 8.14 -1.87 4.57
CA GLN A 15 7.16 -2.90 4.88
C GLN A 15 6.41 -2.57 6.16
N GLN A 16 7.12 -1.99 7.13
CA GLN A 16 6.51 -1.62 8.40
C GLN A 16 5.33 -0.66 8.20
N GLN A 17 5.51 0.29 7.28
CA GLN A 17 4.47 1.26 6.99
C GLN A 17 3.28 0.60 6.29
N ILE A 18 3.56 -0.11 5.22
CA ILE A 18 2.51 -0.80 4.47
C ILE A 18 1.63 -1.64 5.39
N LEU A 19 2.26 -2.42 6.26
CA LEU A 19 1.54 -3.27 7.19
C LEU A 19 0.66 -2.43 8.11
N ALA A 20 1.16 -1.25 8.48
CA ALA A 20 0.41 -0.35 9.36
C ALA A 20 -0.98 -0.07 8.81
N LEU A 21 -1.05 0.26 7.52
CA LEU A 21 -2.32 0.55 6.87
C LEU A 21 -3.31 -0.59 7.05
N SER A 22 -2.80 -1.82 6.99
CA SER A 22 -3.63 -3.01 7.15
C SER A 22 -4.35 -2.99 8.48
N ALA A 23 -3.86 -2.17 9.41
CA ALA A 23 -4.46 -2.05 10.73
C ALA A 23 -5.24 -0.75 10.86
N ASP A 24 -5.71 -0.22 9.73
CA ASP A 24 -6.47 1.01 9.73
C ASP A 24 -7.38 1.10 8.49
N LYS A 25 -8.61 1.53 8.70
CA LYS A 25 -9.57 1.66 7.61
C LYS A 25 -9.52 3.05 7.00
N ARG A 26 -9.17 4.03 7.82
CA ARG A 26 -9.09 5.41 7.36
C ARG A 26 -8.35 5.50 6.02
N ASN A 27 -7.51 4.51 5.76
CA ASN A 27 -6.74 4.48 4.52
C ASN A 27 -7.51 3.76 3.42
N PHE A 28 -8.18 2.68 3.78
CA PHE A 28 -8.96 1.89 2.83
C PHE A 28 -10.14 2.70 2.30
N LEU A 29 -10.68 3.58 3.15
CA LEU A 29 -11.81 4.41 2.78
C LEU A 29 -11.35 5.73 2.17
N ARG A 30 -10.24 6.26 2.70
CA ARG A 30 -9.69 7.52 2.20
C ARG A 30 -9.36 7.42 0.72
N ASP A 31 -9.68 8.48 -0.02
CA ASP A 31 -9.41 8.51 -1.46
C ASP A 31 -8.46 9.66 -1.80
N PRO A 32 -7.58 9.41 -2.78
CA PRO A 32 -6.60 10.40 -3.23
C PRO A 32 -7.25 11.57 -3.98
N PRO A 33 -6.48 12.63 -4.21
CA PRO A 33 -6.95 13.83 -4.91
C PRO A 33 -7.20 13.56 -6.39
N ALA A 34 -7.72 14.58 -7.08
CA ALA A 34 -8.00 14.46 -8.51
C ALA A 34 -6.85 15.01 -9.34
N GLY A 35 -6.21 16.06 -8.83
CA GLY A 35 -5.10 16.67 -9.55
C GLY A 35 -3.91 15.73 -9.68
N VAL A 36 -4.02 14.55 -9.08
CA VAL A 36 -2.94 13.57 -9.13
C VAL A 36 -3.21 12.53 -10.22
N GLN A 37 -4.45 12.48 -10.69
CA GLN A 37 -4.83 11.54 -11.73
C GLN A 37 -4.11 10.20 -11.56
N PHE A 38 -4.21 9.64 -10.36
CA PHE A 38 -3.55 8.36 -10.07
C PHE A 38 -4.17 7.23 -10.88
N ASN A 39 -3.71 7.10 -12.12
CA ASN A 39 -4.22 6.05 -13.00
C ASN A 39 -4.00 4.67 -12.40
N PHE A 40 -5.07 4.10 -11.85
CA PHE A 40 -5.00 2.78 -11.24
C PHE A 40 -5.66 1.73 -12.12
N ASP A 41 -4.88 0.72 -12.53
CA ASP A 41 -5.39 -0.34 -13.38
C ASP A 41 -5.78 -1.56 -12.55
N PHE A 42 -6.88 -1.45 -11.82
CA PHE A 42 -7.35 -2.55 -10.98
C PHE A 42 -7.34 -3.87 -11.74
N ASP A 43 -7.41 -3.77 -13.07
CA ASP A 43 -7.40 -4.96 -13.91
C ASP A 43 -6.05 -5.66 -13.86
N GLN A 44 -4.99 -4.87 -13.82
CA GLN A 44 -3.62 -5.40 -13.78
C GLN A 44 -3.13 -5.48 -12.34
N MET A 45 -3.91 -4.94 -11.41
CA MET A 45 -3.55 -4.95 -10.00
C MET A 45 -4.58 -5.71 -9.18
N TYR A 46 -5.61 -6.20 -9.84
CA TYR A 46 -6.68 -6.94 -9.17
C TYR A 46 -6.13 -8.23 -8.54
N PRO A 47 -5.56 -9.10 -9.40
CA PRO A 47 -4.99 -10.37 -8.96
C PRO A 47 -3.72 -10.19 -8.14
N VAL A 48 -2.91 -9.20 -8.52
CA VAL A 48 -1.66 -8.92 -7.82
C VAL A 48 -1.93 -8.56 -6.36
N ALA A 49 -3.17 -8.23 -6.05
CA ALA A 49 -3.56 -7.87 -4.69
C ALA A 49 -3.86 -9.11 -3.85
N LEU A 50 -4.36 -10.15 -4.51
CA LEU A 50 -4.70 -11.39 -3.83
C LEU A 50 -3.50 -11.95 -3.09
N VAL A 51 -2.31 -11.79 -3.67
CA VAL A 51 -1.08 -12.28 -3.06
C VAL A 51 -0.76 -11.49 -1.80
N MET A 52 -1.05 -10.19 -1.82
CA MET A 52 -0.78 -9.32 -0.68
C MET A 52 -1.63 -9.73 0.52
N LEU A 53 -2.67 -10.52 0.26
CA LEU A 53 -3.56 -10.97 1.32
C LEU A 53 -2.94 -12.14 2.09
N GLN A 54 -2.70 -13.25 1.39
CA GLN A 54 -2.10 -14.42 2.01
C GLN A 54 -0.83 -14.05 2.76
N GLU A 55 -0.14 -13.03 2.29
CA GLU A 55 1.10 -12.58 2.91
C GLU A 55 0.81 -11.73 4.15
N ASP A 56 -0.40 -11.18 4.20
CA ASP A 56 -0.81 -10.35 5.33
C ASP A 56 -2.19 -10.76 5.84
N GLU A 57 -2.23 -11.33 7.03
CA GLU A 57 -3.48 -11.77 7.62
C GLU A 57 -4.33 -10.58 8.05
N LEU A 58 -3.66 -9.50 8.46
CA LEU A 58 -4.35 -8.29 8.88
C LEU A 58 -5.12 -7.65 7.72
N LEU A 59 -4.44 -7.53 6.57
CA LEU A 59 -5.06 -6.95 5.39
C LEU A 59 -6.31 -7.71 4.98
N SER A 60 -6.18 -9.05 4.94
CA SER A 60 -7.29 -9.90 4.55
C SER A 60 -8.41 -9.83 5.59
N LYS A 61 -8.12 -10.27 6.81
CA LYS A 61 -9.09 -10.26 7.88
C LYS A 61 -9.86 -8.94 7.90
N MET A 62 -9.19 -7.86 7.52
CA MET A 62 -9.82 -6.54 7.49
C MET A 62 -10.66 -6.37 6.22
N ARG A 63 -9.99 -6.33 5.07
CA ARG A 63 -10.68 -6.16 3.79
C ARG A 63 -12.03 -6.86 3.82
N PHE A 64 -12.04 -8.13 4.23
CA PHE A 64 -13.27 -8.91 4.29
C PHE A 64 -14.30 -8.22 5.17
N ALA A 65 -13.86 -7.72 6.32
CA ALA A 65 -14.75 -7.04 7.25
C ALA A 65 -14.90 -5.57 6.88
N LEU A 66 -14.11 -5.12 5.92
CA LEU A 66 -14.16 -3.73 5.47
C LEU A 66 -14.62 -3.64 4.01
N VAL A 67 -15.15 -4.74 3.50
CA VAL A 67 -15.63 -4.79 2.13
C VAL A 67 -16.51 -6.00 1.89
N PRO A 68 -17.67 -5.78 1.25
CA PRO A 68 -18.09 -4.45 0.81
C PRO A 68 -18.43 -3.53 1.98
N LYS A 69 -18.28 -4.05 3.20
CA LYS A 69 -18.58 -3.27 4.39
C LYS A 69 -18.31 -1.78 4.17
N LEU A 70 -17.09 -1.47 3.74
CA LEU A 70 -16.70 -0.08 3.47
C LEU A 70 -16.88 0.26 2.00
N VAL A 71 -16.05 -0.33 1.15
CA VAL A 71 -16.11 -0.08 -0.29
C VAL A 71 -16.08 -1.39 -1.07
N LYS A 72 -16.22 -1.30 -2.38
CA LYS A 72 -16.20 -2.46 -3.25
C LYS A 72 -14.78 -3.02 -3.38
N GLU A 73 -14.67 -4.35 -3.39
CA GLU A 73 -13.37 -5.00 -3.50
C GLU A 73 -12.44 -4.21 -4.41
N GLU A 74 -12.97 -3.75 -5.54
CA GLU A 74 -12.19 -2.98 -6.50
C GLU A 74 -11.66 -1.70 -5.86
N VAL A 75 -12.58 -0.82 -5.47
CA VAL A 75 -12.20 0.45 -4.84
C VAL A 75 -11.18 0.23 -3.74
N PHE A 76 -11.49 -0.69 -2.82
CA PHE A 76 -10.61 -0.99 -1.71
C PHE A 76 -9.18 -1.25 -2.20
N TRP A 77 -9.07 -1.98 -3.30
CA TRP A 77 -7.76 -2.29 -3.88
C TRP A 77 -7.16 -1.07 -4.56
N ARG A 78 -8.00 -0.08 -4.86
CA ARG A 78 -7.55 1.14 -5.51
C ARG A 78 -6.94 2.10 -4.50
N ASN A 79 -7.74 2.48 -3.51
CA ASN A 79 -7.29 3.40 -2.47
C ASN A 79 -6.08 2.83 -1.72
N TYR A 80 -6.15 1.54 -1.41
CA TYR A 80 -5.07 0.87 -0.70
C TYR A 80 -3.74 1.06 -1.42
N PHE A 81 -3.63 0.48 -2.62
CA PHE A 81 -2.42 0.58 -3.41
C PHE A 81 -1.85 1.99 -3.34
N TYR A 82 -2.69 2.98 -3.61
CA TYR A 82 -2.26 4.38 -3.58
C TYR A 82 -1.35 4.65 -2.39
N ARG A 83 -1.81 4.23 -1.21
CA ARG A 83 -1.04 4.44 0.01
C ARG A 83 0.21 3.55 0.01
N VAL A 84 0.15 2.42 -0.68
CA VAL A 84 1.27 1.50 -0.76
C VAL A 84 2.34 2.03 -1.71
N SER A 85 1.93 2.79 -2.70
CA SER A 85 2.85 3.36 -3.68
C SER A 85 3.63 4.52 -3.08
N LEU A 86 2.94 5.39 -2.36
CA LEU A 86 3.57 6.55 -1.74
C LEU A 86 4.69 6.11 -0.80
N ILE A 87 4.45 5.06 -0.04
CA ILE A 87 5.44 4.53 0.89
C ILE A 87 6.63 3.95 0.15
N LYS A 88 6.43 2.79 -0.46
CA LYS A 88 7.49 2.12 -1.21
C LYS A 88 8.25 3.12 -2.08
N GLN A 89 7.52 4.09 -2.63
CA GLN A 89 8.13 5.10 -3.49
C GLN A 89 9.01 6.05 -2.68
N SER A 90 8.53 6.45 -1.51
CA SER A 90 9.27 7.34 -0.63
C SER A 90 10.75 6.98 -0.62
N ALA A 91 11.04 5.68 -0.58
CA ALA A 91 12.41 5.20 -0.56
C ALA A 91 13.26 5.91 -1.62
N GLN A 92 12.76 5.94 -2.84
CA GLN A 92 13.48 6.58 -3.94
C GLN A 92 12.60 7.64 -4.61
N LEU A 93 13.14 8.86 -4.73
CA LEU A 93 12.41 9.96 -5.35
C LEU A 93 12.94 10.24 -6.76
N THR A 94 12.27 9.68 -7.75
CA THR A 94 12.67 9.87 -9.14
C THR A 94 11.63 10.66 -9.91
N SER A 95 12.08 11.72 -10.59
CA SER A 95 11.18 12.57 -11.36
C SER A 95 10.13 11.73 -12.09
N GLY A 96 8.87 12.06 -11.88
CA GLY A 96 7.80 11.33 -12.53
C GLY A 96 6.56 12.18 -12.73
N PRO A 97 5.40 11.52 -12.89
CA PRO A 97 4.12 12.20 -13.10
C PRO A 97 3.64 12.93 -11.86
N SER A 98 4.35 12.74 -10.75
CA SER A 98 3.99 13.37 -9.49
C SER A 98 4.50 14.81 -9.45
N SER A 99 5.72 15.02 -9.96
CA SER A 99 6.33 16.35 -9.97
C SER A 99 6.54 16.82 -11.41
N GLY A 100 5.57 17.57 -11.93
CA GLY A 100 5.67 18.09 -13.28
C GLY A 100 5.10 19.48 -13.41
N GLY A 1 36.08 -9.21 12.22
CA GLY A 1 34.81 -9.90 12.36
C GLY A 1 33.92 -9.74 11.13
N SER A 2 33.22 -8.63 11.05
CA SER A 2 32.34 -8.35 9.92
C SER A 2 33.12 -7.81 8.73
N SER A 3 33.00 -8.50 7.59
CA SER A 3 33.71 -8.09 6.39
C SER A 3 33.34 -6.66 6.00
N GLY A 4 32.04 -6.38 5.99
CA GLY A 4 31.57 -5.05 5.63
C GLY A 4 30.22 -5.07 4.95
N SER A 5 29.15 -5.04 5.74
CA SER A 5 27.80 -5.06 5.20
C SER A 5 27.20 -3.66 5.19
N SER A 6 27.43 -2.93 4.10
CA SER A 6 26.91 -1.58 3.96
C SER A 6 25.54 -1.45 4.61
N GLY A 7 24.64 -2.37 4.27
CA GLY A 7 23.30 -2.34 4.82
C GLY A 7 22.24 -2.21 3.75
N THR A 8 21.12 -2.90 3.95
CA THR A 8 20.01 -2.85 3.00
C THR A 8 19.30 -1.51 3.04
N ASN A 9 18.71 -1.12 1.92
CA ASN A 9 17.99 0.15 1.84
C ASN A 9 16.79 0.16 2.76
N ASP A 10 16.00 1.23 2.71
CA ASP A 10 14.82 1.35 3.54
C ASP A 10 13.85 0.20 3.29
N GLU A 11 14.10 -0.54 2.22
CA GLU A 11 13.25 -1.68 1.87
C GLU A 11 12.74 -2.39 3.12
N GLU A 12 13.61 -2.53 4.11
CA GLU A 12 13.26 -3.20 5.36
C GLU A 12 12.05 -2.52 6.01
N THR A 13 12.12 -1.20 6.12
CA THR A 13 11.03 -0.43 6.73
C THR A 13 9.90 -0.20 5.72
N ILE A 14 10.23 -0.26 4.44
CA ILE A 14 9.24 -0.06 3.39
C ILE A 14 8.09 -1.05 3.53
N GLN A 15 8.36 -2.17 4.18
CA GLN A 15 7.34 -3.20 4.38
C GLN A 15 6.58 -2.97 5.68
N GLN A 16 7.27 -2.38 6.66
CA GLN A 16 6.67 -2.11 7.95
C GLN A 16 5.54 -1.09 7.82
N GLN A 17 5.77 -0.04 7.05
CA GLN A 17 4.77 1.00 6.84
C GLN A 17 3.54 0.44 6.15
N ILE A 18 3.76 -0.43 5.18
CA ILE A 18 2.66 -1.04 4.44
C ILE A 18 1.77 -1.87 5.36
N LEU A 19 2.39 -2.54 6.32
CA LEU A 19 1.65 -3.37 7.27
C LEU A 19 0.76 -2.50 8.16
N ALA A 20 1.21 -1.29 8.44
CA ALA A 20 0.45 -0.36 9.29
C ALA A 20 -0.84 0.07 8.60
N LEU A 21 -0.79 0.22 7.28
CA LEU A 21 -1.96 0.62 6.51
C LEU A 21 -3.14 -0.29 6.79
N SER A 22 -2.90 -1.60 6.74
CA SER A 22 -3.94 -2.59 6.99
C SER A 22 -4.59 -2.36 8.36
N ALA A 23 -3.75 -2.19 9.38
CA ALA A 23 -4.24 -1.96 10.73
C ALA A 23 -5.22 -0.79 10.78
N ASP A 24 -5.20 0.02 9.72
CA ASP A 24 -6.09 1.18 9.65
C ASP A 24 -7.28 0.89 8.73
N LYS A 25 -8.45 1.34 9.14
CA LYS A 25 -9.66 1.14 8.35
C LYS A 25 -9.92 2.33 7.43
N ARG A 26 -9.67 3.53 7.93
CA ARG A 26 -9.87 4.74 7.14
C ARG A 26 -9.20 4.62 5.78
N ASN A 27 -7.90 4.37 5.78
CA ASN A 27 -7.15 4.23 4.54
C ASN A 27 -7.99 3.54 3.46
N PHE A 28 -8.80 2.58 3.89
CA PHE A 28 -9.65 1.85 2.96
C PHE A 28 -10.71 2.77 2.34
N LEU A 29 -11.33 3.60 3.17
CA LEU A 29 -12.34 4.53 2.70
C LEU A 29 -11.71 5.73 1.99
N ARG A 30 -10.67 6.29 2.61
CA ARG A 30 -9.98 7.43 2.04
C ARG A 30 -9.80 7.27 0.53
N ASP A 31 -9.74 8.38 -0.18
CA ASP A 31 -9.57 8.36 -1.63
C ASP A 31 -8.73 9.54 -2.10
N PRO A 32 -7.88 9.31 -3.11
CA PRO A 32 -7.00 10.34 -3.66
C PRO A 32 -7.77 11.40 -4.43
N PRO A 33 -7.29 12.65 -4.37
CA PRO A 33 -7.92 13.78 -5.06
C PRO A 33 -7.77 13.69 -6.57
N ALA A 34 -8.47 14.57 -7.29
CA ALA A 34 -8.42 14.59 -8.74
C ALA A 34 -7.09 15.16 -9.22
N GLY A 35 -6.57 16.15 -8.51
CA GLY A 35 -5.31 16.76 -8.87
C GLY A 35 -4.21 15.74 -9.11
N VAL A 36 -4.14 14.74 -8.24
CA VAL A 36 -3.13 13.69 -8.37
C VAL A 36 -3.49 12.70 -9.48
N GLN A 37 -2.48 12.19 -10.16
CA GLN A 37 -2.69 11.23 -11.25
C GLN A 37 -2.24 9.84 -10.83
N PHE A 38 -3.19 9.03 -10.39
CA PHE A 38 -2.90 7.66 -9.97
C PHE A 38 -3.56 6.64 -10.89
N ASN A 39 -2.84 6.23 -11.93
CA ASN A 39 -3.37 5.27 -12.88
C ASN A 39 -3.42 3.87 -12.27
N PHE A 40 -4.32 3.68 -11.32
CA PHE A 40 -4.48 2.39 -10.65
C PHE A 40 -5.25 1.41 -11.53
N ASP A 41 -4.53 0.48 -12.14
CA ASP A 41 -5.14 -0.52 -13.01
C ASP A 41 -5.66 -1.69 -12.20
N PHE A 42 -6.78 -1.48 -11.51
CA PHE A 42 -7.39 -2.53 -10.70
C PHE A 42 -7.26 -3.89 -11.37
N ASP A 43 -7.26 -3.89 -12.70
CA ASP A 43 -7.15 -5.12 -13.46
C ASP A 43 -5.76 -5.73 -13.31
N GLN A 44 -4.74 -4.88 -13.42
CA GLN A 44 -3.36 -5.33 -13.30
C GLN A 44 -2.94 -5.44 -11.83
N MET A 45 -3.73 -4.81 -10.96
CA MET A 45 -3.44 -4.83 -9.53
C MET A 45 -4.46 -5.67 -8.78
N TYR A 46 -5.43 -6.21 -9.51
CA TYR A 46 -6.49 -7.02 -8.92
C TYR A 46 -5.90 -8.30 -8.32
N PRO A 47 -5.24 -9.09 -9.17
CA PRO A 47 -4.61 -10.35 -8.75
C PRO A 47 -3.40 -10.14 -7.85
N VAL A 48 -2.56 -9.18 -8.23
CA VAL A 48 -1.37 -8.86 -7.45
C VAL A 48 -1.71 -8.60 -5.99
N ALA A 49 -2.94 -8.17 -5.74
CA ALA A 49 -3.40 -7.89 -4.38
C ALA A 49 -3.67 -9.18 -3.62
N LEU A 50 -4.26 -10.16 -4.31
CA LEU A 50 -4.58 -11.44 -3.70
C LEU A 50 -3.40 -11.96 -2.87
N VAL A 51 -2.19 -11.77 -3.40
CA VAL A 51 -0.98 -12.21 -2.71
C VAL A 51 -0.82 -11.51 -1.36
N MET A 52 -1.11 -10.21 -1.34
CA MET A 52 -1.00 -9.43 -0.12
C MET A 52 -1.91 -9.99 0.97
N LEU A 53 -2.96 -10.69 0.55
CA LEU A 53 -3.91 -11.28 1.50
C LEU A 53 -3.29 -12.47 2.22
N GLN A 54 -2.65 -13.36 1.47
CA GLN A 54 -2.02 -14.53 2.05
C GLN A 54 -0.92 -14.13 3.03
N GLU A 55 0.06 -13.37 2.54
CA GLU A 55 1.16 -12.91 3.38
C GLU A 55 0.65 -12.14 4.59
N ASP A 56 -0.16 -11.12 4.33
CA ASP A 56 -0.73 -10.30 5.40
C ASP A 56 -2.19 -10.65 5.64
N GLU A 57 -2.51 -11.03 6.88
CA GLU A 57 -3.87 -11.39 7.23
C GLU A 57 -4.66 -10.17 7.69
N LEU A 58 -4.02 -9.32 8.48
CA LEU A 58 -4.65 -8.11 8.99
C LEU A 58 -5.32 -7.33 7.86
N LEU A 59 -4.91 -7.62 6.63
CA LEU A 59 -5.46 -6.94 5.46
C LEU A 59 -6.70 -7.68 4.94
N SER A 60 -6.60 -9.00 4.86
CA SER A 60 -7.71 -9.82 4.39
C SER A 60 -8.87 -9.78 5.37
N LYS A 61 -8.64 -10.31 6.56
CA LYS A 61 -9.67 -10.33 7.60
C LYS A 61 -10.46 -9.02 7.62
N MET A 62 -9.75 -7.91 7.55
CA MET A 62 -10.38 -6.60 7.54
C MET A 62 -11.07 -6.32 6.21
N ARG A 63 -10.29 -6.37 5.13
CA ARG A 63 -10.82 -6.12 3.80
C ARG A 63 -12.17 -6.81 3.61
N PHE A 64 -12.22 -8.09 3.96
CA PHE A 64 -13.45 -8.88 3.83
C PHE A 64 -14.58 -8.23 4.63
N ALA A 65 -14.36 -8.04 5.93
CA ALA A 65 -15.35 -7.44 6.80
C ALA A 65 -15.56 -5.96 6.47
N LEU A 66 -14.71 -5.45 5.58
CA LEU A 66 -14.80 -4.04 5.18
C LEU A 66 -15.09 -3.92 3.69
N VAL A 67 -15.44 -5.03 3.06
CA VAL A 67 -15.74 -5.05 1.63
C VAL A 67 -16.52 -6.31 1.25
N PRO A 68 -17.62 -6.12 0.52
CA PRO A 68 -18.07 -4.79 0.10
C PRO A 68 -18.59 -3.96 1.26
N LYS A 69 -18.57 -4.54 2.46
CA LYS A 69 -19.03 -3.86 3.66
C LYS A 69 -18.87 -2.35 3.51
N LEU A 70 -17.62 -1.90 3.40
CA LEU A 70 -17.32 -0.48 3.26
C LEU A 70 -17.35 -0.06 1.80
N VAL A 71 -16.41 -0.59 1.02
CA VAL A 71 -16.33 -0.27 -0.40
C VAL A 71 -16.15 -1.53 -1.23
N LYS A 72 -16.31 -1.39 -2.55
CA LYS A 72 -16.17 -2.52 -3.46
C LYS A 72 -14.74 -3.05 -3.45
N GLU A 73 -14.59 -4.35 -3.64
CA GLU A 73 -13.28 -4.98 -3.65
C GLU A 73 -12.32 -4.21 -4.57
N GLU A 74 -12.84 -3.77 -5.71
CA GLU A 74 -12.03 -3.03 -6.68
C GLU A 74 -11.51 -1.74 -6.07
N VAL A 75 -12.44 -0.88 -5.63
CA VAL A 75 -12.07 0.39 -5.03
C VAL A 75 -11.11 0.19 -3.86
N PHE A 76 -11.56 -0.55 -2.85
CA PHE A 76 -10.73 -0.82 -1.68
C PHE A 76 -9.27 -1.04 -2.07
N TRP A 77 -9.06 -1.98 -2.98
CA TRP A 77 -7.70 -2.30 -3.45
C TRP A 77 -7.00 -1.04 -3.95
N ARG A 78 -7.72 -0.22 -4.70
CA ARG A 78 -7.16 1.01 -5.24
C ARG A 78 -6.55 1.87 -4.14
N ASN A 79 -7.38 2.30 -3.20
CA ASN A 79 -6.92 3.12 -2.09
C ASN A 79 -5.72 2.48 -1.39
N TYR A 80 -5.93 1.31 -0.81
CA TYR A 80 -4.88 0.59 -0.12
C TYR A 80 -3.55 0.73 -0.86
N PHE A 81 -3.61 0.71 -2.18
CA PHE A 81 -2.41 0.84 -3.00
C PHE A 81 -1.97 2.30 -3.09
N TYR A 82 -2.92 3.19 -3.36
CA TYR A 82 -2.62 4.61 -3.47
C TYR A 82 -1.69 5.06 -2.36
N ARG A 83 -1.86 4.47 -1.18
CA ARG A 83 -1.04 4.81 -0.02
C ARG A 83 0.31 4.10 -0.09
N VAL A 84 0.30 2.84 -0.51
CA VAL A 84 1.52 2.06 -0.62
C VAL A 84 2.54 2.74 -1.53
N SER A 85 2.13 2.96 -2.79
CA SER A 85 3.00 3.61 -3.77
C SER A 85 3.75 4.77 -3.14
N LEU A 86 3.03 5.58 -2.37
CA LEU A 86 3.64 6.74 -1.70
C LEU A 86 4.80 6.32 -0.83
N ILE A 87 4.56 5.33 0.04
CA ILE A 87 5.60 4.84 0.93
C ILE A 87 6.81 4.35 0.16
N LYS A 88 6.61 3.30 -0.64
CA LYS A 88 7.70 2.74 -1.44
C LYS A 88 8.34 3.81 -2.32
N GLN A 89 7.53 4.73 -2.82
CA GLN A 89 8.01 5.81 -3.67
C GLN A 89 9.11 6.60 -2.96
N SER A 90 8.83 7.02 -1.74
CA SER A 90 9.79 7.79 -0.96
C SER A 90 11.20 7.23 -1.12
N ALA A 91 11.31 5.91 -1.07
CA ALA A 91 12.60 5.25 -1.21
C ALA A 91 13.29 5.66 -2.51
N GLN A 92 12.60 5.48 -3.63
CA GLN A 92 13.15 5.84 -4.93
C GLN A 92 13.01 7.34 -5.19
N LEU A 93 14.13 7.98 -5.48
CA LEU A 93 14.13 9.42 -5.74
C LEU A 93 13.52 9.73 -7.10
N THR A 94 13.25 11.00 -7.36
CA THR A 94 12.66 11.42 -8.61
C THR A 94 12.91 12.91 -8.87
N SER A 95 13.34 13.23 -10.08
CA SER A 95 13.62 14.62 -10.46
C SER A 95 12.37 15.29 -11.01
N GLY A 96 11.68 16.03 -10.16
CA GLY A 96 10.47 16.72 -10.59
C GLY A 96 9.37 15.77 -11.00
N PRO A 97 8.88 14.97 -10.05
CA PRO A 97 7.81 13.99 -10.31
C PRO A 97 6.47 14.66 -10.60
N SER A 98 6.43 15.98 -10.48
CA SER A 98 5.21 16.74 -10.72
C SER A 98 4.14 16.41 -9.68
N SER A 99 4.56 16.33 -8.42
CA SER A 99 3.65 16.01 -7.33
C SER A 99 2.79 17.21 -6.98
N GLY A 100 1.54 16.94 -6.62
CA GLY A 100 0.61 18.02 -6.27
C GLY A 100 0.02 17.85 -4.88
N GLY A 1 33.11 -3.17 15.68
CA GLY A 1 32.52 -1.96 15.12
C GLY A 1 31.50 -2.27 14.05
N SER A 2 30.29 -1.75 14.21
CA SER A 2 29.22 -1.99 13.25
C SER A 2 29.58 -1.40 11.89
N SER A 3 30.00 -2.28 10.98
CA SER A 3 30.38 -1.85 9.63
C SER A 3 29.18 -1.86 8.69
N GLY A 4 28.67 -0.67 8.37
CA GLY A 4 27.53 -0.58 7.48
C GLY A 4 27.42 0.78 6.82
N SER A 5 28.36 1.06 5.92
CA SER A 5 28.38 2.34 5.20
C SER A 5 27.06 2.58 4.49
N SER A 6 26.48 3.76 4.68
CA SER A 6 25.21 4.11 4.05
C SER A 6 25.13 3.55 2.64
N GLY A 7 23.93 3.17 2.22
CA GLY A 7 23.75 2.63 0.89
C GLY A 7 22.54 1.70 0.81
N THR A 8 22.52 0.68 1.65
CA THR A 8 21.42 -0.27 1.66
C THR A 8 20.08 0.44 1.79
N ASN A 9 19.34 0.50 0.70
CA ASN A 9 18.03 1.16 0.69
C ASN A 9 17.22 0.75 1.92
N ASP A 10 16.36 1.66 2.37
CA ASP A 10 15.52 1.41 3.53
C ASP A 10 14.32 0.54 3.17
N GLU A 11 14.57 -0.74 2.94
CA GLU A 11 13.51 -1.68 2.57
C GLU A 11 12.88 -2.31 3.81
N GLU A 12 13.65 -2.35 4.89
CA GLU A 12 13.17 -2.92 6.14
C GLU A 12 11.92 -2.19 6.63
N THR A 13 11.86 -0.88 6.37
CA THR A 13 10.73 -0.08 6.78
C THR A 13 9.60 -0.14 5.75
N ILE A 14 9.96 0.00 4.48
CA ILE A 14 8.99 -0.04 3.39
C ILE A 14 7.85 -1.01 3.72
N GLN A 15 8.19 -2.13 4.35
CA GLN A 15 7.21 -3.13 4.72
C GLN A 15 6.48 -2.74 6.00
N GLN A 16 7.25 -2.27 6.99
CA GLN A 16 6.69 -1.86 8.27
C GLN A 16 5.59 -0.83 8.07
N GLN A 17 5.80 0.09 7.13
CA GLN A 17 4.83 1.14 6.84
C GLN A 17 3.54 0.55 6.28
N ILE A 18 3.66 -0.23 5.21
CA ILE A 18 2.51 -0.86 4.59
C ILE A 18 1.66 -1.60 5.60
N LEU A 19 2.29 -2.46 6.38
CA LEU A 19 1.60 -3.23 7.41
C LEU A 19 0.64 -2.35 8.19
N ALA A 20 1.04 -1.10 8.41
CA ALA A 20 0.20 -0.15 9.14
C ALA A 20 -1.19 -0.04 8.52
N LEU A 21 -1.23 0.09 7.20
CA LEU A 21 -2.49 0.20 6.49
C LEU A 21 -3.42 -0.96 6.82
N SER A 22 -2.84 -2.14 7.04
CA SER A 22 -3.61 -3.33 7.38
C SER A 22 -4.16 -3.24 8.79
N ALA A 23 -3.60 -2.34 9.58
CA ALA A 23 -4.03 -2.15 10.96
C ALA A 23 -4.90 -0.90 11.10
N ASP A 24 -5.42 -0.43 9.98
CA ASP A 24 -6.27 0.75 9.97
C ASP A 24 -7.28 0.70 8.82
N LYS A 25 -8.47 1.25 9.05
CA LYS A 25 -9.51 1.27 8.03
C LYS A 25 -9.57 2.62 7.34
N ARG A 26 -9.30 3.68 8.09
CA ARG A 26 -9.33 5.03 7.55
C ARG A 26 -8.71 5.06 6.15
N ASN A 27 -7.73 4.19 5.93
CA ASN A 27 -7.05 4.12 4.64
C ASN A 27 -7.93 3.45 3.60
N PHE A 28 -8.57 2.35 3.99
CA PHE A 28 -9.44 1.60 3.09
C PHE A 28 -10.64 2.45 2.67
N LEU A 29 -10.93 3.49 3.45
CA LEU A 29 -12.05 4.38 3.15
C LEU A 29 -11.57 5.62 2.40
N ARG A 30 -10.49 6.21 2.88
CA ARG A 30 -9.93 7.40 2.25
C ARG A 30 -9.50 7.11 0.82
N ASP A 31 -9.99 7.92 -0.12
CA ASP A 31 -9.67 7.74 -1.53
C ASP A 31 -9.05 9.02 -2.10
N PRO A 32 -8.27 8.87 -3.18
CA PRO A 32 -7.60 10.00 -3.84
C PRO A 32 -8.58 10.92 -4.55
N PRO A 33 -8.21 12.20 -4.66
CA PRO A 33 -9.05 13.21 -5.32
C PRO A 33 -9.13 13.00 -6.83
N ALA A 34 -9.74 13.95 -7.52
CA ALA A 34 -9.87 13.88 -8.98
C ALA A 34 -8.64 14.44 -9.67
N GLY A 35 -8.27 15.66 -9.32
CA GLY A 35 -7.11 16.30 -9.92
C GLY A 35 -6.00 15.31 -10.21
N VAL A 36 -5.71 14.44 -9.24
CA VAL A 36 -4.66 13.44 -9.40
C VAL A 36 -5.09 12.34 -10.36
N GLN A 37 -4.31 12.13 -11.41
CA GLN A 37 -4.61 11.12 -12.40
C GLN A 37 -4.05 9.76 -11.97
N PHE A 38 -4.12 9.48 -10.67
CA PHE A 38 -3.62 8.23 -10.13
C PHE A 38 -4.02 7.05 -11.01
N ASN A 39 -3.10 6.59 -11.84
CA ASN A 39 -3.36 5.47 -12.74
C ASN A 39 -3.25 4.14 -12.01
N PHE A 40 -4.39 3.49 -11.80
CA PHE A 40 -4.42 2.20 -11.11
C PHE A 40 -5.25 1.19 -11.89
N ASP A 41 -4.58 0.34 -12.64
CA ASP A 41 -5.25 -0.69 -13.43
C ASP A 41 -5.68 -1.85 -12.55
N PHE A 42 -6.76 -1.65 -11.79
CA PHE A 42 -7.27 -2.68 -10.90
C PHE A 42 -7.18 -4.05 -11.55
N ASP A 43 -7.21 -4.07 -12.88
CA ASP A 43 -7.13 -5.32 -13.64
C ASP A 43 -5.76 -5.98 -13.44
N GLN A 44 -4.70 -5.23 -13.70
CA GLN A 44 -3.34 -5.75 -13.55
C GLN A 44 -2.90 -5.70 -12.09
N MET A 45 -3.70 -5.05 -11.26
CA MET A 45 -3.38 -4.94 -9.84
C MET A 45 -4.36 -5.76 -8.99
N TYR A 46 -5.38 -6.31 -9.65
CA TYR A 46 -6.38 -7.12 -8.96
C TYR A 46 -5.77 -8.40 -8.42
N PRO A 47 -5.17 -9.20 -9.33
CA PRO A 47 -4.53 -10.47 -8.97
C PRO A 47 -3.26 -10.26 -8.16
N VAL A 48 -2.55 -9.18 -8.43
CA VAL A 48 -1.32 -8.86 -7.72
C VAL A 48 -1.58 -8.60 -6.24
N ALA A 49 -2.80 -8.15 -5.94
CA ALA A 49 -3.18 -7.86 -4.56
C ALA A 49 -3.40 -9.14 -3.77
N LEU A 50 -3.95 -10.16 -4.43
CA LEU A 50 -4.21 -11.44 -3.80
C LEU A 50 -3.01 -11.91 -3.00
N VAL A 51 -1.82 -11.73 -3.56
CA VAL A 51 -0.58 -12.13 -2.91
C VAL A 51 -0.37 -11.37 -1.61
N MET A 52 -0.78 -10.10 -1.60
CA MET A 52 -0.63 -9.26 -0.42
C MET A 52 -1.60 -9.70 0.68
N LEU A 53 -2.55 -10.55 0.32
CA LEU A 53 -3.54 -11.05 1.27
C LEU A 53 -2.99 -12.23 2.05
N GLN A 54 -2.32 -13.15 1.35
CA GLN A 54 -1.75 -14.32 1.98
C GLN A 54 -0.49 -13.96 2.76
N GLU A 55 -0.06 -12.71 2.64
CA GLU A 55 1.13 -12.24 3.34
C GLU A 55 0.75 -11.54 4.64
N ASP A 56 -0.36 -10.82 4.62
CA ASP A 56 -0.83 -10.10 5.80
C ASP A 56 -2.27 -10.47 6.13
N GLU A 57 -2.47 -11.06 7.30
CA GLU A 57 -3.81 -11.47 7.73
C GLU A 57 -4.66 -10.27 8.09
N LEU A 58 -4.01 -9.22 8.58
CA LEU A 58 -4.71 -7.99 8.96
C LEU A 58 -5.24 -7.27 7.74
N LEU A 59 -4.75 -7.65 6.57
CA LEU A 59 -5.19 -7.04 5.32
C LEU A 59 -6.40 -7.76 4.74
N SER A 60 -6.39 -9.08 4.83
CA SER A 60 -7.49 -9.89 4.32
C SER A 60 -8.66 -9.91 5.30
N LYS A 61 -8.39 -10.32 6.53
CA LYS A 61 -9.41 -10.38 7.57
C LYS A 61 -10.19 -9.06 7.65
N MET A 62 -9.47 -7.95 7.47
CA MET A 62 -10.08 -6.63 7.51
C MET A 62 -10.89 -6.36 6.25
N ARG A 63 -10.23 -6.43 5.10
CA ARG A 63 -10.88 -6.18 3.82
C ARG A 63 -12.25 -6.85 3.78
N PHE A 64 -12.28 -8.16 4.02
CA PHE A 64 -13.52 -8.91 4.00
C PHE A 64 -14.56 -8.27 4.91
N ALA A 65 -14.17 -8.00 6.15
CA ALA A 65 -15.07 -7.39 7.12
C ALA A 65 -15.21 -5.88 6.86
N LEU A 66 -14.40 -5.37 5.94
CA LEU A 66 -14.43 -3.96 5.58
C LEU A 66 -14.81 -3.77 4.12
N VAL A 67 -15.29 -4.84 3.49
CA VAL A 67 -15.68 -4.79 2.09
C VAL A 67 -16.56 -5.99 1.72
N PRO A 68 -17.68 -5.71 1.05
CA PRO A 68 -18.07 -4.35 0.68
C PRO A 68 -18.48 -3.52 1.89
N LYS A 69 -18.45 -4.14 3.06
CA LYS A 69 -18.82 -3.46 4.30
C LYS A 69 -18.55 -1.95 4.18
N LEU A 70 -17.30 -1.59 3.95
CA LEU A 70 -16.92 -0.18 3.81
C LEU A 70 -17.02 0.27 2.36
N VAL A 71 -16.13 -0.26 1.52
CA VAL A 71 -16.11 0.09 0.11
C VAL A 71 -16.10 -1.16 -0.77
N LYS A 72 -16.36 -0.97 -2.06
CA LYS A 72 -16.39 -2.08 -3.00
C LYS A 72 -15.00 -2.70 -3.14
N GLU A 73 -14.96 -3.96 -3.56
CA GLU A 73 -13.69 -4.66 -3.74
C GLU A 73 -12.79 -3.91 -4.71
N GLU A 74 -13.40 -3.11 -5.57
CA GLU A 74 -12.65 -2.33 -6.56
C GLU A 74 -12.02 -1.10 -5.91
N VAL A 75 -12.86 -0.23 -5.37
CA VAL A 75 -12.39 0.99 -4.72
C VAL A 75 -11.34 0.68 -3.66
N PHE A 76 -11.67 -0.26 -2.78
CA PHE A 76 -10.75 -0.64 -1.70
C PHE A 76 -9.33 -0.81 -2.24
N TRP A 77 -9.16 -1.76 -3.15
CA TRP A 77 -7.85 -2.02 -3.74
C TRP A 77 -7.28 -0.76 -4.38
N ARG A 78 -8.16 0.18 -4.71
CA ARG A 78 -7.74 1.43 -5.33
C ARG A 78 -7.02 2.32 -4.32
N ASN A 79 -7.72 2.71 -3.26
CA ASN A 79 -7.16 3.56 -2.23
C ASN A 79 -5.93 2.90 -1.58
N TYR A 80 -6.11 1.67 -1.12
CA TYR A 80 -5.03 0.93 -0.48
C TYR A 80 -3.73 1.12 -1.25
N PHE A 81 -3.76 0.88 -2.55
CA PHE A 81 -2.58 1.04 -3.39
C PHE A 81 -2.10 2.48 -3.40
N TYR A 82 -3.02 3.40 -3.67
CA TYR A 82 -2.69 4.82 -3.72
C TYR A 82 -1.66 5.18 -2.65
N ARG A 83 -1.86 4.66 -1.44
CA ARG A 83 -0.94 4.92 -0.34
C ARG A 83 0.34 4.10 -0.49
N VAL A 84 0.18 2.78 -0.57
CA VAL A 84 1.33 1.89 -0.71
C VAL A 84 2.35 2.46 -1.69
N SER A 85 1.90 2.74 -2.91
CA SER A 85 2.77 3.29 -3.94
C SER A 85 3.65 4.41 -3.37
N LEU A 86 3.02 5.30 -2.60
CA LEU A 86 3.75 6.42 -2.01
C LEU A 86 4.78 5.93 -0.99
N ILE A 87 4.41 4.90 -0.24
CA ILE A 87 5.30 4.34 0.77
C ILE A 87 6.50 3.67 0.11
N LYS A 88 6.24 2.70 -0.75
CA LYS A 88 7.29 1.97 -1.45
C LYS A 88 8.15 2.93 -2.28
N GLN A 89 7.51 3.86 -2.95
CA GLN A 89 8.21 4.85 -3.77
C GLN A 89 9.09 5.74 -2.91
N SER A 90 8.57 6.14 -1.76
CA SER A 90 9.30 7.02 -0.84
C SER A 90 10.77 6.63 -0.80
N ALA A 91 11.04 5.34 -0.60
CA ALA A 91 12.41 4.84 -0.54
C ALA A 91 13.27 5.46 -1.63
N GLN A 92 12.88 5.24 -2.88
CA GLN A 92 13.62 5.78 -4.01
C GLN A 92 13.10 7.17 -4.39
N LEU A 93 13.86 7.86 -5.24
CA LEU A 93 13.48 9.20 -5.68
C LEU A 93 13.38 9.27 -7.20
N THR A 94 12.28 9.82 -7.69
CA THR A 94 12.06 9.95 -9.12
C THR A 94 12.68 11.23 -9.67
N SER A 95 13.29 11.14 -10.84
CA SER A 95 13.93 12.28 -11.47
C SER A 95 13.09 12.81 -12.62
N GLY A 96 12.42 13.93 -12.39
CA GLY A 96 11.58 14.53 -13.42
C GLY A 96 11.99 15.94 -13.75
N PRO A 97 11.92 16.29 -15.05
CA PRO A 97 12.29 17.63 -15.52
C PRO A 97 11.29 18.70 -15.08
N SER A 98 10.01 18.38 -15.16
CA SER A 98 8.96 19.31 -14.77
C SER A 98 7.63 18.58 -14.56
N SER A 99 6.90 19.00 -13.53
CA SER A 99 5.62 18.39 -13.21
C SER A 99 4.70 18.39 -14.43
N GLY A 100 4.04 17.25 -14.67
CA GLY A 100 3.14 17.15 -15.80
C GLY A 100 3.46 15.96 -16.68
N GLY A 1 30.34 -12.85 11.65
CA GLY A 1 29.75 -11.60 11.21
C GLY A 1 28.49 -11.81 10.41
N SER A 2 27.55 -12.56 10.98
CA SER A 2 26.29 -12.85 10.31
C SER A 2 25.15 -12.02 10.90
N SER A 3 24.04 -11.94 10.17
CA SER A 3 22.88 -11.18 10.62
C SER A 3 23.32 -9.89 11.31
N GLY A 4 24.32 -9.22 10.72
CA GLY A 4 24.81 -7.98 11.29
C GLY A 4 23.96 -6.79 10.91
N SER A 5 24.61 -5.70 10.52
CA SER A 5 23.90 -4.49 10.13
C SER A 5 23.60 -4.48 8.63
N SER A 6 22.32 -4.45 8.29
CA SER A 6 21.90 -4.44 6.89
C SER A 6 21.01 -3.24 6.60
N GLY A 7 21.50 -2.33 5.78
CA GLY A 7 20.73 -1.14 5.43
C GLY A 7 20.45 -1.06 3.94
N THR A 8 19.69 -2.03 3.43
CA THR A 8 19.34 -2.07 2.02
C THR A 8 18.27 -1.03 1.70
N ASN A 9 18.72 0.18 1.35
CA ASN A 9 17.81 1.27 1.01
C ASN A 9 16.62 1.30 1.97
N ASP A 10 16.90 1.06 3.25
CA ASP A 10 15.86 1.06 4.27
C ASP A 10 14.59 0.39 3.76
N GLU A 11 14.71 -0.84 3.28
CA GLU A 11 13.58 -1.58 2.76
C GLU A 11 12.86 -2.33 3.88
N GLU A 12 13.61 -2.73 4.90
CA GLU A 12 13.05 -3.46 6.03
C GLU A 12 11.84 -2.72 6.60
N THR A 13 11.91 -1.40 6.62
CA THR A 13 10.83 -0.58 7.14
C THR A 13 9.71 -0.45 6.13
N ILE A 14 10.07 -0.21 4.87
CA ILE A 14 9.08 -0.07 3.80
C ILE A 14 7.88 -0.97 4.04
N GLN A 15 8.14 -2.20 4.48
CA GLN A 15 7.07 -3.16 4.75
C GLN A 15 6.32 -2.79 6.02
N GLN A 16 7.08 -2.46 7.07
CA GLN A 16 6.48 -2.10 8.35
C GLN A 16 5.35 -1.09 8.16
N GLN A 17 5.65 -0.02 7.42
CA GLN A 17 4.66 1.03 7.16
C GLN A 17 3.43 0.45 6.46
N ILE A 18 3.64 -0.16 5.30
CA ILE A 18 2.55 -0.75 4.54
C ILE A 18 1.59 -1.50 5.44
N LEU A 19 2.13 -2.16 6.46
CA LEU A 19 1.33 -2.92 7.40
C LEU A 19 0.39 -2.00 8.18
N ALA A 20 0.93 -0.89 8.66
CA ALA A 20 0.15 0.08 9.42
C ALA A 20 -1.23 0.28 8.79
N LEU A 21 -1.25 0.48 7.47
CA LEU A 21 -2.51 0.68 6.76
C LEU A 21 -3.49 -0.46 7.04
N SER A 22 -2.98 -1.67 7.09
CA SER A 22 -3.80 -2.85 7.36
C SER A 22 -4.48 -2.74 8.72
N ALA A 23 -3.82 -2.02 9.64
CA ALA A 23 -4.36 -1.84 10.98
C ALA A 23 -5.26 -0.62 11.06
N ASP A 24 -5.88 -0.27 9.93
CA ASP A 24 -6.77 0.88 9.86
C ASP A 24 -7.73 0.75 8.69
N LYS A 25 -8.86 1.44 8.77
CA LYS A 25 -9.86 1.41 7.72
C LYS A 25 -10.03 2.78 7.08
N ARG A 26 -9.71 3.83 7.84
CA ARG A 26 -9.83 5.19 7.35
C ARG A 26 -9.14 5.35 6.00
N ASN A 27 -8.07 4.58 5.79
CA ASN A 27 -7.34 4.63 4.53
C ASN A 27 -8.08 3.89 3.42
N PHE A 28 -8.68 2.75 3.78
CA PHE A 28 -9.42 1.96 2.82
C PHE A 28 -10.61 2.74 2.26
N LEU A 29 -11.17 3.61 3.09
CA LEU A 29 -12.32 4.42 2.69
C LEU A 29 -11.86 5.75 2.10
N ARG A 30 -10.82 6.32 2.69
CA ARG A 30 -10.29 7.60 2.22
C ARG A 30 -9.64 7.45 0.85
N ASP A 31 -10.05 8.29 -0.09
CA ASP A 31 -9.52 8.24 -1.44
C ASP A 31 -8.54 9.40 -1.68
N PRO A 32 -7.54 9.16 -2.54
CA PRO A 32 -6.53 10.17 -2.86
C PRO A 32 -7.10 11.32 -3.69
N PRO A 33 -6.34 12.42 -3.78
CA PRO A 33 -6.76 13.61 -4.55
C PRO A 33 -6.75 13.36 -6.05
N ALA A 34 -7.12 14.39 -6.81
CA ALA A 34 -7.15 14.29 -8.27
C ALA A 34 -5.88 14.85 -8.89
N GLY A 35 -5.27 15.81 -8.20
CA GLY A 35 -4.06 16.43 -8.70
C GLY A 35 -2.91 15.45 -8.80
N VAL A 36 -2.89 14.48 -7.90
CA VAL A 36 -1.83 13.46 -7.88
C VAL A 36 -1.88 12.60 -9.15
N GLN A 37 -2.92 12.81 -9.96
CA GLN A 37 -3.08 12.05 -11.19
C GLN A 37 -2.63 10.61 -11.01
N PHE A 38 -3.13 9.96 -9.95
CA PHE A 38 -2.78 8.58 -9.65
C PHE A 38 -3.50 7.62 -10.60
N ASN A 39 -2.72 6.87 -11.38
CA ASN A 39 -3.28 5.92 -12.33
C ASN A 39 -3.11 4.49 -11.83
N PHE A 40 -4.23 3.82 -11.58
CA PHE A 40 -4.20 2.44 -11.10
C PHE A 40 -5.26 1.60 -11.81
N ASP A 41 -5.01 0.30 -11.89
CA ASP A 41 -5.93 -0.62 -12.56
C ASP A 41 -6.32 -1.76 -11.62
N PHE A 42 -7.60 -1.83 -11.28
CA PHE A 42 -8.10 -2.88 -10.39
C PHE A 42 -8.06 -4.24 -11.08
N ASP A 43 -8.59 -4.30 -12.30
CA ASP A 43 -8.62 -5.54 -13.06
C ASP A 43 -7.21 -6.08 -13.27
N GLN A 44 -6.27 -5.18 -13.53
CA GLN A 44 -4.88 -5.58 -13.75
C GLN A 44 -4.19 -5.91 -12.43
N MET A 45 -4.39 -5.05 -11.44
CA MET A 45 -3.79 -5.25 -10.12
C MET A 45 -4.71 -6.06 -9.22
N TYR A 46 -5.74 -6.67 -9.82
CA TYR A 46 -6.69 -7.47 -9.07
C TYR A 46 -6.04 -8.72 -8.50
N PRO A 47 -5.42 -9.51 -9.39
CA PRO A 47 -4.74 -10.75 -9.01
C PRO A 47 -3.46 -10.50 -8.20
N VAL A 48 -2.76 -9.42 -8.54
CA VAL A 48 -1.54 -9.06 -7.85
C VAL A 48 -1.79 -8.79 -6.38
N ALA A 49 -2.93 -8.19 -6.08
CA ALA A 49 -3.31 -7.88 -4.71
C ALA A 49 -3.45 -9.15 -3.88
N LEU A 50 -4.11 -10.15 -4.44
CA LEU A 50 -4.32 -11.42 -3.75
C LEU A 50 -3.05 -11.86 -3.03
N VAL A 51 -1.91 -11.66 -3.67
CA VAL A 51 -0.63 -12.02 -3.09
C VAL A 51 -0.36 -11.26 -1.80
N MET A 52 -0.78 -9.99 -1.78
CA MET A 52 -0.58 -9.15 -0.61
C MET A 52 -1.45 -9.62 0.55
N LEU A 53 -2.55 -10.31 0.22
CA LEU A 53 -3.46 -10.82 1.24
C LEU A 53 -2.82 -11.94 2.03
N GLN A 54 -2.44 -13.02 1.34
CA GLN A 54 -1.82 -14.16 1.99
C GLN A 54 -0.63 -13.72 2.85
N GLU A 55 0.18 -12.82 2.30
CA GLU A 55 1.35 -12.32 3.02
C GLU A 55 0.94 -11.66 4.33
N ASP A 56 0.00 -10.72 4.25
CA ASP A 56 -0.49 -10.03 5.44
C ASP A 56 -1.90 -10.47 5.81
N GLU A 57 -2.04 -11.10 6.97
CA GLU A 57 -3.34 -11.58 7.43
C GLU A 57 -4.24 -10.41 7.79
N LEU A 58 -3.69 -9.41 8.46
CA LEU A 58 -4.44 -8.23 8.86
C LEU A 58 -5.08 -7.55 7.66
N LEU A 59 -4.42 -7.64 6.51
CA LEU A 59 -4.92 -7.04 5.29
C LEU A 59 -6.18 -7.75 4.81
N SER A 60 -6.05 -9.05 4.53
CA SER A 60 -7.18 -9.84 4.06
C SER A 60 -8.33 -9.79 5.06
N LYS A 61 -8.11 -10.37 6.24
CA LYS A 61 -9.13 -10.39 7.28
C LYS A 61 -9.90 -9.07 7.32
N MET A 62 -9.17 -7.96 7.27
CA MET A 62 -9.77 -6.64 7.30
C MET A 62 -10.61 -6.40 6.05
N ARG A 63 -9.96 -6.43 4.89
CA ARG A 63 -10.64 -6.21 3.62
C ARG A 63 -12.03 -6.84 3.64
N PHE A 64 -12.08 -8.15 3.87
CA PHE A 64 -13.35 -8.87 3.91
C PHE A 64 -14.30 -8.24 4.93
N ALA A 65 -13.75 -7.85 6.08
CA ALA A 65 -14.56 -7.24 7.13
C ALA A 65 -14.82 -5.77 6.84
N LEU A 66 -14.08 -5.22 5.88
CA LEU A 66 -14.23 -3.82 5.49
C LEU A 66 -14.68 -3.70 4.04
N VAL A 67 -15.14 -4.81 3.47
CA VAL A 67 -15.61 -4.83 2.08
C VAL A 67 -16.44 -6.07 1.80
N PRO A 68 -17.59 -5.87 1.15
CA PRO A 68 -18.05 -4.54 0.74
C PRO A 68 -18.45 -3.67 1.92
N LYS A 69 -18.30 -4.21 3.13
CA LYS A 69 -18.64 -3.48 4.34
C LYS A 69 -18.45 -1.98 4.15
N LEU A 70 -17.25 -1.60 3.72
CA LEU A 70 -16.94 -0.19 3.50
C LEU A 70 -17.10 0.17 2.02
N VAL A 71 -16.21 -0.36 1.19
CA VAL A 71 -16.26 -0.09 -0.24
C VAL A 71 -16.13 -1.38 -1.05
N LYS A 72 -16.21 -1.26 -2.37
CA LYS A 72 -16.09 -2.41 -3.25
C LYS A 72 -14.64 -2.82 -3.43
N GLU A 73 -14.40 -4.12 -3.59
CA GLU A 73 -13.06 -4.63 -3.77
C GLU A 73 -12.28 -3.78 -4.76
N GLU A 74 -12.93 -3.42 -5.86
CA GLU A 74 -12.30 -2.60 -6.89
C GLU A 74 -11.66 -1.36 -6.28
N VAL A 75 -12.47 -0.54 -5.62
CA VAL A 75 -12.00 0.67 -4.99
C VAL A 75 -11.06 0.36 -3.83
N PHE A 76 -11.57 -0.36 -2.84
CA PHE A 76 -10.79 -0.73 -1.68
C PHE A 76 -9.32 -0.95 -2.05
N TRP A 77 -9.10 -1.66 -3.16
CA TRP A 77 -7.76 -1.95 -3.63
C TRP A 77 -7.08 -0.68 -4.15
N ARG A 78 -7.79 0.06 -5.00
CA ARG A 78 -7.26 1.28 -5.56
C ARG A 78 -6.58 2.14 -4.49
N ASN A 79 -7.34 2.51 -3.48
CA ASN A 79 -6.82 3.33 -2.39
C ASN A 79 -5.63 2.65 -1.73
N TYR A 80 -5.86 1.46 -1.17
CA TYR A 80 -4.81 0.71 -0.50
C TYR A 80 -3.49 0.84 -1.24
N PHE A 81 -3.49 0.41 -2.50
CA PHE A 81 -2.29 0.48 -3.33
C PHE A 81 -1.69 1.88 -3.32
N TYR A 82 -2.50 2.86 -3.68
CA TYR A 82 -2.05 4.26 -3.70
C TYR A 82 -1.20 4.57 -2.49
N ARG A 83 -1.74 4.30 -1.31
CA ARG A 83 -1.03 4.57 -0.06
C ARG A 83 0.31 3.84 -0.04
N VAL A 84 0.32 2.60 -0.52
CA VAL A 84 1.53 1.79 -0.55
C VAL A 84 2.57 2.42 -1.47
N SER A 85 2.14 2.76 -2.69
CA SER A 85 3.05 3.35 -3.67
C SER A 85 3.78 4.56 -3.08
N LEU A 86 3.06 5.34 -2.27
CA LEU A 86 3.64 6.52 -1.64
C LEU A 86 4.72 6.13 -0.64
N ILE A 87 4.42 5.12 0.18
CA ILE A 87 5.37 4.65 1.18
C ILE A 87 6.59 4.03 0.53
N LYS A 88 6.36 3.22 -0.51
CA LYS A 88 7.45 2.57 -1.22
C LYS A 88 8.22 3.56 -2.08
N GLN A 89 7.50 4.54 -2.64
CA GLN A 89 8.11 5.55 -3.48
C GLN A 89 9.29 6.22 -2.76
N SER A 90 8.98 6.90 -1.66
CA SER A 90 10.01 7.58 -0.88
C SER A 90 11.27 6.73 -0.78
N ALA A 91 11.09 5.42 -0.65
CA ALA A 91 12.22 4.50 -0.54
C ALA A 91 13.01 4.45 -1.84
N GLN A 92 13.77 5.50 -2.09
CA GLN A 92 14.58 5.57 -3.31
C GLN A 92 13.91 4.86 -4.47
N LEU A 93 12.58 4.96 -4.53
CA LEU A 93 11.81 4.32 -5.58
C LEU A 93 11.01 5.35 -6.36
N THR A 94 11.64 5.95 -7.37
CA THR A 94 10.97 6.95 -8.19
C THR A 94 10.84 6.47 -9.64
N SER A 95 9.60 6.33 -10.10
CA SER A 95 9.33 5.88 -11.45
C SER A 95 7.86 6.09 -11.82
N GLY A 96 7.56 6.01 -13.11
CA GLY A 96 6.20 6.19 -13.57
C GLY A 96 5.95 7.59 -14.11
N PRO A 97 6.30 7.81 -15.39
CA PRO A 97 6.13 9.10 -16.05
C PRO A 97 4.65 9.44 -16.29
N SER A 98 4.41 10.55 -16.98
CA SER A 98 3.05 10.99 -17.27
C SER A 98 2.45 10.16 -18.41
N SER A 99 3.08 10.25 -19.58
CA SER A 99 2.60 9.52 -20.75
C SER A 99 3.78 8.95 -21.54
N GLY A 100 3.72 7.65 -21.82
CA GLY A 100 4.78 7.01 -22.58
C GLY A 100 4.38 6.71 -24.01
N GLY A 1 23.08 -18.87 22.43
CA GLY A 1 24.07 -18.26 21.56
C GLY A 1 24.02 -16.75 21.61
N SER A 2 24.47 -16.10 20.53
CA SER A 2 24.48 -14.65 20.46
C SER A 2 24.00 -14.17 19.09
N SER A 3 23.70 -12.88 19.00
CA SER A 3 23.21 -12.29 17.76
C SER A 3 24.15 -11.18 17.29
N GLY A 4 24.24 -11.00 15.97
CA GLY A 4 25.10 -9.98 15.41
C GLY A 4 24.33 -8.95 14.61
N SER A 5 24.88 -7.75 14.51
CA SER A 5 24.23 -6.67 13.77
C SER A 5 23.91 -7.11 12.34
N SER A 6 22.81 -6.60 11.80
CA SER A 6 22.39 -6.94 10.45
C SER A 6 21.44 -5.89 9.89
N GLY A 7 21.36 -5.82 8.57
CA GLY A 7 20.48 -4.85 7.93
C GLY A 7 20.26 -5.15 6.46
N THR A 8 19.50 -4.29 5.80
CA THR A 8 19.21 -4.46 4.37
C THR A 8 18.67 -3.18 3.76
N ASN A 9 18.37 -3.22 2.47
CA ASN A 9 17.84 -2.06 1.76
C ASN A 9 16.73 -1.39 2.57
N ASP A 10 16.49 -0.12 2.28
CA ASP A 10 15.44 0.64 2.98
C ASP A 10 14.14 -0.17 3.05
N GLU A 11 13.89 -0.96 2.01
CA GLU A 11 12.68 -1.78 1.95
C GLU A 11 12.29 -2.25 3.34
N GLU A 12 13.28 -2.57 4.16
CA GLU A 12 13.03 -3.05 5.52
C GLU A 12 11.82 -2.32 6.13
N THR A 13 11.93 -1.00 6.24
CA THR A 13 10.86 -0.20 6.81
C THR A 13 9.64 -0.18 5.90
N ILE A 14 9.88 0.12 4.62
CA ILE A 14 8.80 0.16 3.64
C ILE A 14 7.71 -0.86 3.97
N GLN A 15 8.13 -2.06 4.36
CA GLN A 15 7.21 -3.12 4.70
C GLN A 15 6.48 -2.82 6.01
N GLN A 16 7.25 -2.40 7.02
CA GLN A 16 6.68 -2.08 8.32
C GLN A 16 5.57 -1.05 8.19
N GLN A 17 5.80 -0.04 7.36
CA GLN A 17 4.81 1.01 7.16
C GLN A 17 3.53 0.45 6.54
N ILE A 18 3.69 -0.29 5.43
CA ILE A 18 2.55 -0.88 4.74
C ILE A 18 1.68 -1.67 5.71
N LEU A 19 2.30 -2.51 6.52
CA LEU A 19 1.58 -3.32 7.49
C LEU A 19 0.62 -2.45 8.31
N ALA A 20 1.05 -1.25 8.65
CA ALA A 20 0.24 -0.32 9.43
C ALA A 20 -1.11 -0.09 8.76
N LEU A 21 -1.09 0.17 7.46
CA LEU A 21 -2.31 0.40 6.70
C LEU A 21 -3.33 -0.70 6.95
N SER A 22 -2.84 -1.93 7.08
CA SER A 22 -3.70 -3.08 7.31
C SER A 22 -4.40 -2.97 8.66
N ALA A 23 -3.69 -2.40 9.63
CA ALA A 23 -4.24 -2.23 10.98
C ALA A 23 -5.33 -1.17 11.00
N ASP A 24 -5.21 -0.20 10.10
CA ASP A 24 -6.19 0.89 10.01
C ASP A 24 -7.36 0.48 9.12
N LYS A 25 -8.39 1.32 9.09
CA LYS A 25 -9.57 1.06 8.27
C LYS A 25 -9.94 2.28 7.44
N ARG A 26 -9.69 3.47 7.99
CA ARG A 26 -9.99 4.71 7.29
C ARG A 26 -9.32 4.76 5.92
N ASN A 27 -8.02 4.48 5.90
CA ASN A 27 -7.26 4.50 4.66
C ASN A 27 -8.01 3.75 3.56
N PHE A 28 -8.65 2.64 3.93
CA PHE A 28 -9.40 1.84 2.97
C PHE A 28 -10.58 2.62 2.42
N LEU A 29 -11.20 3.44 3.27
CA LEU A 29 -12.35 4.25 2.86
C LEU A 29 -11.90 5.46 2.07
N ARG A 30 -10.81 6.08 2.51
CA ARG A 30 -10.28 7.27 1.84
C ARG A 30 -9.75 6.91 0.45
N ASP A 31 -10.08 7.74 -0.53
CA ASP A 31 -9.65 7.51 -1.91
C ASP A 31 -8.96 8.75 -2.46
N PRO A 32 -8.03 8.53 -3.42
CA PRO A 32 -7.28 9.63 -4.05
C PRO A 32 -8.17 10.49 -4.95
N PRO A 33 -7.81 11.78 -5.06
CA PRO A 33 -8.55 12.74 -5.88
C PRO A 33 -8.39 12.47 -7.38
N ALA A 34 -9.12 13.23 -8.19
CA ALA A 34 -9.05 13.08 -9.64
C ALA A 34 -7.86 13.82 -10.22
N GLY A 35 -7.48 14.92 -9.57
CA GLY A 35 -6.36 15.72 -10.04
C GLY A 35 -5.12 14.88 -10.25
N VAL A 36 -4.89 13.92 -9.36
CA VAL A 36 -3.73 13.05 -9.45
C VAL A 36 -3.88 12.04 -10.59
N GLN A 37 -2.81 11.86 -11.36
CA GLN A 37 -2.83 10.92 -12.46
C GLN A 37 -2.40 9.53 -12.01
N PHE A 38 -3.27 8.87 -11.25
CA PHE A 38 -2.97 7.54 -10.74
C PHE A 38 -3.75 6.48 -11.51
N ASN A 39 -3.32 6.22 -12.75
CA ASN A 39 -3.97 5.23 -13.59
C ASN A 39 -3.88 3.84 -12.98
N PHE A 40 -4.72 3.59 -11.98
CA PHE A 40 -4.72 2.30 -11.30
C PHE A 40 -5.53 1.28 -12.09
N ASP A 41 -4.84 0.42 -12.84
CA ASP A 41 -5.49 -0.60 -13.65
C ASP A 41 -5.86 -1.81 -12.79
N PHE A 42 -6.98 -1.71 -12.09
CA PHE A 42 -7.44 -2.79 -11.23
C PHE A 42 -7.36 -4.14 -11.95
N ASP A 43 -7.58 -4.11 -13.27
CA ASP A 43 -7.54 -5.32 -14.07
C ASP A 43 -6.25 -6.11 -13.81
N GLN A 44 -5.15 -5.38 -13.64
CA GLN A 44 -3.86 -6.01 -13.37
C GLN A 44 -3.55 -6.01 -11.89
N MET A 45 -3.89 -4.91 -11.22
CA MET A 45 -3.65 -4.79 -9.78
C MET A 45 -4.68 -5.58 -8.98
N TYR A 46 -5.62 -6.19 -9.69
CA TYR A 46 -6.67 -6.98 -9.05
C TYR A 46 -6.09 -8.26 -8.44
N PRO A 47 -5.50 -9.10 -9.29
CA PRO A 47 -4.90 -10.36 -8.86
C PRO A 47 -3.63 -10.16 -8.04
N VAL A 48 -2.84 -9.16 -8.43
CA VAL A 48 -1.60 -8.87 -7.73
C VAL A 48 -1.86 -8.53 -6.27
N ALA A 49 -3.06 -8.02 -5.99
CA ALA A 49 -3.45 -7.66 -4.63
C ALA A 49 -3.74 -8.90 -3.79
N LEU A 50 -4.31 -9.92 -4.42
CA LEU A 50 -4.64 -11.16 -3.73
C LEU A 50 -3.43 -11.70 -2.97
N VAL A 51 -2.26 -11.60 -3.59
CA VAL A 51 -1.02 -12.07 -2.96
C VAL A 51 -0.74 -11.32 -1.68
N MET A 52 -1.04 -10.02 -1.67
CA MET A 52 -0.82 -9.19 -0.49
C MET A 52 -1.64 -9.69 0.69
N LEU A 53 -2.76 -10.33 0.39
CA LEU A 53 -3.64 -10.87 1.43
C LEU A 53 -2.93 -11.91 2.28
N GLN A 54 -2.36 -12.91 1.61
CA GLN A 54 -1.64 -13.97 2.30
C GLN A 54 -0.50 -13.41 3.15
N GLU A 55 0.38 -12.65 2.51
CA GLU A 55 1.52 -12.05 3.21
C GLU A 55 1.07 -11.36 4.49
N ASP A 56 0.05 -10.51 4.37
CA ASP A 56 -0.49 -9.79 5.52
C ASP A 56 -1.91 -10.25 5.84
N GLU A 57 -2.05 -11.03 6.91
CA GLU A 57 -3.35 -11.53 7.33
C GLU A 57 -4.24 -10.39 7.82
N LEU A 58 -3.62 -9.38 8.43
CA LEU A 58 -4.36 -8.23 8.94
C LEU A 58 -4.98 -7.43 7.81
N LEU A 59 -4.56 -7.71 6.59
CA LEU A 59 -5.08 -7.01 5.41
C LEU A 59 -6.36 -7.68 4.91
N SER A 60 -6.34 -9.01 4.84
CA SER A 60 -7.49 -9.77 4.37
C SER A 60 -8.65 -9.66 5.36
N LYS A 61 -8.45 -10.21 6.56
CA LYS A 61 -9.48 -10.18 7.59
C LYS A 61 -10.22 -8.85 7.58
N MET A 62 -9.47 -7.76 7.49
CA MET A 62 -10.06 -6.43 7.47
C MET A 62 -10.85 -6.20 6.19
N ARG A 63 -10.14 -6.13 5.06
CA ARG A 63 -10.77 -5.92 3.77
C ARG A 63 -12.14 -6.61 3.71
N PHE A 64 -12.15 -7.92 3.93
CA PHE A 64 -13.38 -8.70 3.90
C PHE A 64 -14.44 -8.05 4.78
N ALA A 65 -14.10 -7.79 6.03
CA ALA A 65 -15.02 -7.18 6.97
C ALA A 65 -15.25 -5.71 6.63
N LEU A 66 -14.39 -5.16 5.78
CA LEU A 66 -14.51 -3.76 5.38
C LEU A 66 -14.85 -3.65 3.89
N VAL A 67 -15.32 -4.75 3.32
CA VAL A 67 -15.70 -4.78 1.91
C VAL A 67 -16.51 -6.02 1.58
N PRO A 68 -17.63 -5.82 0.86
CA PRO A 68 -18.07 -4.50 0.42
C PRO A 68 -18.53 -3.62 1.58
N LYS A 69 -18.44 -4.16 2.80
CA LYS A 69 -18.84 -3.43 4.00
C LYS A 69 -18.61 -1.94 3.82
N LEU A 70 -17.41 -1.58 3.37
CA LEU A 70 -17.05 -0.18 3.17
C LEU A 70 -17.10 0.18 1.69
N VAL A 71 -16.15 -0.33 0.93
CA VAL A 71 -16.09 -0.06 -0.51
C VAL A 71 -16.02 -1.36 -1.31
N LYS A 72 -16.14 -1.23 -2.62
CA LYS A 72 -16.09 -2.39 -3.51
C LYS A 72 -14.68 -2.95 -3.59
N GLU A 73 -14.57 -4.28 -3.64
CA GLU A 73 -13.27 -4.94 -3.72
C GLU A 73 -12.32 -4.15 -4.61
N GLU A 74 -12.87 -3.53 -5.65
CA GLU A 74 -12.07 -2.76 -6.59
C GLU A 74 -11.56 -1.47 -5.93
N VAL A 75 -12.49 -0.65 -5.47
CA VAL A 75 -12.12 0.61 -4.81
C VAL A 75 -11.11 0.39 -3.70
N PHE A 76 -11.38 -0.57 -2.83
CA PHE A 76 -10.50 -0.89 -1.72
C PHE A 76 -9.07 -1.13 -2.22
N TRP A 77 -8.93 -2.08 -3.14
CA TRP A 77 -7.63 -2.41 -3.69
C TRP A 77 -6.96 -1.18 -4.31
N ARG A 78 -7.79 -0.20 -4.69
CA ARG A 78 -7.28 1.03 -5.29
C ARG A 78 -6.64 1.92 -4.23
N ASN A 79 -7.44 2.39 -3.28
CA ASN A 79 -6.95 3.26 -2.22
C ASN A 79 -5.77 2.61 -1.50
N TYR A 80 -5.90 1.33 -1.19
CA TYR A 80 -4.84 0.60 -0.50
C TYR A 80 -3.51 0.78 -1.22
N PHE A 81 -3.49 0.48 -2.51
CA PHE A 81 -2.27 0.61 -3.30
C PHE A 81 -1.81 2.07 -3.37
N TYR A 82 -2.73 2.96 -3.71
CA TYR A 82 -2.43 4.38 -3.80
C TYR A 82 -1.55 4.82 -2.66
N ARG A 83 -1.84 4.33 -1.45
CA ARG A 83 -1.07 4.68 -0.27
C ARG A 83 0.28 3.98 -0.28
N VAL A 84 0.27 2.67 -0.45
CA VAL A 84 1.50 1.88 -0.47
C VAL A 84 2.51 2.49 -1.44
N SER A 85 2.06 2.77 -2.66
CA SER A 85 2.92 3.35 -3.68
C SER A 85 3.72 4.52 -3.11
N LEU A 86 3.03 5.43 -2.44
CA LEU A 86 3.68 6.60 -1.84
C LEU A 86 4.78 6.18 -0.88
N ILE A 87 4.45 5.24 0.01
CA ILE A 87 5.40 4.75 0.99
C ILE A 87 6.62 4.13 0.31
N LYS A 88 6.36 3.24 -0.64
CA LYS A 88 7.44 2.56 -1.37
C LYS A 88 8.21 3.56 -2.23
N GLN A 89 7.55 4.63 -2.64
CA GLN A 89 8.19 5.65 -3.46
C GLN A 89 9.32 6.33 -2.70
N SER A 90 9.24 6.30 -1.38
CA SER A 90 10.26 6.92 -0.53
C SER A 90 11.55 6.09 -0.54
N ALA A 91 11.49 4.93 -1.19
CA ALA A 91 12.64 4.05 -1.28
C ALA A 91 13.51 4.39 -2.49
N GLN A 92 14.15 5.55 -2.45
CA GLN A 92 15.00 5.99 -3.55
C GLN A 92 14.39 5.62 -4.89
N LEU A 93 13.12 5.98 -5.08
CA LEU A 93 12.43 5.69 -6.32
C LEU A 93 11.65 6.91 -6.81
N THR A 94 11.82 7.25 -8.08
CA THR A 94 11.13 8.39 -8.67
C THR A 94 10.75 8.12 -10.12
N SER A 95 9.49 8.40 -10.46
CA SER A 95 9.01 8.18 -11.82
C SER A 95 9.30 9.38 -12.70
N GLY A 96 10.52 9.90 -12.59
CA GLY A 96 10.91 11.05 -13.39
C GLY A 96 11.23 12.26 -12.54
N PRO A 97 11.07 13.46 -13.13
CA PRO A 97 11.34 14.72 -12.43
C PRO A 97 10.33 15.01 -11.33
N SER A 98 10.81 15.38 -10.16
CA SER A 98 9.96 15.68 -9.02
C SER A 98 8.97 16.79 -9.37
N SER A 99 7.72 16.63 -8.94
CA SER A 99 6.69 17.62 -9.20
C SER A 99 7.05 18.97 -8.58
N GLY A 100 6.49 20.03 -9.13
CA GLY A 100 6.77 21.37 -8.62
C GLY A 100 8.08 21.92 -9.12
N GLY A 1 14.48 -17.53 10.39
CA GLY A 1 14.82 -16.43 11.27
C GLY A 1 15.67 -15.37 10.59
N SER A 2 15.80 -14.22 11.24
CA SER A 2 16.59 -13.12 10.69
C SER A 2 17.81 -12.85 11.54
N SER A 3 18.88 -13.62 11.31
CA SER A 3 20.11 -13.47 12.07
C SER A 3 20.59 -12.02 12.04
N GLY A 4 20.71 -11.46 10.85
CA GLY A 4 21.15 -10.08 10.71
C GLY A 4 22.03 -9.87 9.50
N SER A 5 22.15 -8.62 9.06
CA SER A 5 22.96 -8.28 7.90
C SER A 5 23.54 -6.88 8.02
N SER A 6 24.75 -6.70 7.51
CA SER A 6 25.41 -5.40 7.57
C SER A 6 25.50 -4.78 6.17
N GLY A 7 24.61 -3.82 5.91
CA GLY A 7 24.59 -3.16 4.61
C GLY A 7 23.33 -3.44 3.83
N THR A 8 22.24 -2.77 4.21
CA THR A 8 20.97 -2.96 3.54
C THR A 8 20.25 -1.62 3.33
N ASN A 9 19.38 -1.57 2.33
CA ASN A 9 18.63 -0.35 2.02
C ASN A 9 17.52 -0.14 3.03
N ASP A 10 16.73 0.92 2.82
CA ASP A 10 15.62 1.23 3.71
C ASP A 10 14.32 0.60 3.20
N GLU A 11 14.45 -0.52 2.49
CA GLU A 11 13.29 -1.22 1.95
C GLU A 11 12.68 -2.15 2.99
N GLU A 12 13.49 -2.53 3.98
CA GLU A 12 13.03 -3.42 5.04
C GLU A 12 11.90 -2.78 5.85
N THR A 13 12.04 -1.48 6.10
CA THR A 13 11.03 -0.74 6.86
C THR A 13 9.78 -0.48 6.02
N ILE A 14 10.00 -0.12 4.76
CA ILE A 14 8.90 0.17 3.85
C ILE A 14 7.70 -0.74 4.13
N GLN A 15 7.96 -2.05 4.22
CA GLN A 15 6.92 -3.02 4.48
C GLN A 15 6.25 -2.75 5.83
N GLN A 16 7.06 -2.56 6.86
CA GLN A 16 6.54 -2.30 8.20
C GLN A 16 5.45 -1.23 8.15
N GLN A 17 5.69 -0.17 7.38
CA GLN A 17 4.72 0.91 7.25
C GLN A 17 3.48 0.45 6.51
N ILE A 18 3.69 -0.16 5.34
CA ILE A 18 2.58 -0.65 4.53
C ILE A 18 1.67 -1.58 5.33
N LEU A 19 2.22 -2.13 6.41
CA LEU A 19 1.46 -3.04 7.27
C LEU A 19 0.48 -2.26 8.16
N ALA A 20 0.92 -1.10 8.63
CA ALA A 20 0.08 -0.26 9.48
C ALA A 20 -1.30 -0.06 8.86
N LEU A 21 -1.32 0.32 7.58
CA LEU A 21 -2.58 0.54 6.88
C LEU A 21 -3.57 -0.59 7.15
N SER A 22 -3.04 -1.79 7.34
CA SER A 22 -3.88 -2.96 7.60
C SER A 22 -4.68 -2.78 8.87
N ALA A 23 -4.04 -2.23 9.90
CA ALA A 23 -4.70 -2.00 11.17
C ALA A 23 -5.47 -0.68 11.17
N ASP A 24 -5.94 -0.29 9.98
CA ASP A 24 -6.70 0.95 9.83
C ASP A 24 -7.67 0.85 8.66
N LYS A 25 -8.63 1.77 8.62
CA LYS A 25 -9.61 1.79 7.55
C LYS A 25 -9.64 3.16 6.86
N ARG A 26 -9.37 4.21 7.63
CA ARG A 26 -9.37 5.57 7.09
C ARG A 26 -8.67 5.61 5.74
N ASN A 27 -7.81 4.63 5.49
CA ASN A 27 -7.07 4.56 4.23
C ASN A 27 -7.87 3.78 3.19
N PHE A 28 -8.52 2.71 3.63
CA PHE A 28 -9.32 1.88 2.73
C PHE A 28 -10.47 2.68 2.12
N LEU A 29 -11.01 3.61 2.89
CA LEU A 29 -12.11 4.45 2.44
C LEU A 29 -11.60 5.71 1.76
N ARG A 30 -10.58 6.33 2.35
CA ARG A 30 -10.00 7.54 1.81
C ARG A 30 -9.43 7.30 0.41
N ASP A 31 -9.85 8.13 -0.54
CA ASP A 31 -9.37 8.00 -1.91
C ASP A 31 -8.57 9.22 -2.33
N PRO A 32 -7.66 9.04 -3.30
CA PRO A 32 -6.81 10.12 -3.81
C PRO A 32 -7.59 11.15 -4.61
N PRO A 33 -7.04 12.36 -4.73
CA PRO A 33 -7.67 13.46 -5.48
C PRO A 33 -7.68 13.20 -6.98
N ALA A 34 -8.27 14.13 -7.73
CA ALA A 34 -8.34 14.01 -9.18
C ALA A 34 -7.05 14.50 -9.84
N GLY A 35 -6.55 15.63 -9.37
CA GLY A 35 -5.33 16.19 -9.92
C GLY A 35 -4.26 15.15 -10.13
N VAL A 36 -4.03 14.32 -9.12
CA VAL A 36 -3.03 13.26 -9.20
C VAL A 36 -3.38 12.25 -10.28
N GLN A 37 -2.35 11.75 -10.96
CA GLN A 37 -2.54 10.77 -12.02
C GLN A 37 -2.14 9.37 -11.57
N PHE A 38 -2.96 8.78 -10.71
CA PHE A 38 -2.69 7.44 -10.20
C PHE A 38 -3.13 6.37 -11.20
N ASN A 39 -2.31 6.14 -12.21
CA ASN A 39 -2.62 5.15 -13.23
C ASN A 39 -2.75 3.75 -12.61
N PHE A 40 -3.88 3.52 -11.96
CA PHE A 40 -4.14 2.23 -11.31
C PHE A 40 -5.18 1.44 -12.09
N ASP A 41 -4.94 0.14 -12.26
CA ASP A 41 -5.86 -0.73 -12.97
C ASP A 41 -6.27 -1.92 -12.11
N PHE A 42 -7.44 -1.81 -11.48
CA PHE A 42 -7.95 -2.87 -10.63
C PHE A 42 -8.01 -4.19 -11.38
N ASP A 43 -7.96 -4.12 -12.71
CA ASP A 43 -8.01 -5.32 -13.55
C ASP A 43 -6.66 -6.03 -13.54
N GLN A 44 -5.58 -5.26 -13.44
CA GLN A 44 -4.24 -5.83 -13.43
C GLN A 44 -3.71 -5.92 -12.01
N MET A 45 -4.29 -5.14 -11.10
CA MET A 45 -3.87 -5.13 -9.70
C MET A 45 -4.73 -6.09 -8.88
N TYR A 46 -5.98 -6.25 -9.29
CA TYR A 46 -6.90 -7.14 -8.59
C TYR A 46 -6.18 -8.40 -8.11
N PRO A 47 -5.58 -9.15 -9.05
CA PRO A 47 -4.86 -10.38 -8.74
C PRO A 47 -3.56 -10.11 -8.00
N VAL A 48 -2.80 -9.13 -8.46
CA VAL A 48 -1.54 -8.77 -7.83
C VAL A 48 -1.71 -8.55 -6.34
N ALA A 49 -2.94 -8.25 -5.92
CA ALA A 49 -3.24 -8.02 -4.51
C ALA A 49 -3.41 -9.35 -3.77
N LEU A 50 -4.01 -10.33 -4.44
CA LEU A 50 -4.24 -11.63 -3.84
C LEU A 50 -2.97 -12.14 -3.15
N VAL A 51 -1.82 -11.89 -3.77
CA VAL A 51 -0.54 -12.32 -3.21
C VAL A 51 -0.25 -11.60 -1.89
N MET A 52 -0.58 -10.30 -1.85
CA MET A 52 -0.35 -9.50 -0.65
C MET A 52 -1.28 -9.93 0.48
N LEU A 53 -2.29 -10.72 0.14
CA LEU A 53 -3.25 -11.21 1.14
C LEU A 53 -2.70 -12.42 1.87
N GLN A 54 -2.36 -13.47 1.11
CA GLN A 54 -1.81 -14.68 1.70
C GLN A 54 -0.64 -14.38 2.62
N GLU A 55 -0.05 -13.21 2.43
CA GLU A 55 1.09 -12.79 3.25
C GLU A 55 0.64 -11.92 4.42
N ASP A 56 -0.31 -11.04 4.16
CA ASP A 56 -0.84 -10.15 5.19
C ASP A 56 -2.17 -10.66 5.72
N GLU A 57 -2.16 -11.16 6.96
CA GLU A 57 -3.37 -11.69 7.58
C GLU A 57 -4.34 -10.56 7.92
N LEU A 58 -3.83 -9.54 8.61
CA LEU A 58 -4.65 -8.40 8.99
C LEU A 58 -5.33 -7.77 7.77
N LEU A 59 -4.57 -7.60 6.70
CA LEU A 59 -5.09 -7.02 5.48
C LEU A 59 -6.37 -7.73 5.03
N SER A 60 -6.26 -9.04 4.81
CA SER A 60 -7.41 -9.83 4.38
C SER A 60 -8.53 -9.77 5.42
N LYS A 61 -8.23 -10.21 6.63
CA LYS A 61 -9.22 -10.21 7.70
C LYS A 61 -9.98 -8.89 7.74
N MET A 62 -9.25 -7.78 7.60
CA MET A 62 -9.87 -6.46 7.60
C MET A 62 -10.68 -6.22 6.33
N ARG A 63 -9.98 -6.15 5.20
CA ARG A 63 -10.62 -5.93 3.91
C ARG A 63 -12.00 -6.61 3.86
N PHE A 64 -12.01 -7.90 4.16
CA PHE A 64 -13.25 -8.67 4.16
C PHE A 64 -14.31 -8.00 5.04
N ALA A 65 -13.91 -7.65 6.25
CA ALA A 65 -14.82 -7.00 7.20
C ALA A 65 -15.04 -5.54 6.82
N LEU A 66 -14.22 -5.04 5.91
CA LEU A 66 -14.33 -3.65 5.48
C LEU A 66 -14.68 -3.57 3.99
N VAL A 67 -15.15 -4.68 3.44
CA VAL A 67 -15.54 -4.74 2.03
C VAL A 67 -16.39 -5.97 1.75
N PRO A 68 -17.50 -5.76 1.03
CA PRO A 68 -17.90 -4.43 0.55
C PRO A 68 -18.33 -3.51 1.68
N LYS A 69 -18.28 -4.02 2.90
CA LYS A 69 -18.67 -3.23 4.07
C LYS A 69 -18.45 -1.75 3.83
N LEU A 70 -17.20 -1.36 3.65
CA LEU A 70 -16.86 0.04 3.40
C LEU A 70 -16.96 0.38 1.92
N VAL A 71 -16.05 -0.18 1.13
CA VAL A 71 -16.04 0.06 -0.30
C VAL A 71 -15.95 -1.25 -1.07
N LYS A 72 -16.12 -1.17 -2.39
CA LYS A 72 -16.06 -2.35 -3.25
C LYS A 72 -14.62 -2.80 -3.45
N GLU A 73 -14.43 -4.10 -3.65
CA GLU A 73 -13.10 -4.66 -3.87
C GLU A 73 -12.28 -3.79 -4.80
N GLU A 74 -12.84 -3.52 -5.98
CA GLU A 74 -12.16 -2.69 -6.97
C GLU A 74 -11.57 -1.45 -6.32
N VAL A 75 -12.43 -0.56 -5.84
CA VAL A 75 -11.98 0.66 -5.19
C VAL A 75 -11.03 0.37 -4.04
N PHE A 76 -11.51 -0.39 -3.06
CA PHE A 76 -10.69 -0.74 -1.90
C PHE A 76 -9.24 -0.94 -2.31
N TRP A 77 -9.01 -1.83 -3.27
CA TRP A 77 -7.65 -2.11 -3.75
C TRP A 77 -7.02 -0.86 -4.36
N ARG A 78 -7.83 -0.10 -5.09
CA ARG A 78 -7.36 1.11 -5.75
C ARG A 78 -6.71 2.05 -4.73
N ASN A 79 -7.44 2.33 -3.65
CA ASN A 79 -6.94 3.22 -2.60
C ASN A 79 -5.74 2.60 -1.89
N TYR A 80 -5.99 1.51 -1.19
CA TYR A 80 -4.92 0.82 -0.46
C TYR A 80 -3.60 0.92 -1.21
N PHE A 81 -3.60 0.45 -2.45
CA PHE A 81 -2.39 0.48 -3.28
C PHE A 81 -1.81 1.89 -3.33
N TYR A 82 -2.66 2.85 -3.67
CA TYR A 82 -2.22 4.24 -3.78
C TYR A 82 -1.42 4.66 -2.55
N ARG A 83 -1.96 4.35 -1.36
CA ARG A 83 -1.30 4.68 -0.11
C ARG A 83 0.05 3.99 0.00
N VAL A 84 0.11 2.74 -0.46
CA VAL A 84 1.35 1.97 -0.42
C VAL A 84 2.43 2.61 -1.30
N SER A 85 2.11 2.78 -2.58
CA SER A 85 3.05 3.38 -3.53
C SER A 85 3.78 4.56 -2.89
N LEU A 86 3.04 5.38 -2.16
CA LEU A 86 3.61 6.55 -1.51
C LEU A 86 4.70 6.15 -0.53
N ILE A 87 4.43 5.14 0.28
CA ILE A 87 5.39 4.65 1.26
C ILE A 87 6.65 4.13 0.58
N LYS A 88 6.46 3.29 -0.44
CA LYS A 88 7.58 2.72 -1.19
C LYS A 88 8.35 3.81 -1.92
N GLN A 89 7.62 4.79 -2.45
CA GLN A 89 8.23 5.89 -3.19
C GLN A 89 9.26 6.61 -2.32
N SER A 90 8.85 7.02 -1.13
CA SER A 90 9.72 7.72 -0.20
C SER A 90 11.14 7.16 -0.28
N ALA A 91 11.26 5.85 -0.19
CA ALA A 91 12.56 5.19 -0.24
C ALA A 91 13.49 5.89 -1.23
N GLN A 92 12.98 6.15 -2.43
CA GLN A 92 13.76 6.81 -3.47
C GLN A 92 13.47 8.31 -3.49
N LEU A 93 14.53 9.11 -3.59
CA LEU A 93 14.39 10.56 -3.63
C LEU A 93 14.35 11.07 -5.07
N THR A 94 13.65 10.35 -5.93
CA THR A 94 13.53 10.73 -7.33
C THR A 94 12.20 11.41 -7.60
N SER A 95 12.19 12.33 -8.57
CA SER A 95 10.98 13.06 -8.93
C SER A 95 10.85 13.17 -10.45
N GLY A 96 9.74 13.75 -10.89
CA GLY A 96 9.51 13.91 -12.32
C GLY A 96 8.08 14.29 -12.64
N PRO A 97 7.69 15.53 -12.27
CA PRO A 97 6.34 16.03 -12.52
C PRO A 97 6.06 16.27 -13.99
N SER A 98 5.06 15.58 -14.52
CA SER A 98 4.69 15.71 -15.92
C SER A 98 3.86 16.98 -16.15
N SER A 99 2.78 17.11 -15.40
CA SER A 99 1.90 18.26 -15.52
C SER A 99 2.56 19.51 -14.93
N GLY A 100 3.07 20.37 -15.81
CA GLY A 100 3.71 21.60 -15.36
C GLY A 100 3.03 22.84 -15.87
N GLY A 1 39.01 0.80 -2.72
CA GLY A 1 39.24 -0.52 -2.17
C GLY A 1 38.90 -0.59 -0.69
N SER A 2 37.65 -0.93 -0.38
CA SER A 2 37.20 -1.04 1.00
C SER A 2 36.21 -2.18 1.16
N SER A 3 36.06 -2.65 2.40
CA SER A 3 35.15 -3.75 2.69
C SER A 3 33.77 -3.22 3.05
N GLY A 4 32.73 -3.94 2.60
CA GLY A 4 31.37 -3.53 2.89
C GLY A 4 30.82 -2.58 1.84
N SER A 5 30.60 -1.33 2.24
CA SER A 5 30.07 -0.32 1.32
C SER A 5 28.86 -0.87 0.56
N SER A 6 27.95 -1.50 1.30
CA SER A 6 26.74 -2.06 0.70
C SER A 6 25.51 -1.68 1.51
N GLY A 7 24.45 -1.26 0.81
CA GLY A 7 23.23 -0.88 1.47
C GLY A 7 22.00 -1.11 0.61
N THR A 8 20.88 -0.52 0.99
CA THR A 8 19.63 -0.66 0.26
C THR A 8 18.65 0.45 0.61
N ASN A 9 17.47 0.40 -0.01
CA ASN A 9 16.44 1.41 0.24
C ASN A 9 15.58 1.01 1.44
N ASP A 10 16.24 0.58 2.51
CA ASP A 10 15.53 0.18 3.72
C ASP A 10 14.24 -0.55 3.38
N GLU A 11 14.22 -1.22 2.23
CA GLU A 11 13.03 -1.95 1.80
C GLU A 11 12.34 -2.62 2.97
N GLU A 12 13.12 -2.93 4.01
CA GLU A 12 12.59 -3.58 5.20
C GLU A 12 11.45 -2.76 5.81
N THR A 13 11.70 -1.46 5.99
CA THR A 13 10.70 -0.57 6.55
C THR A 13 9.54 -0.33 5.59
N ILE A 14 9.86 -0.37 4.29
CA ILE A 14 8.85 -0.16 3.26
C ILE A 14 7.65 -1.09 3.47
N GLN A 15 7.93 -2.31 3.89
CA GLN A 15 6.88 -3.29 4.13
C GLN A 15 6.20 -3.04 5.47
N GLN A 16 6.98 -2.57 6.44
CA GLN A 16 6.45 -2.31 7.77
C GLN A 16 5.39 -1.22 7.73
N GLN A 17 5.68 -0.14 7.01
CA GLN A 17 4.74 0.97 6.89
C GLN A 17 3.43 0.51 6.26
N ILE A 18 3.53 -0.13 5.11
CA ILE A 18 2.36 -0.63 4.41
C ILE A 18 1.44 -1.41 5.34
N LEU A 19 2.04 -2.24 6.18
CA LEU A 19 1.27 -3.04 7.14
C LEU A 19 0.47 -2.15 8.08
N ALA A 20 1.06 -1.02 8.45
CA ALA A 20 0.39 -0.08 9.35
C ALA A 20 -0.97 0.35 8.80
N LEU A 21 -1.08 0.37 7.48
CA LEU A 21 -2.32 0.76 6.82
C LEU A 21 -3.43 -0.24 7.13
N SER A 22 -3.07 -1.52 7.22
CA SER A 22 -4.03 -2.57 7.51
C SER A 22 -4.66 -2.37 8.88
N ALA A 23 -3.83 -1.98 9.85
CA ALA A 23 -4.31 -1.75 11.21
C ALA A 23 -5.45 -0.74 11.23
N ASP A 24 -5.44 0.16 10.26
CA ASP A 24 -6.48 1.19 10.17
C ASP A 24 -7.45 0.89 9.03
N LYS A 25 -8.68 1.37 9.16
CA LYS A 25 -9.70 1.15 8.13
C LYS A 25 -10.04 2.46 7.43
N ARG A 26 -9.94 3.56 8.15
CA ARG A 26 -10.24 4.87 7.58
C ARG A 26 -9.54 5.05 6.23
N ASN A 27 -8.37 4.45 6.09
CA ASN A 27 -7.61 4.55 4.85
C ASN A 27 -8.34 3.85 3.71
N PHE A 28 -8.87 2.66 3.99
CA PHE A 28 -9.59 1.89 2.99
C PHE A 28 -10.76 2.70 2.41
N LEU A 29 -11.30 3.60 3.23
CA LEU A 29 -12.42 4.43 2.81
C LEU A 29 -11.91 5.72 2.16
N ARG A 30 -10.92 6.35 2.78
CA ARG A 30 -10.36 7.59 2.27
C ARG A 30 -9.86 7.41 0.83
N ASP A 31 -9.78 8.51 0.10
CA ASP A 31 -9.33 8.48 -1.29
C ASP A 31 -8.48 9.71 -1.61
N PRO A 32 -7.58 9.56 -2.59
CA PRO A 32 -6.69 10.64 -3.01
C PRO A 32 -7.43 11.76 -3.74
N PRO A 33 -6.84 12.96 -3.75
CA PRO A 33 -7.43 14.13 -4.40
C PRO A 33 -7.43 14.01 -5.92
N ALA A 34 -8.27 14.82 -6.57
CA ALA A 34 -8.36 14.80 -8.03
C ALA A 34 -7.03 15.19 -8.67
N GLY A 35 -6.29 16.06 -8.00
CA GLY A 35 -5.01 16.49 -8.52
C GLY A 35 -4.12 15.34 -8.92
N VAL A 36 -4.05 14.32 -8.08
CA VAL A 36 -3.23 13.14 -8.36
C VAL A 36 -4.05 12.06 -9.04
N GLN A 37 -4.24 12.22 -10.36
CA GLN A 37 -5.01 11.25 -11.13
C GLN A 37 -4.45 9.84 -10.95
N PHE A 38 -4.88 9.17 -9.88
CA PHE A 38 -4.43 7.83 -9.58
C PHE A 38 -5.39 6.79 -10.16
N ASN A 39 -5.28 6.55 -11.46
CA ASN A 39 -6.15 5.58 -12.14
C ASN A 39 -5.40 4.29 -12.41
N PHE A 40 -5.11 3.54 -11.35
CA PHE A 40 -4.40 2.27 -11.48
C PHE A 40 -5.31 1.19 -12.03
N ASP A 41 -4.71 0.17 -12.65
CA ASP A 41 -5.47 -0.93 -13.23
C ASP A 41 -5.88 -1.93 -12.15
N PHE A 42 -7.17 -1.96 -11.83
CA PHE A 42 -7.69 -2.88 -10.82
C PHE A 42 -7.69 -4.31 -11.34
N ASP A 43 -7.90 -4.47 -12.64
CA ASP A 43 -7.94 -5.79 -13.26
C ASP A 43 -6.54 -6.41 -13.28
N GLN A 44 -5.54 -5.59 -13.61
CA GLN A 44 -4.16 -6.07 -13.67
C GLN A 44 -3.56 -6.18 -12.28
N MET A 45 -4.06 -5.37 -11.35
CA MET A 45 -3.58 -5.38 -9.97
C MET A 45 -4.47 -6.24 -9.10
N TYR A 46 -5.67 -6.51 -9.57
CA TYR A 46 -6.63 -7.33 -8.82
C TYR A 46 -5.97 -8.59 -8.29
N PRO A 47 -5.37 -9.38 -9.21
CA PRO A 47 -4.69 -10.62 -8.87
C PRO A 47 -3.40 -10.39 -8.09
N VAL A 48 -2.69 -9.33 -8.45
CA VAL A 48 -1.43 -8.97 -7.80
C VAL A 48 -1.64 -8.70 -6.31
N ALA A 49 -2.85 -8.24 -5.98
CA ALA A 49 -3.18 -7.93 -4.60
C ALA A 49 -3.37 -9.21 -3.78
N LEU A 50 -3.95 -10.22 -4.40
CA LEU A 50 -4.19 -11.50 -3.73
C LEU A 50 -2.93 -11.96 -3.00
N VAL A 51 -1.78 -11.74 -3.61
CA VAL A 51 -0.51 -12.14 -3.01
C VAL A 51 -0.26 -11.40 -1.70
N MET A 52 -0.66 -10.14 -1.66
CA MET A 52 -0.48 -9.32 -0.47
C MET A 52 -1.41 -9.80 0.66
N LEU A 53 -2.41 -10.59 0.30
CA LEU A 53 -3.36 -11.11 1.28
C LEU A 53 -2.79 -12.33 2.00
N GLN A 54 -2.33 -13.30 1.23
CA GLN A 54 -1.75 -14.52 1.79
C GLN A 54 -0.59 -14.19 2.72
N GLU A 55 -0.07 -12.97 2.60
CA GLU A 55 1.05 -12.54 3.42
C GLU A 55 0.57 -11.65 4.57
N ASP A 56 -0.37 -10.76 4.26
CA ASP A 56 -0.93 -9.86 5.26
C ASP A 56 -2.30 -10.34 5.74
N GLU A 57 -2.31 -11.06 6.86
CA GLU A 57 -3.54 -11.58 7.42
C GLU A 57 -4.50 -10.45 7.76
N LEU A 58 -3.97 -9.38 8.36
CA LEU A 58 -4.79 -8.24 8.74
C LEU A 58 -5.54 -7.69 7.53
N LEU A 59 -4.80 -7.32 6.49
CA LEU A 59 -5.40 -6.78 5.27
C LEU A 59 -6.60 -7.62 4.84
N SER A 60 -6.43 -8.93 4.87
CA SER A 60 -7.49 -9.85 4.47
C SER A 60 -8.66 -9.79 5.45
N LYS A 61 -8.38 -10.15 6.71
CA LYS A 61 -9.41 -10.13 7.75
C LYS A 61 -10.26 -8.87 7.66
N MET A 62 -9.60 -7.72 7.76
CA MET A 62 -10.30 -6.44 7.68
C MET A 62 -11.09 -6.32 6.38
N ARG A 63 -10.39 -6.41 5.26
CA ARG A 63 -11.02 -6.31 3.95
C ARG A 63 -12.32 -7.10 3.91
N PHE A 64 -12.22 -8.40 4.20
CA PHE A 64 -13.39 -9.26 4.20
C PHE A 64 -14.50 -8.69 5.07
N ALA A 65 -14.11 -7.92 6.08
CA ALA A 65 -15.07 -7.31 6.99
C ALA A 65 -15.31 -5.85 6.62
N LEU A 66 -14.51 -5.33 5.71
CA LEU A 66 -14.64 -3.94 5.28
C LEU A 66 -14.95 -3.87 3.79
N VAL A 67 -15.25 -5.02 3.19
CA VAL A 67 -15.59 -5.08 1.77
C VAL A 67 -16.27 -6.40 1.44
N PRO A 68 -17.40 -6.30 0.71
CA PRO A 68 -17.95 -5.01 0.26
C PRO A 68 -18.50 -4.19 1.41
N LYS A 69 -18.43 -4.74 2.62
CA LYS A 69 -18.93 -4.06 3.81
C LYS A 69 -18.85 -2.54 3.64
N LEU A 70 -17.67 -2.06 3.26
CA LEU A 70 -17.47 -0.63 3.07
C LEU A 70 -17.47 -0.28 1.57
N VAL A 71 -16.41 -0.69 0.88
CA VAL A 71 -16.28 -0.43 -0.55
C VAL A 71 -16.05 -1.72 -1.33
N LYS A 72 -16.06 -1.62 -2.65
CA LYS A 72 -15.86 -2.77 -3.51
C LYS A 72 -14.38 -3.12 -3.60
N GLU A 73 -14.08 -4.39 -3.85
CA GLU A 73 -12.71 -4.86 -3.96
C GLU A 73 -11.89 -3.92 -4.83
N GLU A 74 -12.46 -3.48 -5.95
CA GLU A 74 -11.79 -2.58 -6.87
C GLU A 74 -11.32 -1.32 -6.14
N VAL A 75 -12.27 -0.59 -5.58
CA VAL A 75 -11.95 0.64 -4.86
C VAL A 75 -10.95 0.38 -3.74
N PHE A 76 -11.34 -0.42 -2.76
CA PHE A 76 -10.48 -0.74 -1.63
C PHE A 76 -9.04 -0.91 -2.10
N TRP A 77 -8.83 -1.81 -3.06
CA TRP A 77 -7.50 -2.07 -3.59
C TRP A 77 -6.89 -0.81 -4.20
N ARG A 78 -7.75 0.05 -4.75
CA ARG A 78 -7.30 1.29 -5.36
C ARG A 78 -6.56 2.16 -4.35
N ASN A 79 -7.27 2.59 -3.31
CA ASN A 79 -6.67 3.42 -2.28
C ASN A 79 -5.47 2.74 -1.64
N TYR A 80 -5.71 1.57 -1.04
CA TYR A 80 -4.66 0.80 -0.39
C TYR A 80 -3.33 0.97 -1.13
N PHE A 81 -3.38 0.85 -2.45
CA PHE A 81 -2.19 0.98 -3.28
C PHE A 81 -1.66 2.41 -3.24
N TYR A 82 -2.56 3.36 -3.39
CA TYR A 82 -2.19 4.78 -3.38
C TYR A 82 -1.26 5.09 -2.21
N ARG A 83 -1.71 4.76 -1.00
CA ARG A 83 -0.92 4.98 0.21
C ARG A 83 0.39 4.21 0.15
N VAL A 84 0.36 3.04 -0.47
CA VAL A 84 1.54 2.19 -0.59
C VAL A 84 2.60 2.86 -1.46
N SER A 85 2.29 3.03 -2.74
CA SER A 85 3.22 3.64 -3.69
C SER A 85 4.01 4.76 -3.01
N LEU A 86 3.35 5.49 -2.13
CA LEU A 86 4.00 6.59 -1.41
C LEU A 86 5.13 6.07 -0.52
N ILE A 87 4.83 5.03 0.25
CA ILE A 87 5.82 4.44 1.15
C ILE A 87 7.06 3.99 0.38
N LYS A 88 6.86 3.17 -0.63
CA LYS A 88 7.96 2.67 -1.45
C LYS A 88 8.68 3.82 -2.15
N GLN A 89 7.90 4.72 -2.75
CA GLN A 89 8.48 5.87 -3.45
C GLN A 89 9.34 6.71 -2.51
N SER A 90 8.68 7.33 -1.53
CA SER A 90 9.38 8.17 -0.56
C SER A 90 10.50 7.40 0.12
N ALA A 91 10.14 6.33 0.82
CA ALA A 91 11.11 5.50 1.52
C ALA A 91 12.14 6.36 2.25
N GLN A 92 11.66 7.33 3.01
CA GLN A 92 12.55 8.23 3.76
C GLN A 92 12.15 8.28 5.23
N LEU A 93 13.01 7.78 6.10
CA LEU A 93 12.75 7.78 7.53
C LEU A 93 14.05 7.80 8.33
N THR A 94 13.94 7.98 9.64
CA THR A 94 15.10 8.02 10.51
C THR A 94 14.80 7.40 11.87
N SER A 95 15.34 6.21 12.12
CA SER A 95 15.12 5.53 13.38
C SER A 95 16.32 5.69 14.31
N GLY A 96 16.21 6.61 15.25
CA GLY A 96 17.29 6.85 16.19
C GLY A 96 17.48 5.71 17.16
N PRO A 97 16.93 5.85 18.38
CA PRO A 97 17.03 4.83 19.42
C PRO A 97 16.21 3.58 19.10
N SER A 98 15.07 3.78 18.44
CA SER A 98 14.20 2.68 18.08
C SER A 98 14.93 1.68 17.18
N SER A 99 14.97 0.42 17.62
CA SER A 99 15.65 -0.62 16.87
C SER A 99 14.68 -1.32 15.91
N GLY A 100 14.52 -0.74 14.72
CA GLY A 100 13.62 -1.32 13.73
C GLY A 100 12.19 -0.87 13.92
N GLY A 1 25.30 -3.94 22.56
CA GLY A 1 24.43 -2.81 22.31
C GLY A 1 24.51 -2.32 20.88
N SER A 2 24.30 -3.23 19.94
CA SER A 2 24.34 -2.88 18.52
C SER A 2 23.05 -2.22 18.08
N SER A 3 23.17 -1.11 17.38
CA SER A 3 22.01 -0.37 16.89
C SER A 3 22.35 0.41 15.61
N GLY A 4 21.50 0.25 14.59
CA GLY A 4 21.73 0.95 13.34
C GLY A 4 22.25 0.03 12.26
N SER A 5 21.86 0.29 11.01
CA SER A 5 22.28 -0.53 9.89
C SER A 5 22.35 0.31 8.61
N SER A 6 23.14 -0.16 7.65
CA SER A 6 23.30 0.54 6.37
C SER A 6 23.43 -0.44 5.23
N GLY A 7 23.37 0.06 4.00
CA GLY A 7 23.49 -0.78 2.83
C GLY A 7 22.24 -0.78 1.96
N THR A 8 21.10 -1.07 2.59
CA THR A 8 19.83 -1.10 1.86
C THR A 8 19.12 0.24 1.96
N ASN A 9 18.27 0.53 0.98
CA ASN A 9 17.52 1.78 0.96
C ASN A 9 16.31 1.71 1.88
N ASP A 10 16.57 1.64 3.18
CA ASP A 10 15.50 1.57 4.18
C ASP A 10 14.36 0.69 3.68
N GLU A 11 14.70 -0.48 3.17
CA GLU A 11 13.71 -1.42 2.66
C GLU A 11 13.08 -2.22 3.80
N GLU A 12 13.79 -2.30 4.92
CA GLU A 12 13.30 -3.03 6.09
C GLU A 12 11.96 -2.48 6.55
N THR A 13 11.91 -1.17 6.77
CA THR A 13 10.69 -0.51 7.22
C THR A 13 9.63 -0.50 6.11
N ILE A 14 10.07 -0.22 4.89
CA ILE A 14 9.16 -0.17 3.74
C ILE A 14 8.09 -1.26 3.86
N GLN A 15 8.49 -2.44 4.30
CA GLN A 15 7.57 -3.56 4.45
C GLN A 15 6.64 -3.34 5.64
N GLN A 16 7.19 -2.80 6.72
CA GLN A 16 6.42 -2.53 7.93
C GLN A 16 5.33 -1.50 7.66
N GLN A 17 5.73 -0.34 7.15
CA GLN A 17 4.79 0.73 6.85
C GLN A 17 3.57 0.20 6.12
N ILE A 18 3.81 -0.61 5.09
CA ILE A 18 2.73 -1.18 4.30
C ILE A 18 1.80 -2.01 5.17
N LEU A 19 2.36 -2.69 6.16
CA LEU A 19 1.58 -3.52 7.07
C LEU A 19 0.70 -2.66 7.97
N ALA A 20 1.21 -1.50 8.36
CA ALA A 20 0.47 -0.58 9.21
C ALA A 20 -0.76 -0.02 8.48
N LEU A 21 -0.58 0.29 7.20
CA LEU A 21 -1.67 0.83 6.40
C LEU A 21 -2.96 0.06 6.64
N SER A 22 -2.86 -1.26 6.65
CA SER A 22 -4.03 -2.11 6.87
C SER A 22 -4.72 -1.76 8.18
N ALA A 23 -3.94 -1.68 9.25
CA ALA A 23 -4.47 -1.34 10.56
C ALA A 23 -5.27 -0.05 10.52
N ASP A 24 -5.05 0.75 9.47
CA ASP A 24 -5.76 2.01 9.32
C ASP A 24 -6.98 1.84 8.42
N LYS A 25 -8.00 1.15 8.93
CA LYS A 25 -9.22 0.92 8.19
C LYS A 25 -9.57 2.12 7.32
N ARG A 26 -9.38 3.32 7.88
CA ARG A 26 -9.68 4.55 7.16
C ARG A 26 -9.06 4.54 5.77
N ASN A 27 -7.75 4.28 5.72
CA ASN A 27 -7.03 4.25 4.46
C ASN A 27 -7.87 3.57 3.37
N PHE A 28 -8.77 2.69 3.80
CA PHE A 28 -9.64 1.97 2.87
C PHE A 28 -10.75 2.87 2.36
N LEU A 29 -11.35 3.63 3.27
CA LEU A 29 -12.44 4.54 2.93
C LEU A 29 -11.90 5.81 2.28
N ARG A 30 -10.86 6.37 2.88
CA ARG A 30 -10.25 7.59 2.35
C ARG A 30 -9.84 7.41 0.89
N ASP A 31 -10.59 8.04 -0.01
CA ASP A 31 -10.31 7.95 -1.43
C ASP A 31 -9.53 9.17 -1.91
N PRO A 32 -8.61 8.96 -2.86
CA PRO A 32 -7.79 10.04 -3.42
C PRO A 32 -8.61 11.00 -4.28
N PRO A 33 -8.04 12.19 -4.54
CA PRO A 33 -8.70 13.23 -5.35
C PRO A 33 -8.79 12.84 -6.82
N ALA A 34 -9.31 13.74 -7.63
CA ALA A 34 -9.45 13.50 -9.07
C ALA A 34 -8.26 14.05 -9.84
N GLY A 35 -7.89 15.29 -9.55
CA GLY A 35 -6.77 15.91 -10.23
C GLY A 35 -5.56 14.99 -10.29
N VAL A 36 -5.38 14.17 -9.27
CA VAL A 36 -4.27 13.24 -9.22
C VAL A 36 -4.41 12.14 -10.25
N GLN A 37 -3.59 12.18 -11.29
CA GLN A 37 -3.63 11.18 -12.36
C GLN A 37 -3.19 9.82 -11.84
N PHE A 38 -4.02 9.19 -11.01
CA PHE A 38 -3.70 7.89 -10.45
C PHE A 38 -4.06 6.78 -11.43
N ASN A 39 -5.09 7.00 -12.22
CA ASN A 39 -5.53 6.02 -13.21
C ASN A 39 -5.29 4.59 -12.70
N PHE A 40 -5.58 4.37 -11.43
CA PHE A 40 -5.40 3.06 -10.82
C PHE A 40 -5.90 1.95 -11.74
N ASP A 41 -5.21 0.82 -11.73
CA ASP A 41 -5.59 -0.32 -12.57
C ASP A 41 -5.97 -1.52 -11.70
N PHE A 42 -7.25 -1.62 -11.37
CA PHE A 42 -7.75 -2.72 -10.55
C PHE A 42 -7.57 -4.05 -11.27
N ASP A 43 -8.41 -4.31 -12.26
CA ASP A 43 -8.35 -5.54 -13.03
C ASP A 43 -6.91 -6.03 -13.14
N GLN A 44 -6.00 -5.13 -13.49
CA GLN A 44 -4.59 -5.48 -13.64
C GLN A 44 -3.96 -5.77 -12.29
N MET A 45 -4.26 -4.93 -11.30
CA MET A 45 -3.73 -5.12 -9.96
C MET A 45 -4.66 -5.98 -9.11
N TYR A 46 -5.60 -6.66 -9.76
CA TYR A 46 -6.55 -7.51 -9.07
C TYR A 46 -5.85 -8.72 -8.46
N PRO A 47 -5.12 -9.47 -9.28
CA PRO A 47 -4.39 -10.66 -8.85
C PRO A 47 -3.20 -10.32 -7.95
N VAL A 48 -2.39 -9.36 -8.40
CA VAL A 48 -1.23 -8.93 -7.64
C VAL A 48 -1.57 -8.70 -6.17
N ALA A 49 -2.79 -8.22 -5.93
CA ALA A 49 -3.25 -7.94 -4.57
C ALA A 49 -3.42 -9.24 -3.79
N LEU A 50 -3.94 -10.27 -4.45
CA LEU A 50 -4.15 -11.56 -3.81
C LEU A 50 -2.92 -11.99 -3.03
N VAL A 51 -1.74 -11.60 -3.53
CA VAL A 51 -0.48 -11.95 -2.88
C VAL A 51 -0.31 -11.19 -1.56
N MET A 52 -0.88 -9.99 -1.50
CA MET A 52 -0.79 -9.17 -0.29
C MET A 52 -1.69 -9.73 0.81
N LEU A 53 -2.63 -10.59 0.42
CA LEU A 53 -3.56 -11.19 1.37
C LEU A 53 -2.91 -12.39 2.06
N GLN A 54 -2.39 -13.32 1.26
CA GLN A 54 -1.76 -14.51 1.79
C GLN A 54 -0.57 -14.15 2.69
N GLU A 55 0.02 -12.99 2.43
CA GLU A 55 1.16 -12.52 3.21
C GLU A 55 0.71 -11.59 4.32
N ASP A 56 -0.44 -10.95 4.12
CA ASP A 56 -0.98 -10.03 5.11
C ASP A 56 -2.35 -10.49 5.60
N GLU A 57 -2.41 -10.88 6.87
CA GLU A 57 -3.65 -11.36 7.46
C GLU A 57 -4.52 -10.19 7.94
N LEU A 58 -3.85 -9.14 8.40
CA LEU A 58 -4.56 -7.95 8.88
C LEU A 58 -5.25 -7.22 7.74
N LEU A 59 -4.80 -7.50 6.52
CA LEU A 59 -5.39 -6.87 5.33
C LEU A 59 -6.59 -7.66 4.83
N SER A 60 -6.42 -8.98 4.71
CA SER A 60 -7.49 -9.84 4.25
C SER A 60 -8.68 -9.79 5.19
N LYS A 61 -8.45 -10.12 6.45
CA LYS A 61 -9.51 -10.12 7.46
C LYS A 61 -10.28 -8.80 7.42
N MET A 62 -9.55 -7.69 7.42
CA MET A 62 -10.16 -6.37 7.38
C MET A 62 -10.94 -6.16 6.09
N ARG A 63 -10.25 -6.32 4.96
CA ARG A 63 -10.88 -6.16 3.65
C ARG A 63 -12.18 -6.96 3.57
N PHE A 64 -12.14 -8.20 4.02
CA PHE A 64 -13.31 -9.07 4.00
C PHE A 64 -14.40 -8.54 4.92
N ALA A 65 -13.99 -7.86 5.98
CA ALA A 65 -14.93 -7.29 6.94
C ALA A 65 -15.22 -5.82 6.62
N LEU A 66 -14.46 -5.26 5.69
CA LEU A 66 -14.63 -3.87 5.30
C LEU A 66 -15.01 -3.76 3.83
N VAL A 67 -15.40 -4.88 3.25
CA VAL A 67 -15.81 -4.91 1.84
C VAL A 67 -16.57 -6.18 1.52
N PRO A 68 -17.72 -6.02 0.84
CA PRO A 68 -18.24 -4.71 0.44
C PRO A 68 -18.71 -3.88 1.63
N LYS A 69 -18.59 -4.45 2.82
CA LYS A 69 -19.00 -3.77 4.04
C LYS A 69 -18.84 -2.25 3.90
N LEU A 70 -17.68 -1.84 3.40
CA LEU A 70 -17.40 -0.41 3.21
C LEU A 70 -17.47 -0.04 1.73
N VAL A 71 -16.48 -0.50 0.97
CA VAL A 71 -16.43 -0.23 -0.46
C VAL A 71 -16.26 -1.51 -1.27
N LYS A 72 -16.33 -1.38 -2.59
CA LYS A 72 -16.19 -2.53 -3.48
C LYS A 72 -14.74 -3.03 -3.49
N GLU A 73 -14.58 -4.35 -3.59
CA GLU A 73 -13.25 -4.95 -3.61
C GLU A 73 -12.31 -4.16 -4.52
N GLU A 74 -12.87 -3.53 -5.54
CA GLU A 74 -12.08 -2.74 -6.48
C GLU A 74 -11.59 -1.45 -5.83
N VAL A 75 -12.53 -0.61 -5.41
CA VAL A 75 -12.19 0.66 -4.77
C VAL A 75 -11.19 0.44 -3.63
N PHE A 76 -11.53 -0.46 -2.72
CA PHE A 76 -10.67 -0.77 -1.59
C PHE A 76 -9.23 -1.00 -2.03
N TRP A 77 -9.06 -1.88 -3.02
CA TRP A 77 -7.74 -2.20 -3.54
C TRP A 77 -7.07 -0.96 -4.11
N ARG A 78 -7.87 -0.05 -4.65
CA ARG A 78 -7.35 1.18 -5.23
C ARG A 78 -6.71 2.05 -4.16
N ASN A 79 -7.52 2.61 -3.28
CA ASN A 79 -7.03 3.47 -2.21
C ASN A 79 -5.80 2.86 -1.55
N TYR A 80 -5.93 1.62 -1.09
CA TYR A 80 -4.84 0.92 -0.44
C TYR A 80 -3.54 1.12 -1.21
N PHE A 81 -3.50 0.60 -2.44
CA PHE A 81 -2.30 0.72 -3.27
C PHE A 81 -1.85 2.18 -3.37
N TYR A 82 -2.78 3.07 -3.67
CA TYR A 82 -2.48 4.48 -3.79
C TYR A 82 -1.59 4.95 -2.63
N ARG A 83 -1.95 4.55 -1.42
CA ARG A 83 -1.19 4.92 -0.24
C ARG A 83 0.16 4.20 -0.20
N VAL A 84 0.17 2.95 -0.64
CA VAL A 84 1.39 2.16 -0.68
C VAL A 84 2.44 2.80 -1.57
N SER A 85 2.09 2.98 -2.85
CA SER A 85 3.01 3.58 -3.81
C SER A 85 3.77 4.75 -3.19
N LEU A 86 3.06 5.55 -2.39
CA LEU A 86 3.66 6.71 -1.74
C LEU A 86 4.73 6.27 -0.75
N ILE A 87 4.43 5.23 0.03
CA ILE A 87 5.38 4.72 1.01
C ILE A 87 6.62 4.13 0.33
N LYS A 88 6.41 3.10 -0.48
CA LYS A 88 7.51 2.45 -1.19
C LYS A 88 8.33 3.48 -1.96
N GLN A 89 7.65 4.43 -2.58
CA GLN A 89 8.33 5.48 -3.35
C GLN A 89 9.17 6.37 -2.44
N SER A 90 8.64 6.66 -1.25
CA SER A 90 9.33 7.50 -0.30
C SER A 90 10.82 7.16 -0.24
N ALA A 91 11.12 5.87 -0.11
CA ALA A 91 12.51 5.41 -0.05
C ALA A 91 13.39 6.20 -1.02
N GLN A 92 13.03 6.15 -2.30
CA GLN A 92 13.79 6.86 -3.32
C GLN A 92 13.06 8.12 -3.77
N LEU A 93 13.79 9.24 -3.82
CA LEU A 93 13.21 10.51 -4.22
C LEU A 93 12.64 10.42 -5.63
N THR A 94 13.46 10.02 -6.58
CA THR A 94 13.03 9.89 -7.97
C THR A 94 12.01 10.96 -8.33
N SER A 95 12.39 12.22 -8.11
CA SER A 95 11.50 13.34 -8.41
C SER A 95 11.98 14.10 -9.64
N GLY A 96 11.08 14.87 -10.25
CA GLY A 96 11.44 15.64 -11.42
C GLY A 96 10.37 16.64 -11.80
N PRO A 97 9.46 16.23 -12.70
CA PRO A 97 8.37 17.09 -13.17
C PRO A 97 7.33 17.34 -12.08
N SER A 98 7.55 18.39 -11.29
CA SER A 98 6.64 18.74 -10.21
C SER A 98 5.24 19.04 -10.75
N SER A 99 5.17 19.94 -11.73
CA SER A 99 3.90 20.32 -12.33
C SER A 99 3.18 19.10 -12.89
N GLY A 100 1.94 18.90 -12.48
CA GLY A 100 1.16 17.78 -12.95
C GLY A 100 0.03 18.20 -13.87
#